data_1M58
#
_entry.id   1M58
#
_entity_poly.entity_id   1
_entity_poly.type   'polypeptide(L)'
_entity_poly.pdbx_seq_one_letter_code
;MQNWETFQKKHLTDTRDVKCDAEMKKALFDCKQKNTFIYARPGRVQALCKNIIVSKNVLSTDEFYLSDCNRIKLPCHYKL
KKSSNTICITCENKLPVHFVAVEECP
;
_entity_poly.pdbx_strand_id   A
#
# COMPACT_ATOMS: atom_id res chain seq x y z
N MET A 1 2.98 -3.04 8.97
CA MET A 1 3.46 -2.65 10.32
C MET A 1 4.70 -3.49 10.67
N GLN A 2 4.53 -4.80 10.75
CA GLN A 2 5.68 -5.70 11.09
C GLN A 2 5.75 -6.88 10.12
N ASN A 3 4.62 -7.45 9.77
CA ASN A 3 4.60 -8.61 8.82
C ASN A 3 3.85 -8.24 7.54
N TRP A 4 3.97 -9.07 6.52
CA TRP A 4 3.29 -8.81 5.21
C TRP A 4 1.76 -8.81 5.41
N GLU A 5 1.28 -9.52 6.41
CA GLU A 5 -0.18 -9.57 6.68
C GLU A 5 -0.66 -8.19 7.14
N THR A 6 -0.07 -7.66 8.19
CA THR A 6 -0.46 -6.30 8.70
C THR A 6 -0.20 -5.27 7.61
N PHE A 7 0.92 -5.40 6.92
CA PHE A 7 1.27 -4.44 5.82
C PHE A 7 0.24 -4.59 4.68
N GLN A 8 -0.41 -5.73 4.60
CA GLN A 8 -1.43 -5.98 3.53
C GLN A 8 -2.70 -5.19 3.85
N LYS A 9 -3.21 -5.33 5.05
CA LYS A 9 -4.47 -4.63 5.45
C LYS A 9 -4.33 -3.10 5.35
N LYS A 10 -3.17 -2.56 5.71
CA LYS A 10 -2.99 -1.07 5.69
C LYS A 10 -2.57 -0.54 4.30
N HIS A 11 -1.88 -1.34 3.49
CA HIS A 11 -1.40 -0.82 2.16
C HIS A 11 -2.07 -1.52 0.96
N LEU A 12 -3.02 -2.41 1.19
CA LEU A 12 -3.71 -3.10 0.06
C LEU A 12 -5.22 -3.06 0.27
N THR A 13 -5.98 -3.18 -0.81
CA THR A 13 -7.46 -3.15 -0.72
C THR A 13 -8.08 -4.15 -1.69
N ASP A 14 -9.35 -4.45 -1.53
CA ASP A 14 -10.05 -5.40 -2.43
C ASP A 14 -10.89 -4.60 -3.43
N THR A 15 -11.43 -3.49 -2.99
CA THR A 15 -12.26 -2.62 -3.88
C THR A 15 -11.42 -1.47 -4.42
N ARG A 16 -11.46 -1.25 -5.72
CA ARG A 16 -10.65 -0.15 -6.34
C ARG A 16 -11.20 1.21 -5.91
N ASP A 17 -12.50 1.28 -5.68
CA ASP A 17 -13.13 2.57 -5.25
C ASP A 17 -13.31 2.60 -3.72
N VAL A 18 -12.25 2.30 -3.00
CA VAL A 18 -12.29 2.30 -1.50
C VAL A 18 -12.84 3.65 -1.00
N LYS A 19 -13.31 3.68 0.23
CA LYS A 19 -13.87 4.94 0.82
C LYS A 19 -12.89 5.50 1.84
N CYS A 20 -12.14 6.51 1.46
CA CYS A 20 -11.13 7.12 2.39
C CYS A 20 -11.78 7.54 3.71
N ASP A 21 -12.82 8.36 3.65
CA ASP A 21 -13.51 8.84 4.89
C ASP A 21 -14.07 7.68 5.71
N ALA A 22 -14.67 6.69 5.06
CA ALA A 22 -15.28 5.54 5.79
C ALA A 22 -14.21 4.56 6.27
N GLU A 23 -13.11 4.44 5.55
CA GLU A 23 -12.04 3.48 5.96
C GLU A 23 -11.07 4.14 6.96
N MET A 24 -10.67 5.36 6.68
CA MET A 24 -9.71 6.09 7.58
C MET A 24 -10.35 6.30 8.95
N LYS A 25 -11.61 6.67 8.98
CA LYS A 25 -12.30 6.92 10.29
C LYS A 25 -12.20 5.67 11.19
N LYS A 26 -12.04 4.51 10.59
CA LYS A 26 -11.94 3.23 11.36
C LYS A 26 -10.79 3.32 12.37
N ALA A 27 -10.88 2.59 13.46
CA ALA A 27 -9.81 2.60 14.51
C ALA A 27 -8.48 2.14 13.90
N LEU A 28 -8.54 1.35 12.84
CA LEU A 28 -7.29 0.85 12.18
C LEU A 28 -6.38 2.02 11.83
N PHE A 29 -6.97 3.14 11.48
CA PHE A 29 -6.16 4.35 11.12
C PHE A 29 -6.52 5.50 12.08
N ASP A 30 -7.79 5.64 12.41
CA ASP A 30 -8.24 6.72 13.34
C ASP A 30 -8.23 8.07 12.61
N CYS A 31 -8.82 8.10 11.43
CA CYS A 31 -8.88 9.36 10.61
C CYS A 31 -7.45 9.86 10.33
N LYS A 32 -6.61 8.98 9.84
CA LYS A 32 -5.20 9.35 9.52
C LYS A 32 -5.20 10.38 8.39
N GLN A 33 -4.36 11.38 8.51
CA GLN A 33 -4.27 12.47 7.49
C GLN A 33 -4.16 11.89 6.07
N LYS A 34 -3.28 10.95 5.86
CA LYS A 34 -3.11 10.34 4.50
C LYS A 34 -2.68 8.88 4.62
N ASN A 35 -2.89 8.12 3.56
CA ASN A 35 -2.52 6.67 3.53
C ASN A 35 -2.44 6.24 2.06
N THR A 36 -1.58 5.29 1.75
CA THR A 36 -1.44 4.81 0.34
C THR A 36 -1.97 3.38 0.24
N PHE A 37 -3.15 3.22 -0.31
CA PHE A 37 -3.75 1.86 -0.47
C PHE A 37 -3.49 1.35 -1.89
N ILE A 38 -3.25 0.07 -2.03
CA ILE A 38 -2.97 -0.52 -3.37
C ILE A 38 -4.16 -1.38 -3.80
N TYR A 39 -4.22 -1.72 -5.07
CA TYR A 39 -5.34 -2.55 -5.61
C TYR A 39 -4.74 -3.76 -6.35
N ALA A 40 -4.68 -4.89 -5.69
CA ALA A 40 -4.12 -6.13 -6.33
C ALA A 40 -4.50 -7.36 -5.50
N ARG A 41 -4.09 -8.52 -5.96
CA ARG A 41 -4.41 -9.80 -5.25
C ARG A 41 -3.22 -10.21 -4.36
N PRO A 42 -3.45 -11.13 -3.44
CA PRO A 42 -2.39 -11.62 -2.52
C PRO A 42 -1.46 -12.57 -3.27
N GLY A 43 -2.00 -13.29 -4.24
CA GLY A 43 -1.18 -14.25 -5.04
C GLY A 43 -0.39 -13.48 -6.09
N ARG A 44 -0.94 -12.40 -6.58
CA ARG A 44 -0.25 -11.57 -7.62
C ARG A 44 0.87 -10.76 -6.96
N VAL A 45 0.68 -10.38 -5.71
CA VAL A 45 1.71 -9.58 -4.98
C VAL A 45 2.72 -10.54 -4.34
N GLN A 46 2.26 -11.68 -3.90
CA GLN A 46 3.17 -12.69 -3.26
C GLN A 46 4.23 -13.12 -4.27
N ALA A 47 3.83 -13.34 -5.50
CA ALA A 47 4.80 -13.77 -6.57
C ALA A 47 5.83 -12.66 -6.80
N LEU A 48 5.49 -11.44 -6.49
CA LEU A 48 6.43 -10.29 -6.69
C LEU A 48 7.50 -10.30 -5.58
N CYS A 49 7.14 -10.78 -4.41
CA CYS A 49 8.12 -10.80 -3.27
C CYS A 49 8.53 -12.25 -2.94
N LYS A 50 8.32 -13.18 -3.85
CA LYS A 50 8.71 -14.60 -3.59
C LYS A 50 10.04 -14.88 -4.32
N ASN A 51 10.94 -13.94 -4.24
CA ASN A 51 12.28 -14.08 -4.91
C ASN A 51 13.41 -13.98 -3.88
N ILE A 52 13.20 -13.26 -2.79
CA ILE A 52 14.27 -13.11 -1.75
C ILE A 52 13.73 -13.50 -0.37
N ILE A 53 14.58 -14.05 0.46
CA ILE A 53 14.17 -14.45 1.84
C ILE A 53 14.74 -13.44 2.84
N VAL A 54 15.97 -13.02 2.63
CA VAL A 54 16.61 -12.02 3.53
C VAL A 54 15.96 -10.66 3.34
N SER A 55 16.46 -9.66 4.03
CA SER A 55 15.89 -8.28 3.93
C SER A 55 16.54 -7.54 2.75
N LYS A 56 15.74 -7.17 1.77
CA LYS A 56 16.27 -6.43 0.57
C LYS A 56 15.17 -5.54 -0.01
N ASN A 57 15.52 -4.65 -0.91
CA ASN A 57 14.51 -3.74 -1.54
C ASN A 57 14.19 -4.21 -2.96
N VAL A 58 12.92 -4.31 -3.29
CA VAL A 58 12.51 -4.75 -4.65
C VAL A 58 11.64 -3.67 -5.30
N LEU A 59 11.82 -3.45 -6.58
CA LEU A 59 11.02 -2.42 -7.32
C LEU A 59 10.16 -3.12 -8.38
N SER A 60 8.84 -2.97 -8.29
CA SER A 60 7.92 -3.62 -9.27
C SER A 60 8.31 -3.21 -10.70
N THR A 61 8.44 -4.19 -11.56
CA THR A 61 8.84 -3.91 -12.99
C THR A 61 7.64 -3.32 -13.73
N ASP A 62 6.45 -3.81 -13.47
CA ASP A 62 5.22 -3.30 -14.14
C ASP A 62 4.52 -2.30 -13.22
N GLU A 63 3.62 -1.51 -13.77
CA GLU A 63 2.88 -0.50 -12.96
C GLU A 63 1.66 -1.15 -12.32
N PHE A 64 1.40 -0.87 -11.06
CA PHE A 64 0.23 -1.47 -10.35
C PHE A 64 -0.77 -0.38 -9.99
N TYR A 65 -2.04 -0.73 -9.88
CA TYR A 65 -3.09 0.27 -9.52
C TYR A 65 -2.81 0.78 -8.10
N LEU A 66 -2.95 2.07 -7.88
CA LEU A 66 -2.67 2.64 -6.52
C LEU A 66 -3.80 3.59 -6.09
N SER A 67 -4.58 3.17 -5.12
CA SER A 67 -5.68 4.02 -4.59
C SER A 67 -5.20 4.63 -3.27
N ASP A 68 -4.86 5.90 -3.27
CA ASP A 68 -4.32 6.55 -2.04
C ASP A 68 -5.26 7.64 -1.51
N CYS A 69 -5.30 7.76 -0.21
CA CYS A 69 -6.14 8.81 0.44
C CYS A 69 -5.18 9.92 0.91
N ASN A 70 -5.57 11.17 0.80
CA ASN A 70 -4.64 12.28 1.21
C ASN A 70 -5.39 13.38 1.98
N ARG A 71 -4.73 13.93 2.98
CA ARG A 71 -5.33 15.02 3.80
C ARG A 71 -5.48 16.27 2.92
N ILE A 72 -6.69 16.55 2.49
CA ILE A 72 -6.94 17.75 1.63
C ILE A 72 -7.50 18.89 2.49
N LYS A 73 -8.20 18.55 3.56
CA LYS A 73 -8.78 19.59 4.45
C LYS A 73 -9.36 18.92 5.71
N LEU A 74 -8.62 18.96 6.80
CA LEU A 74 -9.08 18.35 8.11
C LEU A 74 -10.55 18.71 8.37
N PRO A 75 -11.23 17.98 9.25
CA PRO A 75 -10.66 16.84 10.03
C PRO A 75 -10.58 15.54 9.20
N CYS A 76 -11.70 14.88 9.00
CA CYS A 76 -11.69 13.57 8.25
C CYS A 76 -12.22 13.75 6.81
N HIS A 77 -11.96 14.89 6.20
CA HIS A 77 -12.41 15.13 4.78
C HIS A 77 -11.20 14.87 3.87
N TYR A 78 -11.11 13.67 3.34
CA TYR A 78 -9.93 13.30 2.47
C TYR A 78 -10.37 13.01 1.04
N LYS A 79 -9.42 12.93 0.14
CA LYS A 79 -9.72 12.64 -1.31
C LYS A 79 -9.08 11.31 -1.71
N LEU A 80 -9.57 10.70 -2.77
CA LEU A 80 -9.01 9.40 -3.26
C LEU A 80 -8.41 9.60 -4.66
N LYS A 81 -7.20 9.12 -4.87
CA LYS A 81 -6.54 9.25 -6.19
C LYS A 81 -6.18 7.87 -6.74
N LYS A 82 -6.53 7.60 -7.97
CA LYS A 82 -6.22 6.28 -8.60
C LYS A 82 -5.21 6.47 -9.74
N SER A 83 -4.06 5.84 -9.63
CA SER A 83 -3.01 5.97 -10.69
C SER A 83 -2.17 4.70 -10.74
N SER A 84 -1.87 4.23 -11.93
CA SER A 84 -1.05 2.99 -12.10
C SER A 84 0.43 3.36 -12.19
N ASN A 85 1.21 2.97 -11.21
CA ASN A 85 2.68 3.29 -11.21
C ASN A 85 3.43 2.19 -10.45
N THR A 86 4.74 2.15 -10.58
CA THR A 86 5.57 1.13 -9.88
C THR A 86 5.76 1.55 -8.42
N ILE A 87 6.11 0.62 -7.57
CA ILE A 87 6.31 0.94 -6.11
C ILE A 87 7.56 0.24 -5.58
N CYS A 88 8.23 0.88 -4.65
CA CYS A 88 9.47 0.30 -4.03
C CYS A 88 9.10 -0.23 -2.64
N ILE A 89 9.20 -1.54 -2.45
CA ILE A 89 8.83 -2.15 -1.13
C ILE A 89 10.00 -2.99 -0.60
N THR A 90 10.01 -3.24 0.68
CA THR A 90 11.10 -4.05 1.31
C THR A 90 10.64 -5.51 1.41
N CYS A 91 11.34 -6.40 0.73
CA CYS A 91 10.96 -7.85 0.76
C CYS A 91 11.64 -8.53 1.94
N GLU A 92 10.96 -9.47 2.56
CA GLU A 92 11.53 -10.21 3.73
C GLU A 92 10.73 -11.48 3.97
N ASN A 93 11.40 -12.62 4.04
CA ASN A 93 10.71 -13.92 4.29
C ASN A 93 9.76 -14.24 3.12
N LYS A 94 10.23 -14.02 1.90
CA LYS A 94 9.41 -14.32 0.69
C LYS A 94 8.12 -13.47 0.68
N LEU A 95 8.09 -12.38 1.44
CA LEU A 95 6.86 -11.51 1.47
C LEU A 95 7.24 -10.05 1.77
N PRO A 96 6.49 -9.10 1.23
CA PRO A 96 6.74 -7.65 1.45
C PRO A 96 6.11 -7.21 2.77
N VAL A 97 6.70 -6.25 3.45
CA VAL A 97 6.13 -5.79 4.76
C VAL A 97 6.20 -4.26 4.94
N HIS A 98 7.04 -3.57 4.19
CA HIS A 98 7.15 -2.07 4.36
C HIS A 98 7.00 -1.34 3.03
N PHE A 99 6.44 -0.15 3.07
CA PHE A 99 6.26 0.68 1.84
C PHE A 99 7.36 1.73 1.78
N VAL A 100 8.36 1.52 0.96
CA VAL A 100 9.51 2.48 0.87
C VAL A 100 9.09 3.73 0.09
N ALA A 101 8.81 3.60 -1.19
CA ALA A 101 8.42 4.79 -2.02
C ALA A 101 7.85 4.34 -3.37
N VAL A 102 7.88 5.20 -4.37
CA VAL A 102 7.33 4.87 -5.72
C VAL A 102 8.51 4.69 -6.72
N GLU A 103 8.38 5.18 -7.96
CA GLU A 103 9.47 5.04 -8.99
C GLU A 103 10.84 5.41 -8.38
N GLU A 104 10.84 6.27 -7.40
CA GLU A 104 12.13 6.70 -6.74
C GLU A 104 12.21 6.10 -5.35
N CYS A 105 13.19 5.25 -5.11
CA CYS A 105 13.36 4.61 -3.77
C CYS A 105 14.44 5.35 -2.96
N PRO A 106 14.04 6.13 -1.95
CA PRO A 106 14.99 6.89 -1.12
C PRO A 106 15.67 5.96 -0.10
N MET A 1 4.46 -6.86 16.11
CA MET A 1 3.19 -6.09 16.10
C MET A 1 2.69 -5.95 14.65
N GLN A 2 3.57 -5.52 13.77
CA GLN A 2 3.19 -5.34 12.32
C GLN A 2 3.85 -6.45 11.50
N ASN A 3 3.07 -7.20 10.76
CA ASN A 3 3.64 -8.30 9.92
C ASN A 3 3.11 -8.18 8.48
N TRP A 4 3.32 -9.22 7.69
CA TRP A 4 2.85 -9.20 6.26
C TRP A 4 1.32 -9.05 6.25
N GLU A 5 0.64 -9.88 7.01
CA GLU A 5 -0.86 -9.84 7.07
C GLU A 5 -1.34 -8.44 7.44
N THR A 6 -0.96 -7.96 8.61
CA THR A 6 -1.38 -6.59 9.08
C THR A 6 -1.01 -5.54 8.02
N PHE A 7 0.14 -5.71 7.39
CA PHE A 7 0.60 -4.76 6.35
C PHE A 7 -0.41 -4.73 5.20
N GLN A 8 -0.83 -5.89 4.75
CA GLN A 8 -1.82 -5.97 3.62
C GLN A 8 -3.14 -5.27 4.01
N LYS A 9 -3.44 -5.25 5.29
CA LYS A 9 -4.71 -4.62 5.77
C LYS A 9 -4.66 -3.09 5.60
N LYS A 10 -3.68 -2.43 6.19
CA LYS A 10 -3.59 -0.93 6.11
C LYS A 10 -2.94 -0.48 4.79
N HIS A 11 -2.02 -1.26 4.26
CA HIS A 11 -1.33 -0.88 2.99
C HIS A 11 -2.11 -1.35 1.77
N LEU A 12 -2.61 -2.57 1.79
CA LEU A 12 -3.39 -3.09 0.62
C LEU A 12 -4.89 -2.95 0.89
N THR A 13 -5.68 -3.12 -0.15
CA THR A 13 -7.17 -2.99 -0.01
C THR A 13 -7.85 -4.11 -0.78
N ASP A 14 -9.11 -4.37 -0.48
CA ASP A 14 -9.88 -5.44 -1.18
C ASP A 14 -10.59 -4.84 -2.40
N THR A 15 -11.15 -3.66 -2.24
CA THR A 15 -11.87 -2.98 -3.35
C THR A 15 -10.92 -2.02 -4.07
N ARG A 16 -11.32 -1.52 -5.22
CA ARG A 16 -10.46 -0.56 -5.99
C ARG A 16 -11.00 0.87 -5.83
N ASP A 17 -12.30 1.00 -5.60
CA ASP A 17 -12.92 2.34 -5.43
C ASP A 17 -13.10 2.61 -3.92
N VAL A 18 -12.14 2.17 -3.12
CA VAL A 18 -12.21 2.37 -1.63
C VAL A 18 -12.44 3.85 -1.30
N LYS A 19 -12.84 4.13 -0.07
CA LYS A 19 -13.09 5.54 0.36
C LYS A 19 -12.15 5.88 1.53
N CYS A 20 -11.45 6.98 1.42
CA CYS A 20 -10.49 7.40 2.49
C CYS A 20 -11.25 7.64 3.80
N ASP A 21 -12.48 8.11 3.71
CA ASP A 21 -13.30 8.40 4.94
C ASP A 21 -13.92 7.11 5.49
N ALA A 22 -14.44 6.27 4.61
CA ALA A 22 -15.11 5.01 5.05
C ALA A 22 -14.08 4.01 5.59
N GLU A 23 -12.84 4.14 5.20
CA GLU A 23 -11.78 3.19 5.68
C GLU A 23 -10.96 3.84 6.80
N MET A 24 -10.41 5.00 6.55
CA MET A 24 -9.56 5.69 7.57
C MET A 24 -10.37 6.00 8.84
N LYS A 25 -11.68 6.05 8.75
CA LYS A 25 -12.53 6.40 9.94
C LYS A 25 -13.00 5.13 10.68
N LYS A 26 -12.95 3.98 10.05
CA LYS A 26 -13.42 2.72 10.73
C LYS A 26 -12.32 2.15 11.66
N ALA A 27 -11.86 2.96 12.59
CA ALA A 27 -10.82 2.54 13.57
C ALA A 27 -9.56 2.02 12.87
N LEU A 28 -9.38 2.31 11.58
CA LEU A 28 -8.16 1.84 10.86
C LEU A 28 -7.03 2.82 11.14
N PHE A 29 -7.26 4.07 10.85
CA PHE A 29 -6.24 5.13 11.09
C PHE A 29 -6.85 6.31 11.87
N ASP A 30 -8.10 6.17 12.31
CA ASP A 30 -8.76 7.28 13.08
C ASP A 30 -8.79 8.56 12.23
N CYS A 31 -8.94 8.42 10.94
CA CYS A 31 -8.99 9.60 10.02
C CYS A 31 -7.66 10.38 10.14
N LYS A 32 -6.56 9.67 10.01
CA LYS A 32 -5.20 10.31 10.11
C LYS A 32 -4.98 11.24 8.92
N GLN A 33 -3.79 11.78 8.81
CA GLN A 33 -3.46 12.72 7.70
C GLN A 33 -3.49 12.00 6.34
N LYS A 34 -2.85 10.84 6.24
CA LYS A 34 -2.84 10.09 4.94
C LYS A 34 -2.80 8.57 5.18
N ASN A 35 -3.10 7.82 4.14
CA ASN A 35 -3.08 6.33 4.22
C ASN A 35 -2.85 5.79 2.80
N THR A 36 -1.96 4.83 2.64
CA THR A 36 -1.67 4.26 1.28
C THR A 36 -2.45 2.97 1.07
N PHE A 37 -3.44 3.02 0.20
CA PHE A 37 -4.26 1.81 -0.10
C PHE A 37 -3.89 1.26 -1.49
N ILE A 38 -3.47 0.02 -1.54
CA ILE A 38 -3.09 -0.60 -2.86
C ILE A 38 -4.24 -1.51 -3.31
N TYR A 39 -4.25 -1.88 -4.57
CA TYR A 39 -5.34 -2.75 -5.10
C TYR A 39 -4.72 -3.92 -5.89
N ALA A 40 -4.84 -5.12 -5.37
CA ALA A 40 -4.28 -6.32 -6.06
C ALA A 40 -4.58 -7.59 -5.25
N ARG A 41 -4.19 -8.73 -5.77
CA ARG A 41 -4.44 -10.03 -5.08
C ARG A 41 -3.15 -10.47 -4.35
N PRO A 42 -3.25 -11.44 -3.44
CA PRO A 42 -2.09 -11.93 -2.68
C PRO A 42 -1.20 -12.84 -3.53
N GLY A 43 -1.81 -13.78 -4.24
CA GLY A 43 -1.02 -14.72 -5.11
C GLY A 43 -0.45 -13.96 -6.31
N ARG A 44 -1.10 -12.90 -6.72
CA ARG A 44 -0.61 -12.09 -7.88
C ARG A 44 0.55 -11.18 -7.44
N VAL A 45 0.53 -10.75 -6.20
CA VAL A 45 1.63 -9.86 -5.69
C VAL A 45 2.77 -10.72 -5.14
N GLN A 46 2.45 -11.90 -4.64
CA GLN A 46 3.49 -12.81 -4.07
C GLN A 46 4.52 -13.14 -5.16
N ALA A 47 4.06 -13.25 -6.40
CA ALA A 47 5.00 -13.56 -7.53
C ALA A 47 6.06 -12.46 -7.65
N LEU A 48 5.71 -11.26 -7.25
CA LEU A 48 6.67 -10.11 -7.31
C LEU A 48 7.63 -10.16 -6.11
N CYS A 49 7.20 -10.76 -5.01
CA CYS A 49 8.05 -10.83 -3.79
C CYS A 49 8.48 -12.28 -3.48
N LYS A 50 8.36 -13.17 -4.44
CA LYS A 50 8.77 -14.59 -4.21
C LYS A 50 10.19 -14.81 -4.75
N ASN A 51 11.06 -13.89 -4.47
CA ASN A 51 12.49 -13.98 -4.94
C ASN A 51 13.42 -13.48 -3.83
N ILE A 52 13.08 -12.36 -3.23
CA ILE A 52 13.92 -11.78 -2.14
C ILE A 52 13.59 -12.44 -0.80
N ILE A 53 14.59 -13.00 -0.16
CA ILE A 53 14.39 -13.67 1.16
C ILE A 53 14.89 -12.72 2.27
N VAL A 54 16.01 -12.07 2.01
CA VAL A 54 16.59 -11.12 3.01
C VAL A 54 15.96 -9.74 2.79
N SER A 55 16.08 -8.88 3.78
CA SER A 55 15.50 -7.50 3.67
C SER A 55 16.18 -6.76 2.50
N LYS A 56 15.42 -6.48 1.46
CA LYS A 56 15.99 -5.75 0.27
C LYS A 56 14.90 -4.88 -0.35
N ASN A 57 15.30 -3.86 -1.08
CA ASN A 57 14.31 -2.94 -1.73
C ASN A 57 14.18 -3.33 -3.21
N VAL A 58 12.98 -3.69 -3.63
CA VAL A 58 12.75 -4.09 -5.05
C VAL A 58 11.70 -3.16 -5.68
N LEU A 59 11.77 -2.98 -6.99
CA LEU A 59 10.79 -2.10 -7.69
C LEU A 59 9.91 -2.96 -8.60
N SER A 60 8.60 -2.84 -8.46
CA SER A 60 7.66 -3.64 -9.30
C SER A 60 7.90 -3.34 -10.78
N THR A 61 8.24 -4.34 -11.55
CA THR A 61 8.49 -4.15 -13.01
C THR A 61 7.18 -3.77 -13.70
N ASP A 62 6.08 -4.26 -13.17
CA ASP A 62 4.73 -3.94 -13.77
C ASP A 62 4.03 -2.90 -12.91
N GLU A 63 3.36 -1.96 -13.54
CA GLU A 63 2.63 -0.88 -12.80
C GLU A 63 1.46 -1.49 -12.04
N PHE A 64 1.34 -1.17 -10.77
CA PHE A 64 0.22 -1.71 -9.93
C PHE A 64 -0.77 -0.58 -9.64
N TYR A 65 -2.04 -0.91 -9.46
CA TYR A 65 -3.07 0.12 -9.16
C TYR A 65 -2.85 0.62 -7.72
N LEU A 66 -2.71 1.93 -7.55
CA LEU A 66 -2.45 2.49 -6.19
C LEU A 66 -3.46 3.58 -5.86
N SER A 67 -4.25 3.37 -4.82
CA SER A 67 -5.25 4.38 -4.37
C SER A 67 -4.72 5.00 -3.08
N ASP A 68 -4.17 6.19 -3.16
CA ASP A 68 -3.57 6.85 -1.96
C ASP A 68 -4.52 7.89 -1.34
N CYS A 69 -4.49 7.99 -0.04
CA CYS A 69 -5.33 9.00 0.70
C CYS A 69 -4.38 10.02 1.32
N ASN A 70 -4.48 11.27 0.92
CA ASN A 70 -3.55 12.31 1.47
C ASN A 70 -4.33 13.38 2.25
N ARG A 71 -3.69 13.95 3.25
CA ARG A 71 -4.33 15.01 4.07
C ARG A 71 -4.55 16.25 3.18
N ILE A 72 -5.79 16.53 2.85
CA ILE A 72 -6.10 17.71 1.99
C ILE A 72 -6.89 18.76 2.78
N LYS A 73 -7.65 18.33 3.77
CA LYS A 73 -8.45 19.28 4.60
C LYS A 73 -9.29 18.51 5.62
N LEU A 74 -8.91 18.59 6.88
CA LEU A 74 -9.66 17.90 7.98
C LEU A 74 -11.17 18.22 7.87
N PRO A 75 -12.01 17.52 8.63
CA PRO A 75 -11.60 16.44 9.57
C PRO A 75 -11.39 15.12 8.83
N CYS A 76 -12.43 14.58 8.23
CA CYS A 76 -12.32 13.27 7.50
C CYS A 76 -12.52 13.49 6.00
N HIS A 77 -12.29 14.70 5.51
CA HIS A 77 -12.43 14.99 4.05
C HIS A 77 -11.04 14.91 3.41
N TYR A 78 -10.65 13.72 2.99
CA TYR A 78 -9.31 13.52 2.38
C TYR A 78 -9.43 13.35 0.86
N LYS A 79 -8.29 13.21 0.19
CA LYS A 79 -8.30 13.06 -1.30
C LYS A 79 -7.86 11.64 -1.68
N LEU A 80 -8.58 11.02 -2.59
CA LEU A 80 -8.23 9.63 -3.04
C LEU A 80 -7.73 9.70 -4.49
N LYS A 81 -6.59 9.09 -4.77
CA LYS A 81 -6.03 9.09 -6.15
C LYS A 81 -5.70 7.66 -6.58
N LYS A 82 -6.48 7.11 -7.48
CA LYS A 82 -6.23 5.71 -7.95
C LYS A 82 -5.61 5.74 -9.36
N SER A 83 -4.42 5.21 -9.49
CA SER A 83 -3.73 5.19 -10.83
C SER A 83 -2.72 4.04 -10.85
N SER A 84 -2.32 3.63 -12.04
CA SER A 84 -1.33 2.51 -12.18
C SER A 84 0.09 3.08 -12.21
N ASN A 85 0.94 2.62 -11.31
CA ASN A 85 2.36 3.11 -11.26
C ASN A 85 3.21 2.11 -10.47
N THR A 86 4.51 2.10 -10.74
CA THR A 86 5.44 1.17 -10.02
C THR A 86 5.91 1.84 -8.73
N ILE A 87 6.32 1.04 -7.75
CA ILE A 87 6.79 1.61 -6.45
C ILE A 87 7.97 0.79 -5.92
N CYS A 88 8.71 1.36 -4.99
CA CYS A 88 9.88 0.66 -4.38
C CYS A 88 9.46 0.11 -3.02
N ILE A 89 9.22 -1.18 -2.93
CA ILE A 89 8.77 -1.80 -1.64
C ILE A 89 9.93 -2.53 -0.97
N THR A 90 9.70 -3.01 0.24
CA THR A 90 10.76 -3.75 1.00
C THR A 90 10.36 -5.23 1.05
N CYS A 91 10.98 -6.05 0.23
CA CYS A 91 10.65 -7.51 0.20
C CYS A 91 11.47 -8.25 1.26
N GLU A 92 10.92 -9.32 1.80
CA GLU A 92 11.63 -10.12 2.84
C GLU A 92 10.84 -11.39 3.17
N ASN A 93 11.51 -12.52 3.18
CA ASN A 93 10.85 -13.82 3.52
C ASN A 93 9.73 -14.14 2.51
N LYS A 94 9.93 -13.76 1.26
CA LYS A 94 8.95 -14.05 0.15
C LYS A 94 7.81 -13.01 0.10
N LEU A 95 7.70 -12.11 1.06
CA LEU A 95 6.60 -11.08 1.00
C LEU A 95 7.10 -9.69 1.45
N PRO A 96 6.50 -8.63 0.91
CA PRO A 96 6.88 -7.23 1.26
C PRO A 96 6.14 -6.80 2.53
N VAL A 97 6.76 -6.00 3.36
CA VAL A 97 6.09 -5.53 4.61
C VAL A 97 6.38 -4.04 4.91
N HIS A 98 7.07 -3.36 4.01
CA HIS A 98 7.37 -1.90 4.24
C HIS A 98 7.44 -1.19 2.88
N PHE A 99 7.03 0.06 2.85
CA PHE A 99 7.06 0.85 1.58
C PHE A 99 8.22 1.83 1.63
N VAL A 100 9.12 1.76 0.66
CA VAL A 100 10.30 2.67 0.65
C VAL A 100 9.93 3.99 -0.04
N ALA A 101 9.54 3.92 -1.30
CA ALA A 101 9.17 5.15 -2.05
C ALA A 101 8.39 4.75 -3.31
N VAL A 102 8.26 5.67 -4.26
CA VAL A 102 7.52 5.39 -5.52
C VAL A 102 8.50 4.82 -6.57
N GLU A 103 8.22 5.03 -7.86
CA GLU A 103 9.12 4.52 -8.95
C GLU A 103 10.60 4.82 -8.65
N GLU A 104 10.87 5.86 -7.90
CA GLU A 104 12.28 6.22 -7.58
C GLU A 104 12.59 5.91 -6.12
N CYS A 105 13.49 4.97 -5.90
CA CYS A 105 13.88 4.58 -4.50
C CYS A 105 15.06 5.44 -4.04
N PRO A 106 15.05 5.88 -2.79
CA PRO A 106 16.14 6.73 -2.23
C PRO A 106 17.35 5.86 -1.86
N MET A 1 5.58 -8.10 14.95
CA MET A 1 5.23 -6.65 15.17
C MET A 1 4.57 -6.09 13.91
N GLN A 2 5.30 -6.11 12.81
CA GLN A 2 4.74 -5.59 11.52
C GLN A 2 5.08 -6.59 10.40
N ASN A 3 4.06 -7.24 9.85
CA ASN A 3 4.31 -8.24 8.77
C ASN A 3 3.43 -7.94 7.55
N TRP A 4 3.56 -8.77 6.53
CA TRP A 4 2.79 -8.60 5.26
C TRP A 4 1.27 -8.58 5.57
N GLU A 5 0.86 -9.25 6.62
CA GLU A 5 -0.60 -9.27 6.98
C GLU A 5 -1.05 -7.89 7.43
N THR A 6 -0.47 -7.38 8.49
CA THR A 6 -0.85 -6.02 9.00
C THR A 6 -0.54 -4.97 7.93
N PHE A 7 0.57 -5.13 7.25
CA PHE A 7 0.96 -4.16 6.18
C PHE A 7 -0.07 -4.23 5.04
N GLN A 8 -0.67 -5.38 4.84
CA GLN A 8 -1.68 -5.55 3.75
C GLN A 8 -2.93 -4.75 4.09
N LYS A 9 -3.31 -4.71 5.35
CA LYS A 9 -4.53 -3.96 5.77
C LYS A 9 -4.29 -2.45 5.64
N LYS A 10 -3.08 -2.01 5.89
CA LYS A 10 -2.77 -0.54 5.83
C LYS A 10 -2.41 -0.09 4.40
N HIS A 11 -1.55 -0.81 3.71
CA HIS A 11 -1.12 -0.38 2.33
C HIS A 11 -1.79 -1.20 1.22
N LEU A 12 -2.79 -2.00 1.54
CA LEU A 12 -3.48 -2.81 0.48
C LEU A 12 -4.99 -2.84 0.75
N THR A 13 -5.76 -3.09 -0.29
CA THR A 13 -7.25 -3.11 -0.15
C THR A 13 -7.85 -4.09 -1.15
N ASP A 14 -9.14 -4.37 -1.02
CA ASP A 14 -9.83 -5.31 -1.96
C ASP A 14 -10.81 -4.53 -2.85
N THR A 15 -10.66 -3.20 -2.91
CA THR A 15 -11.58 -2.37 -3.75
C THR A 15 -10.79 -1.22 -4.37
N ARG A 16 -11.05 -0.92 -5.63
CA ARG A 16 -10.34 0.20 -6.33
C ARG A 16 -10.96 1.53 -5.91
N ASP A 17 -12.26 1.56 -5.73
CA ASP A 17 -12.97 2.80 -5.32
C ASP A 17 -13.06 2.85 -3.78
N VAL A 18 -11.94 2.64 -3.12
CA VAL A 18 -11.91 2.65 -1.61
C VAL A 18 -12.59 3.92 -1.08
N LYS A 19 -12.99 3.89 0.18
CA LYS A 19 -13.66 5.07 0.82
C LYS A 19 -12.76 5.58 1.97
N CYS A 20 -11.97 6.58 1.69
CA CYS A 20 -11.05 7.15 2.72
C CYS A 20 -11.85 7.68 3.92
N ASP A 21 -13.08 8.07 3.69
CA ASP A 21 -13.94 8.62 4.80
C ASP A 21 -14.33 7.51 5.78
N ALA A 22 -15.01 6.49 5.30
CA ALA A 22 -15.47 5.37 6.18
C ALA A 22 -14.30 4.43 6.51
N GLU A 23 -13.42 4.20 5.55
CA GLU A 23 -12.25 3.30 5.79
C GLU A 23 -11.37 3.87 6.90
N MET A 24 -10.97 5.12 6.77
CA MET A 24 -10.09 5.77 7.80
C MET A 24 -10.90 6.03 9.08
N LYS A 25 -12.20 6.18 8.96
CA LYS A 25 -13.06 6.46 10.16
C LYS A 25 -13.54 5.13 10.80
N LYS A 26 -13.03 4.00 10.34
CA LYS A 26 -13.44 2.68 10.93
C LYS A 26 -12.58 2.32 12.16
N ALA A 27 -12.02 3.31 12.84
CA ALA A 27 -11.18 3.06 14.05
C ALA A 27 -9.81 2.48 13.67
N LEU A 28 -9.52 2.35 12.39
CA LEU A 28 -8.19 1.79 11.95
C LEU A 28 -7.16 2.92 11.97
N PHE A 29 -7.52 4.07 11.46
CA PHE A 29 -6.58 5.24 11.40
C PHE A 29 -7.15 6.44 12.20
N ASP A 30 -8.42 6.42 12.52
CA ASP A 30 -9.04 7.55 13.28
C ASP A 30 -9.02 8.81 12.41
N CYS A 31 -9.29 8.65 11.13
CA CYS A 31 -9.31 9.81 10.19
C CYS A 31 -7.92 10.48 10.17
N LYS A 32 -6.88 9.71 9.93
CA LYS A 32 -5.49 10.26 9.88
C LYS A 32 -5.42 11.38 8.84
N GLN A 33 -4.23 11.88 8.60
CA GLN A 33 -4.04 12.97 7.60
C GLN A 33 -4.03 12.38 6.19
N LYS A 34 -3.09 11.50 5.93
CA LYS A 34 -2.99 10.84 4.58
C LYS A 34 -2.30 9.49 4.69
N ASN A 35 -2.65 8.57 3.83
CA ASN A 35 -2.04 7.21 3.83
C ASN A 35 -2.02 6.68 2.39
N THR A 36 -1.17 5.72 2.11
CA THR A 36 -1.08 5.16 0.73
C THR A 36 -1.62 3.73 0.70
N PHE A 37 -2.82 3.56 0.18
CA PHE A 37 -3.43 2.20 0.08
C PHE A 37 -3.20 1.66 -1.33
N ILE A 38 -3.09 0.37 -1.48
CA ILE A 38 -2.86 -0.24 -2.82
C ILE A 38 -4.06 -1.13 -3.21
N TYR A 39 -4.16 -1.44 -4.48
CA TYR A 39 -5.28 -2.31 -4.96
C TYR A 39 -4.68 -3.38 -5.88
N ALA A 40 -4.66 -4.61 -5.40
CA ALA A 40 -4.08 -5.74 -6.22
C ALA A 40 -4.27 -7.06 -5.48
N ARG A 41 -3.82 -8.14 -6.08
CA ARG A 41 -3.94 -9.49 -5.46
C ARG A 41 -2.61 -9.87 -4.80
N PRO A 42 -2.65 -10.76 -3.80
CA PRO A 42 -1.43 -11.20 -3.08
C PRO A 42 -0.66 -12.24 -3.92
N GLY A 43 -1.34 -12.93 -4.80
CA GLY A 43 -0.66 -13.96 -5.65
C GLY A 43 0.17 -13.28 -6.74
N ARG A 44 -0.23 -12.09 -7.16
CA ARG A 44 0.52 -11.36 -8.22
C ARG A 44 1.74 -10.67 -7.62
N VAL A 45 1.68 -10.32 -6.35
CA VAL A 45 2.83 -9.65 -5.68
C VAL A 45 3.82 -10.71 -5.19
N GLN A 46 3.30 -11.86 -4.81
CA GLN A 46 4.17 -12.97 -4.31
C GLN A 46 5.13 -13.39 -5.43
N ALA A 47 4.65 -13.43 -6.65
CA ALA A 47 5.52 -13.81 -7.81
C ALA A 47 6.67 -12.82 -7.93
N LEU A 48 6.44 -11.59 -7.52
CA LEU A 48 7.50 -10.54 -7.58
C LEU A 48 8.31 -10.56 -6.28
N CYS A 49 7.71 -11.02 -5.20
CA CYS A 49 8.43 -11.07 -3.88
C CYS A 49 8.76 -12.51 -3.48
N LYS A 50 8.77 -13.43 -4.43
CA LYS A 50 9.08 -14.85 -4.09
C LYS A 50 10.53 -15.17 -4.46
N ASN A 51 11.40 -14.22 -4.23
CA ASN A 51 12.86 -14.40 -4.54
C ASN A 51 13.71 -13.94 -3.35
N ILE A 52 13.30 -12.87 -2.69
CA ILE A 52 14.06 -12.34 -1.52
C ILE A 52 13.64 -13.08 -0.23
N ILE A 53 14.60 -13.48 0.55
CA ILE A 53 14.31 -14.18 1.85
C ILE A 53 14.67 -13.24 3.00
N VAL A 54 15.79 -12.55 2.90
CA VAL A 54 16.23 -11.59 3.96
C VAL A 54 15.78 -10.17 3.56
N SER A 55 15.78 -9.24 4.50
CA SER A 55 15.35 -7.83 4.20
C SER A 55 16.07 -7.29 2.95
N LYS A 56 15.31 -6.78 2.00
CA LYS A 56 15.90 -6.24 0.74
C LYS A 56 14.89 -5.31 0.06
N ASN A 57 15.35 -4.43 -0.82
CA ASN A 57 14.42 -3.50 -1.53
C ASN A 57 14.14 -4.04 -2.93
N VAL A 58 12.89 -4.35 -3.22
CA VAL A 58 12.51 -4.89 -4.55
C VAL A 58 11.69 -3.85 -5.32
N LEU A 59 11.59 -4.03 -6.62
CA LEU A 59 10.80 -3.08 -7.48
C LEU A 59 9.86 -3.87 -8.39
N SER A 60 8.62 -3.44 -8.50
CA SER A 60 7.63 -4.13 -9.37
C SER A 60 7.96 -3.87 -10.83
N THR A 61 7.87 -4.89 -11.66
CA THR A 61 8.16 -4.75 -13.11
C THR A 61 6.94 -4.17 -13.83
N ASP A 62 5.76 -4.46 -13.33
CA ASP A 62 4.50 -3.96 -13.97
C ASP A 62 3.91 -2.83 -13.12
N GLU A 63 2.85 -2.21 -13.60
CA GLU A 63 2.20 -1.09 -12.84
C GLU A 63 1.12 -1.66 -11.92
N PHE A 64 1.09 -1.19 -10.68
CA PHE A 64 0.07 -1.66 -9.70
C PHE A 64 -0.86 -0.51 -9.35
N TYR A 65 -2.15 -0.77 -9.22
CA TYR A 65 -3.13 0.32 -8.88
C TYR A 65 -2.76 0.91 -7.51
N LEU A 66 -2.86 2.22 -7.37
CA LEU A 66 -2.50 2.87 -6.07
C LEU A 66 -3.56 3.90 -5.68
N SER A 67 -4.29 3.62 -4.63
CA SER A 67 -5.34 4.56 -4.13
C SER A 67 -4.89 5.09 -2.78
N ASP A 68 -4.57 6.37 -2.69
CA ASP A 68 -4.08 6.96 -1.40
C ASP A 68 -5.04 8.05 -0.93
N CYS A 69 -5.11 8.26 0.36
CA CYS A 69 -6.00 9.33 0.94
C CYS A 69 -5.14 10.56 1.24
N ASN A 70 -5.68 11.74 1.05
CA ASN A 70 -4.90 13.00 1.31
C ASN A 70 -5.70 13.96 2.20
N ARG A 71 -5.03 14.57 3.15
CA ARG A 71 -5.68 15.55 4.08
C ARG A 71 -5.91 16.87 3.34
N ILE A 72 -7.14 17.10 2.90
CA ILE A 72 -7.46 18.37 2.16
C ILE A 72 -8.41 19.22 3.00
N LYS A 73 -9.33 18.58 3.69
CA LYS A 73 -10.30 19.34 4.54
C LYS A 73 -10.76 18.48 5.72
N LEU A 74 -10.20 18.73 6.88
CA LEU A 74 -10.58 17.98 8.13
C LEU A 74 -12.11 18.09 8.35
N PRO A 75 -12.66 17.27 9.25
CA PRO A 75 -11.93 16.23 10.02
C PRO A 75 -11.82 14.91 9.23
N CYS A 76 -12.94 14.24 9.03
CA CYS A 76 -12.94 12.93 8.31
C CYS A 76 -13.35 13.10 6.83
N HIS A 77 -13.11 14.28 6.28
CA HIS A 77 -13.45 14.54 4.86
C HIS A 77 -12.14 14.58 4.05
N TYR A 78 -11.72 13.45 3.51
CA TYR A 78 -10.45 13.38 2.74
C TYR A 78 -10.73 13.06 1.27
N LYS A 79 -9.70 13.07 0.46
CA LYS A 79 -9.84 12.76 -1.00
C LYS A 79 -9.07 11.47 -1.33
N LEU A 80 -9.31 10.91 -2.49
CA LEU A 80 -8.59 9.64 -2.89
C LEU A 80 -7.97 9.82 -4.27
N LYS A 81 -6.71 9.46 -4.39
CA LYS A 81 -5.99 9.58 -5.70
C LYS A 81 -5.68 8.19 -6.24
N LYS A 82 -6.38 7.77 -7.28
CA LYS A 82 -6.16 6.41 -7.88
C LYS A 82 -5.29 6.55 -9.13
N SER A 83 -4.20 5.83 -9.18
CA SER A 83 -3.29 5.89 -10.36
C SER A 83 -2.51 4.58 -10.50
N SER A 84 -2.21 4.18 -11.71
CA SER A 84 -1.45 2.91 -11.96
C SER A 84 0.04 3.24 -12.10
N ASN A 85 0.86 2.69 -11.23
CA ASN A 85 2.34 2.97 -11.30
C ASN A 85 3.09 1.87 -10.54
N THR A 86 4.39 1.79 -10.74
CA THR A 86 5.22 0.75 -10.04
C THR A 86 5.68 1.30 -8.69
N ILE A 87 6.12 0.43 -7.80
CA ILE A 87 6.58 0.90 -6.45
C ILE A 87 7.74 0.04 -5.95
N CYS A 88 8.52 0.58 -5.05
CA CYS A 88 9.67 -0.15 -4.45
C CYS A 88 9.33 -0.51 -3.01
N ILE A 89 9.14 -1.78 -2.74
CA ILE A 89 8.77 -2.22 -1.35
C ILE A 89 9.88 -3.10 -0.76
N THR A 90 9.92 -3.21 0.54
CA THR A 90 10.96 -4.05 1.23
C THR A 90 10.48 -5.50 1.24
N CYS A 91 11.14 -6.35 0.49
CA CYS A 91 10.76 -7.79 0.43
C CYS A 91 11.52 -8.57 1.50
N GLU A 92 10.87 -9.56 2.08
CA GLU A 92 11.52 -10.38 3.14
C GLU A 92 10.58 -11.54 3.51
N ASN A 93 11.12 -12.74 3.56
CA ASN A 93 10.30 -13.96 3.90
C ASN A 93 9.26 -14.19 2.80
N LYS A 94 9.65 -14.04 1.55
CA LYS A 94 8.73 -14.25 0.40
C LYS A 94 7.52 -13.30 0.47
N LEU A 95 7.62 -12.23 1.26
CA LEU A 95 6.47 -11.27 1.37
C LEU A 95 7.00 -9.85 1.70
N PRO A 96 6.50 -8.83 1.00
CA PRO A 96 6.89 -7.42 1.23
C PRO A 96 6.11 -6.87 2.43
N VAL A 97 6.67 -5.92 3.15
CA VAL A 97 5.95 -5.37 4.35
C VAL A 97 6.28 -3.88 4.57
N HIS A 98 6.97 -3.23 3.65
CA HIS A 98 7.31 -1.77 3.84
C HIS A 98 7.31 -1.03 2.51
N PHE A 99 7.12 0.27 2.57
CA PHE A 99 7.11 1.13 1.35
C PHE A 99 8.43 1.91 1.28
N VAL A 100 9.27 1.58 0.34
CA VAL A 100 10.59 2.26 0.20
C VAL A 100 10.47 3.50 -0.68
N ALA A 101 9.96 3.35 -1.89
CA ALA A 101 9.81 4.52 -2.81
C ALA A 101 8.96 4.14 -4.02
N VAL A 102 9.01 4.93 -5.07
CA VAL A 102 8.22 4.66 -6.31
C VAL A 102 9.19 4.21 -7.43
N GLU A 103 9.00 4.61 -8.68
CA GLU A 103 9.91 4.19 -9.80
C GLU A 103 11.38 4.38 -9.41
N GLU A 104 11.67 5.28 -8.48
CA GLU A 104 13.10 5.53 -8.06
C GLU A 104 13.32 4.94 -6.67
N CYS A 105 14.21 3.97 -6.57
CA CYS A 105 14.52 3.33 -5.26
C CYS A 105 16.04 3.39 -5.00
N PRO A 106 16.45 3.74 -3.78
CA PRO A 106 17.89 3.84 -3.43
C PRO A 106 18.47 2.44 -3.15
N MET A 1 9.77 -8.00 13.84
CA MET A 1 8.56 -7.47 14.52
C MET A 1 7.43 -7.30 13.50
N GLN A 2 7.55 -6.31 12.64
CA GLN A 2 6.50 -6.06 11.60
C GLN A 2 6.57 -7.17 10.55
N ASN A 3 5.43 -7.58 10.02
CA ASN A 3 5.40 -8.66 8.98
C ASN A 3 4.57 -8.22 7.77
N TRP A 4 4.57 -9.03 6.73
CA TRP A 4 3.79 -8.70 5.49
C TRP A 4 2.28 -8.63 5.84
N GLU A 5 1.87 -9.27 6.91
CA GLU A 5 0.43 -9.25 7.31
C GLU A 5 0.01 -7.83 7.71
N THR A 6 0.65 -7.27 8.70
CA THR A 6 0.33 -5.89 9.17
C THR A 6 0.52 -4.89 8.03
N PHE A 7 1.63 -5.00 7.33
CA PHE A 7 1.93 -4.07 6.21
C PHE A 7 0.84 -4.17 5.14
N GLN A 8 0.55 -5.38 4.69
CA GLN A 8 -0.51 -5.59 3.65
C GLN A 8 -1.86 -5.07 4.13
N LYS A 9 -2.05 -4.99 5.44
CA LYS A 9 -3.36 -4.53 6.00
C LYS A 9 -3.54 -3.01 5.83
N LYS A 10 -2.61 -2.22 6.34
CA LYS A 10 -2.76 -0.72 6.25
C LYS A 10 -2.28 -0.18 4.89
N HIS A 11 -1.40 -0.87 4.21
CA HIS A 11 -0.89 -0.34 2.89
C HIS A 11 -1.70 -0.88 1.71
N LEU A 12 -2.17 -2.11 1.77
CA LEU A 12 -2.97 -2.66 0.63
C LEU A 12 -4.46 -2.69 0.98
N THR A 13 -5.28 -3.04 0.02
CA THR A 13 -6.76 -3.09 0.25
C THR A 13 -7.36 -4.24 -0.55
N ASP A 14 -8.62 -4.54 -0.31
CA ASP A 14 -9.32 -5.63 -1.04
C ASP A 14 -10.20 -5.02 -2.14
N THR A 15 -10.73 -3.85 -1.89
CA THR A 15 -11.60 -3.15 -2.90
C THR A 15 -10.74 -2.18 -3.71
N ARG A 16 -11.30 -1.63 -4.76
CA ARG A 16 -10.55 -0.67 -5.64
C ARG A 16 -11.26 0.69 -5.72
N ASP A 17 -12.56 0.72 -5.44
CA ASP A 17 -13.32 2.01 -5.49
C ASP A 17 -13.40 2.62 -4.08
N VAL A 18 -12.42 2.35 -3.25
CA VAL A 18 -12.38 2.89 -1.85
C VAL A 18 -12.66 4.41 -1.86
N LYS A 19 -13.17 4.91 -0.77
CA LYS A 19 -13.48 6.37 -0.65
C LYS A 19 -12.91 6.89 0.67
N CYS A 20 -12.11 7.94 0.61
CA CYS A 20 -11.48 8.50 1.85
C CYS A 20 -12.55 8.82 2.91
N ASP A 21 -13.73 9.19 2.49
CA ASP A 21 -14.82 9.52 3.46
C ASP A 21 -15.22 8.27 4.26
N ALA A 22 -15.68 7.25 3.59
CA ALA A 22 -16.13 5.99 4.28
C ALA A 22 -14.91 5.17 4.72
N GLU A 23 -13.85 5.21 3.94
CA GLU A 23 -12.62 4.44 4.28
C GLU A 23 -11.98 4.99 5.56
N MET A 24 -11.53 6.23 5.50
CA MET A 24 -10.87 6.87 6.70
C MET A 24 -11.81 6.83 7.90
N LYS A 25 -13.08 7.15 7.70
CA LYS A 25 -14.07 7.14 8.82
C LYS A 25 -14.11 5.77 9.50
N LYS A 26 -13.77 4.72 8.77
CA LYS A 26 -13.77 3.34 9.36
C LYS A 26 -12.93 3.30 10.64
N ALA A 27 -13.33 2.50 11.60
CA ALA A 27 -12.58 2.39 12.89
C ALA A 27 -11.12 2.04 12.63
N LEU A 28 -10.84 1.41 11.51
CA LEU A 28 -9.44 1.01 11.14
C LEU A 28 -8.55 2.27 11.11
N PHE A 29 -9.14 3.42 10.86
CA PHE A 29 -8.36 4.69 10.81
C PHE A 29 -9.00 5.75 11.72
N ASP A 30 -10.32 5.82 11.75
CA ASP A 30 -11.04 6.81 12.60
C ASP A 30 -10.82 8.23 12.04
N CYS A 31 -11.02 8.38 10.74
CA CYS A 31 -10.84 9.71 10.07
C CYS A 31 -9.41 10.22 10.31
N LYS A 32 -8.42 9.38 10.01
CA LYS A 32 -6.99 9.77 10.21
C LYS A 32 -6.62 10.89 9.23
N GLN A 33 -5.38 11.32 9.29
CA GLN A 33 -4.90 12.42 8.40
C GLN A 33 -4.56 11.88 7.02
N LYS A 34 -3.65 10.93 6.94
CA LYS A 34 -3.25 10.36 5.61
C LYS A 34 -3.17 8.83 5.69
N ASN A 35 -3.40 8.18 4.57
CA ASN A 35 -3.34 6.68 4.51
C ASN A 35 -3.18 6.27 3.04
N THR A 36 -2.10 5.56 2.72
CA THR A 36 -1.85 5.14 1.31
C THR A 36 -2.31 3.70 1.12
N PHE A 37 -3.45 3.53 0.47
CA PHE A 37 -3.99 2.15 0.22
C PHE A 37 -3.66 1.77 -1.23
N ILE A 38 -3.34 0.50 -1.44
CA ILE A 38 -2.99 0.02 -2.81
C ILE A 38 -3.95 -1.10 -3.20
N TYR A 39 -4.03 -1.41 -4.47
CA TYR A 39 -4.93 -2.50 -4.95
C TYR A 39 -4.11 -3.61 -5.60
N ALA A 40 -4.10 -4.78 -5.01
CA ALA A 40 -3.31 -5.92 -5.58
C ALA A 40 -3.67 -7.22 -4.86
N ARG A 41 -3.29 -8.34 -5.43
CA ARG A 41 -3.58 -9.66 -4.81
C ARG A 41 -2.31 -10.22 -4.15
N PRO A 42 -2.46 -11.21 -3.28
CA PRO A 42 -1.32 -11.83 -2.57
C PRO A 42 -0.60 -12.83 -3.48
N GLY A 43 -1.34 -13.58 -4.27
CA GLY A 43 -0.74 -14.59 -5.18
C GLY A 43 -0.19 -13.92 -6.44
N ARG A 44 -0.83 -12.85 -6.87
CA ARG A 44 -0.38 -12.11 -8.10
C ARG A 44 0.85 -11.26 -7.77
N VAL A 45 1.07 -10.96 -6.50
CA VAL A 45 2.25 -10.13 -6.10
C VAL A 45 3.30 -11.01 -5.42
N GLN A 46 2.89 -12.14 -4.87
CA GLN A 46 3.86 -13.06 -4.17
C GLN A 46 4.97 -13.44 -5.14
N ALA A 47 4.64 -13.61 -6.40
CA ALA A 47 5.67 -13.99 -7.44
C ALA A 47 6.73 -12.88 -7.51
N LEU A 48 6.33 -11.66 -7.26
CA LEU A 48 7.28 -10.49 -7.30
C LEU A 48 8.13 -10.47 -6.03
N CYS A 49 7.59 -10.98 -4.94
CA CYS A 49 8.34 -10.98 -3.64
C CYS A 49 8.67 -12.42 -3.21
N LYS A 50 8.71 -13.35 -4.14
CA LYS A 50 9.04 -14.77 -3.79
C LYS A 50 10.42 -15.12 -4.32
N ASN A 51 11.32 -14.16 -4.26
CA ASN A 51 12.72 -14.36 -4.74
C ASN A 51 13.70 -13.61 -3.83
N ILE A 52 13.31 -13.40 -2.58
CA ILE A 52 14.20 -12.69 -1.61
C ILE A 52 14.10 -13.37 -0.24
N ILE A 53 15.23 -13.73 0.33
CA ILE A 53 15.24 -14.41 1.67
C ILE A 53 15.67 -13.38 2.74
N VAL A 54 16.67 -12.59 2.43
CA VAL A 54 17.17 -11.55 3.39
C VAL A 54 16.50 -10.21 3.05
N SER A 55 16.54 -9.29 3.98
CA SER A 55 15.91 -7.94 3.76
C SER A 55 16.49 -7.30 2.51
N LYS A 56 15.68 -7.08 1.51
CA LYS A 56 16.15 -6.46 0.22
C LYS A 56 15.06 -5.54 -0.33
N ASN A 57 15.35 -4.88 -1.43
CA ASN A 57 14.36 -3.95 -2.06
C ASN A 57 14.03 -4.45 -3.48
N VAL A 58 12.77 -4.68 -3.76
CA VAL A 58 12.36 -5.18 -5.11
C VAL A 58 11.45 -4.13 -5.77
N LEU A 59 11.31 -4.21 -7.09
CA LEU A 59 10.46 -3.24 -7.84
C LEU A 59 9.38 -4.00 -8.60
N SER A 60 8.16 -3.51 -8.59
CA SER A 60 7.04 -4.19 -9.31
C SER A 60 7.18 -3.91 -10.81
N THR A 61 7.24 -4.97 -11.59
CA THR A 61 7.39 -4.82 -13.08
C THR A 61 6.06 -4.38 -13.70
N ASP A 62 4.95 -4.77 -13.09
CA ASP A 62 3.61 -4.39 -13.62
C ASP A 62 3.06 -3.18 -12.85
N GLU A 63 2.47 -2.24 -13.56
CA GLU A 63 1.90 -1.02 -12.91
C GLU A 63 0.72 -1.42 -12.02
N PHE A 64 0.72 -0.96 -10.79
CA PHE A 64 -0.39 -1.29 -9.84
C PHE A 64 -1.22 -0.04 -9.55
N TYR A 65 -2.48 -0.21 -9.24
CA TYR A 65 -3.37 0.95 -8.92
C TYR A 65 -3.02 1.44 -7.52
N LEU A 66 -2.95 2.74 -7.34
CA LEU A 66 -2.61 3.30 -5.99
C LEU A 66 -3.67 4.32 -5.56
N SER A 67 -4.42 3.98 -4.53
CA SER A 67 -5.47 4.89 -4.01
C SER A 67 -5.10 5.32 -2.59
N ASP A 68 -4.67 6.56 -2.44
CA ASP A 68 -4.26 7.07 -1.09
C ASP A 68 -5.12 8.27 -0.67
N CYS A 69 -5.19 8.52 0.61
CA CYS A 69 -5.98 9.67 1.13
C CYS A 69 -5.01 10.72 1.68
N ASN A 70 -5.34 11.99 1.54
CA ASN A 70 -4.43 13.08 2.04
C ASN A 70 -5.20 14.05 2.94
N ARG A 71 -4.62 14.41 4.07
CA ARG A 71 -5.26 15.36 5.01
C ARG A 71 -5.33 16.75 4.37
N ILE A 72 -6.52 17.18 4.02
CA ILE A 72 -6.70 18.53 3.40
C ILE A 72 -7.26 19.49 4.45
N LYS A 73 -8.26 19.06 5.18
CA LYS A 73 -8.89 19.91 6.23
C LYS A 73 -9.91 19.09 7.02
N LEU A 74 -9.67 18.91 8.30
CA LEU A 74 -10.60 18.13 9.19
C LEU A 74 -12.06 18.60 8.96
N PRO A 75 -13.03 17.85 9.51
CA PRO A 75 -12.81 16.62 10.30
C PRO A 75 -12.52 15.41 9.40
N CYS A 76 -13.45 15.07 8.53
CA CYS A 76 -13.27 13.89 7.64
C CYS A 76 -13.38 14.30 6.16
N HIS A 77 -12.96 15.51 5.84
CA HIS A 77 -13.01 15.98 4.42
C HIS A 77 -11.61 15.79 3.82
N TYR A 78 -11.35 14.59 3.32
CA TYR A 78 -10.01 14.26 2.75
C TYR A 78 -10.10 14.10 1.23
N LYS A 79 -8.96 13.99 0.59
CA LYS A 79 -8.92 13.82 -0.91
C LYS A 79 -8.38 12.43 -1.25
N LEU A 80 -8.83 11.86 -2.35
CA LEU A 80 -8.36 10.50 -2.76
C LEU A 80 -7.50 10.61 -4.02
N LYS A 81 -6.34 10.00 -4.01
CA LYS A 81 -5.42 10.05 -5.20
C LYS A 81 -5.33 8.66 -5.84
N LYS A 82 -5.92 8.51 -7.01
CA LYS A 82 -5.88 7.19 -7.74
C LYS A 82 -4.95 7.29 -8.95
N SER A 83 -3.94 6.45 -9.00
CA SER A 83 -2.98 6.48 -10.15
C SER A 83 -2.31 5.11 -10.30
N SER A 84 -2.14 4.67 -11.53
CA SER A 84 -1.48 3.35 -11.80
C SER A 84 0.02 3.56 -11.98
N ASN A 85 0.81 2.98 -11.09
CA ASN A 85 2.30 3.13 -11.19
C ASN A 85 2.97 2.01 -10.39
N THR A 86 4.21 1.70 -10.72
CA THR A 86 4.96 0.63 -10.00
C THR A 86 5.48 1.18 -8.68
N ILE A 87 5.82 0.31 -7.76
CA ILE A 87 6.33 0.76 -6.42
C ILE A 87 7.48 -0.14 -5.95
N CYS A 88 8.29 0.37 -5.06
CA CYS A 88 9.45 -0.41 -4.52
C CYS A 88 9.15 -0.77 -3.06
N ILE A 89 9.19 -2.04 -2.73
CA ILE A 89 8.90 -2.48 -1.33
C ILE A 89 10.05 -3.32 -0.79
N THR A 90 10.18 -3.38 0.51
CA THR A 90 11.27 -4.17 1.16
C THR A 90 10.85 -5.64 1.23
N CYS A 91 11.41 -6.47 0.38
CA CYS A 91 11.06 -7.92 0.37
C CYS A 91 11.90 -8.66 1.40
N GLU A 92 11.29 -9.58 2.12
CA GLU A 92 12.02 -10.36 3.15
C GLU A 92 11.16 -11.55 3.60
N ASN A 93 11.77 -12.72 3.73
CA ASN A 93 11.02 -13.93 4.15
C ASN A 93 9.97 -14.30 3.09
N LYS A 94 10.33 -14.15 1.82
CA LYS A 94 9.42 -14.49 0.68
C LYS A 94 8.18 -13.58 0.67
N LEU A 95 8.21 -12.47 1.39
CA LEU A 95 7.04 -11.52 1.38
C LEU A 95 7.50 -10.08 1.66
N PRO A 96 6.80 -9.10 1.10
CA PRO A 96 7.12 -7.67 1.31
C PRO A 96 6.56 -7.22 2.67
N VAL A 97 7.22 -6.29 3.33
CA VAL A 97 6.74 -5.83 4.67
C VAL A 97 6.94 -4.33 4.88
N HIS A 98 7.36 -3.59 3.85
CA HIS A 98 7.57 -2.12 4.04
C HIS A 98 7.57 -1.39 2.69
N PHE A 99 7.24 -0.11 2.71
CA PHE A 99 7.21 0.71 1.47
C PHE A 99 8.56 1.44 1.33
N VAL A 100 9.31 1.13 0.31
CA VAL A 100 10.64 1.78 0.10
C VAL A 100 10.47 3.07 -0.71
N ALA A 101 9.90 2.97 -1.89
CA ALA A 101 9.71 4.19 -2.75
C ALA A 101 8.75 3.85 -3.90
N VAL A 102 8.73 4.69 -4.92
CA VAL A 102 7.83 4.47 -6.09
C VAL A 102 8.63 3.85 -7.25
N GLU A 103 8.29 4.15 -8.49
CA GLU A 103 9.01 3.58 -9.67
C GLU A 103 10.54 3.68 -9.50
N GLU A 104 11.00 4.64 -8.74
CA GLU A 104 12.48 4.80 -8.53
C GLU A 104 12.85 4.41 -7.11
N CYS A 105 13.65 3.37 -6.96
CA CYS A 105 14.08 2.89 -5.61
C CYS A 105 15.55 3.30 -5.37
N PRO A 106 15.78 4.29 -4.50
CA PRO A 106 17.16 4.76 -4.20
C PRO A 106 17.87 3.77 -3.28
N MET A 1 6.29 -5.81 15.40
CA MET A 1 6.81 -5.73 14.01
C MET A 1 5.69 -6.11 13.03
N GLN A 2 5.13 -5.12 12.35
CA GLN A 2 4.03 -5.39 11.36
C GLN A 2 4.57 -6.31 10.26
N ASN A 3 3.86 -7.39 9.99
CA ASN A 3 4.31 -8.35 8.94
C ASN A 3 3.54 -8.09 7.63
N TRP A 4 3.86 -8.84 6.60
CA TRP A 4 3.19 -8.67 5.27
C TRP A 4 1.67 -8.84 5.43
N GLU A 5 1.23 -9.58 6.43
CA GLU A 5 -0.24 -9.79 6.65
C GLU A 5 -0.89 -8.49 7.11
N THR A 6 -0.52 -8.01 8.28
CA THR A 6 -1.10 -6.74 8.82
C THR A 6 -0.83 -5.60 7.84
N PHE A 7 0.33 -5.63 7.21
CA PHE A 7 0.71 -4.58 6.23
C PHE A 7 -0.27 -4.63 5.04
N GLN A 8 -0.65 -5.83 4.64
CA GLN A 8 -1.61 -6.00 3.50
C GLN A 8 -2.99 -5.46 3.89
N LYS A 9 -3.32 -5.56 5.17
CA LYS A 9 -4.66 -5.10 5.66
C LYS A 9 -4.80 -3.58 5.51
N LYS A 10 -3.86 -2.83 6.05
CA LYS A 10 -3.96 -1.32 5.98
C LYS A 10 -3.46 -0.78 4.63
N HIS A 11 -2.57 -1.50 3.98
CA HIS A 11 -2.03 -1.01 2.67
C HIS A 11 -2.81 -1.55 1.48
N LEU A 12 -2.88 -2.85 1.31
CA LEU A 12 -3.60 -3.43 0.13
C LEU A 12 -5.09 -3.60 0.44
N THR A 13 -5.88 -3.60 -0.62
CA THR A 13 -7.37 -3.74 -0.48
C THR A 13 -7.91 -4.59 -1.64
N ASP A 14 -9.17 -4.96 -1.58
CA ASP A 14 -9.80 -5.77 -2.66
C ASP A 14 -10.77 -4.89 -3.47
N THR A 15 -10.59 -3.58 -3.41
CA THR A 15 -11.49 -2.65 -4.16
C THR A 15 -10.65 -1.62 -4.92
N ARG A 16 -11.21 -1.05 -5.97
CA ARG A 16 -10.48 -0.03 -6.78
C ARG A 16 -11.09 1.35 -6.53
N ASP A 17 -12.37 1.39 -6.22
CA ASP A 17 -13.06 2.70 -5.95
C ASP A 17 -13.10 2.93 -4.43
N VAL A 18 -12.01 2.61 -3.75
CA VAL A 18 -11.93 2.78 -2.26
C VAL A 18 -12.26 4.23 -1.90
N LYS A 19 -12.61 4.45 -0.65
CA LYS A 19 -12.94 5.83 -0.16
C LYS A 19 -11.96 6.22 0.96
N CYS A 20 -11.97 7.47 1.38
CA CYS A 20 -11.04 7.93 2.45
C CYS A 20 -11.83 8.48 3.65
N ASP A 21 -13.04 8.94 3.44
CA ASP A 21 -13.86 9.51 4.56
C ASP A 21 -14.42 8.38 5.44
N ALA A 22 -15.26 7.55 4.88
CA ALA A 22 -15.88 6.42 5.66
C ALA A 22 -14.84 5.34 5.95
N GLU A 23 -13.88 5.19 5.06
CA GLU A 23 -12.82 4.14 5.23
C GLU A 23 -11.84 4.56 6.33
N MET A 24 -11.22 5.70 6.17
CA MET A 24 -10.22 6.18 7.18
C MET A 24 -10.91 6.36 8.54
N LYS A 25 -12.17 6.72 8.53
CA LYS A 25 -12.92 6.93 9.81
C LYS A 25 -12.97 5.62 10.60
N LYS A 26 -12.85 4.49 9.94
CA LYS A 26 -12.89 3.16 10.64
C LYS A 26 -11.84 3.14 11.76
N ALA A 27 -12.09 2.35 12.79
CA ALA A 27 -11.12 2.27 13.95
C ALA A 27 -9.74 1.85 13.45
N LEU A 28 -9.68 1.17 12.31
CA LEU A 28 -8.36 0.72 11.76
C LEU A 28 -7.44 1.93 11.55
N PHE A 29 -7.99 3.04 11.13
CA PHE A 29 -7.17 4.27 10.90
C PHE A 29 -7.60 5.36 11.88
N ASP A 30 -8.89 5.46 12.13
CA ASP A 30 -9.42 6.49 13.08
C ASP A 30 -9.18 7.90 12.52
N CYS A 31 -9.53 8.11 11.26
CA CYS A 31 -9.34 9.45 10.63
C CYS A 31 -7.86 9.87 10.70
N LYS A 32 -6.98 9.01 10.19
CA LYS A 32 -5.53 9.28 10.19
C LYS A 32 -5.23 10.37 9.14
N GLN A 33 -4.13 11.06 9.32
CA GLN A 33 -3.73 12.14 8.38
C GLN A 33 -3.59 11.59 6.95
N LYS A 34 -2.57 10.79 6.73
CA LYS A 34 -2.34 10.20 5.38
C LYS A 34 -2.45 8.67 5.44
N ASN A 35 -2.76 8.06 4.32
CA ASN A 35 -2.90 6.57 4.26
C ASN A 35 -2.73 6.14 2.80
N THR A 36 -1.80 5.24 2.54
CA THR A 36 -1.56 4.77 1.14
C THR A 36 -2.30 3.45 0.91
N PHE A 37 -3.40 3.50 0.20
CA PHE A 37 -4.19 2.25 -0.07
C PHE A 37 -3.92 1.78 -1.50
N ILE A 38 -3.33 0.60 -1.62
CA ILE A 38 -3.03 0.03 -2.95
C ILE A 38 -4.11 -0.99 -3.32
N TYR A 39 -4.20 -1.34 -4.58
CA TYR A 39 -5.22 -2.33 -5.04
C TYR A 39 -4.53 -3.42 -5.87
N ALA A 40 -4.60 -4.65 -5.42
CA ALA A 40 -3.95 -5.78 -6.17
C ALA A 40 -4.18 -7.10 -5.43
N ARG A 41 -3.72 -8.19 -6.02
CA ARG A 41 -3.88 -9.54 -5.39
C ARG A 41 -2.58 -9.92 -4.65
N PRO A 42 -2.66 -10.87 -3.72
CA PRO A 42 -1.49 -11.31 -2.92
C PRO A 42 -0.63 -12.28 -3.73
N GLY A 43 -1.22 -13.37 -4.20
CA GLY A 43 -0.46 -14.39 -4.99
C GLY A 43 0.21 -13.74 -6.21
N ARG A 44 -0.34 -12.66 -6.71
CA ARG A 44 0.24 -11.96 -7.90
C ARG A 44 1.43 -11.08 -7.48
N VAL A 45 1.52 -10.74 -6.21
CA VAL A 45 2.64 -9.88 -5.71
C VAL A 45 3.66 -10.74 -4.97
N GLN A 46 3.22 -11.83 -4.37
CA GLN A 46 4.15 -12.74 -3.63
C GLN A 46 5.23 -13.27 -4.56
N ALA A 47 4.85 -13.64 -5.77
CA ALA A 47 5.84 -14.16 -6.78
C ALA A 47 6.95 -13.14 -6.99
N LEU A 48 6.62 -11.87 -6.82
CA LEU A 48 7.64 -10.78 -7.00
C LEU A 48 8.46 -10.65 -5.71
N CYS A 49 7.86 -10.96 -4.57
CA CYS A 49 8.58 -10.85 -3.26
C CYS A 49 8.96 -12.24 -2.74
N LYS A 50 8.92 -13.27 -3.58
CA LYS A 50 9.27 -14.64 -3.12
C LYS A 50 10.64 -15.03 -3.70
N ASN A 51 11.56 -14.10 -3.68
CA ASN A 51 12.93 -14.34 -4.22
C ASN A 51 14.01 -14.00 -3.17
N ILE A 52 13.73 -13.07 -2.28
CA ILE A 52 14.74 -12.68 -1.24
C ILE A 52 14.22 -13.04 0.15
N ILE A 53 15.13 -13.45 1.02
CA ILE A 53 14.76 -13.83 2.42
C ILE A 53 15.13 -12.68 3.36
N VAL A 54 16.29 -12.08 3.13
CA VAL A 54 16.75 -10.94 3.98
C VAL A 54 15.98 -9.67 3.58
N SER A 55 16.33 -8.57 4.20
CA SER A 55 15.65 -7.27 3.88
C SER A 55 16.29 -6.63 2.65
N LYS A 56 15.48 -6.27 1.68
CA LYS A 56 16.01 -5.63 0.42
C LYS A 56 14.88 -4.87 -0.27
N ASN A 57 15.19 -4.22 -1.36
CA ASN A 57 14.16 -3.43 -2.12
C ASN A 57 13.76 -4.17 -3.40
N VAL A 58 12.48 -4.32 -3.63
CA VAL A 58 12.00 -5.03 -4.86
C VAL A 58 11.12 -4.08 -5.68
N LEU A 59 11.18 -4.16 -6.99
CA LEU A 59 10.36 -3.27 -7.86
C LEU A 59 9.34 -4.11 -8.65
N SER A 60 8.14 -3.59 -8.79
CA SER A 60 7.06 -4.32 -9.54
C SER A 60 7.21 -4.03 -11.03
N THR A 61 7.04 -5.05 -11.84
CA THR A 61 7.18 -4.90 -13.34
C THR A 61 5.87 -4.35 -13.93
N ASP A 62 4.75 -4.88 -13.48
CA ASP A 62 3.42 -4.43 -14.01
C ASP A 62 2.94 -3.20 -13.23
N GLU A 63 2.27 -2.29 -13.91
CA GLU A 63 1.74 -1.06 -13.24
C GLU A 63 0.65 -1.47 -12.24
N PHE A 64 0.78 -1.03 -11.00
CA PHE A 64 -0.23 -1.38 -9.96
C PHE A 64 -1.12 -0.17 -9.66
N TYR A 65 -2.38 -0.40 -9.39
CA TYR A 65 -3.32 0.72 -9.07
C TYR A 65 -2.96 1.27 -7.69
N LEU A 66 -2.96 2.57 -7.53
CA LEU A 66 -2.60 3.19 -6.22
C LEU A 66 -3.61 4.27 -5.82
N SER A 67 -4.39 4.00 -4.79
CA SER A 67 -5.39 4.99 -4.29
C SER A 67 -4.96 5.44 -2.90
N ASP A 68 -4.38 6.62 -2.80
CA ASP A 68 -3.89 7.13 -1.47
C ASP A 68 -4.77 8.27 -0.97
N CYS A 69 -4.92 8.37 0.34
CA CYS A 69 -5.73 9.46 0.97
C CYS A 69 -4.76 10.53 1.49
N ASN A 70 -5.14 11.79 1.43
CA ASN A 70 -4.22 12.87 1.91
C ASN A 70 -4.95 13.85 2.85
N ARG A 71 -4.28 14.23 3.93
CA ARG A 71 -4.84 15.19 4.92
C ARG A 71 -4.85 16.58 4.29
N ILE A 72 -6.02 17.19 4.20
CA ILE A 72 -6.13 18.56 3.60
C ILE A 72 -7.08 19.40 4.45
N LYS A 73 -8.24 18.85 4.77
CA LYS A 73 -9.23 19.59 5.60
C LYS A 73 -10.00 18.63 6.51
N LEU A 74 -9.64 18.59 7.78
CA LEU A 74 -10.33 17.69 8.77
C LEU A 74 -11.87 17.83 8.64
N PRO A 75 -12.62 16.93 9.28
CA PRO A 75 -12.09 15.81 10.08
C PRO A 75 -11.66 14.65 9.19
N CYS A 76 -12.59 14.02 8.52
CA CYS A 76 -12.27 12.87 7.62
C CYS A 76 -12.54 13.22 6.16
N HIS A 77 -12.41 14.49 5.82
CA HIS A 77 -12.62 14.94 4.41
C HIS A 77 -11.24 15.00 3.74
N TYR A 78 -10.81 13.92 3.15
CA TYR A 78 -9.46 13.86 2.51
C TYR A 78 -9.57 13.75 1.00
N LYS A 79 -8.43 13.65 0.33
CA LYS A 79 -8.42 13.55 -1.17
C LYS A 79 -7.90 12.18 -1.58
N LEU A 80 -8.59 11.53 -2.49
CA LEU A 80 -8.16 10.18 -2.98
C LEU A 80 -7.49 10.32 -4.34
N LYS A 81 -6.22 9.98 -4.43
CA LYS A 81 -5.48 10.07 -5.73
C LYS A 81 -5.28 8.66 -6.30
N LYS A 82 -6.03 8.32 -7.33
CA LYS A 82 -5.91 6.97 -7.97
C LYS A 82 -4.96 7.06 -9.17
N SER A 83 -3.86 6.34 -9.11
CA SER A 83 -2.87 6.36 -10.23
C SER A 83 -2.26 4.97 -10.38
N SER A 84 -2.13 4.50 -11.61
CA SER A 84 -1.53 3.15 -11.86
C SER A 84 -0.05 3.32 -12.22
N ASN A 85 0.82 2.75 -11.40
CA ASN A 85 2.28 2.86 -11.66
C ASN A 85 3.02 1.78 -10.85
N THR A 86 4.25 1.49 -11.22
CA THR A 86 5.05 0.46 -10.48
C THR A 86 5.60 1.08 -9.20
N ILE A 87 5.73 0.30 -8.15
CA ILE A 87 6.24 0.84 -6.86
C ILE A 87 7.47 0.04 -6.39
N CYS A 88 8.12 0.54 -5.36
CA CYS A 88 9.33 -0.14 -4.80
C CYS A 88 9.09 -0.41 -3.31
N ILE A 89 8.87 -1.66 -2.95
CA ILE A 89 8.61 -2.02 -1.52
C ILE A 89 9.80 -2.79 -0.95
N THR A 90 9.85 -2.95 0.35
CA THR A 90 10.97 -3.69 1.01
C THR A 90 10.57 -5.15 1.20
N CYS A 91 11.28 -6.05 0.56
CA CYS A 91 10.96 -7.51 0.68
C CYS A 91 11.72 -8.10 1.86
N GLU A 92 11.17 -9.13 2.47
CA GLU A 92 11.82 -9.78 3.64
C GLU A 92 11.05 -11.05 4.02
N ASN A 93 11.76 -12.13 4.29
CA ASN A 93 11.10 -13.41 4.67
C ASN A 93 10.15 -13.86 3.55
N LYS A 94 10.58 -13.68 2.31
CA LYS A 94 9.76 -14.10 1.12
C LYS A 94 8.45 -13.29 1.06
N LEU A 95 8.37 -12.17 1.77
CA LEU A 95 7.12 -11.33 1.73
C LEU A 95 7.48 -9.84 1.98
N PRO A 96 6.77 -8.93 1.33
CA PRO A 96 7.01 -7.49 1.49
C PRO A 96 6.31 -6.99 2.75
N VAL A 97 6.84 -5.96 3.40
CA VAL A 97 6.21 -5.44 4.65
C VAL A 97 6.49 -3.93 4.81
N HIS A 98 6.89 -3.25 3.76
CA HIS A 98 7.18 -1.79 3.87
C HIS A 98 7.14 -1.11 2.50
N PHE A 99 6.84 0.17 2.48
CA PHE A 99 6.78 0.95 1.20
C PHE A 99 7.98 1.91 1.16
N VAL A 100 8.86 1.73 0.20
CA VAL A 100 10.07 2.62 0.10
C VAL A 100 9.75 3.82 -0.79
N ALA A 101 9.30 3.58 -2.02
CA ALA A 101 8.97 4.69 -2.96
C ALA A 101 8.24 4.13 -4.17
N VAL A 102 8.15 4.91 -5.23
CA VAL A 102 7.45 4.45 -6.48
C VAL A 102 8.47 3.79 -7.43
N GLU A 103 8.22 3.83 -8.73
CA GLU A 103 9.15 3.20 -9.74
C GLU A 103 10.62 3.53 -9.44
N GLU A 104 10.88 4.65 -8.81
CA GLU A 104 12.29 5.05 -8.49
C GLU A 104 12.53 4.90 -6.99
N CYS A 105 13.39 3.97 -6.62
CA CYS A 105 13.71 3.74 -5.17
C CYS A 105 14.98 4.54 -4.80
N PRO A 106 15.05 5.06 -3.58
CA PRO A 106 16.21 5.84 -3.13
C PRO A 106 17.36 4.92 -2.72
N MET A 1 2.79 -2.13 12.10
CA MET A 1 3.86 -2.68 11.21
C MET A 1 4.55 -3.85 11.91
N GLN A 2 4.40 -5.05 11.36
CA GLN A 2 5.04 -6.25 11.96
C GLN A 2 5.48 -7.22 10.86
N ASN A 3 4.53 -7.77 10.13
CA ASN A 3 4.87 -8.74 9.03
C ASN A 3 4.12 -8.37 7.75
N TRP A 4 4.37 -9.11 6.69
CA TRP A 4 3.70 -8.84 5.37
C TRP A 4 2.17 -8.86 5.54
N GLU A 5 1.69 -9.54 6.57
CA GLU A 5 0.21 -9.62 6.81
C GLU A 5 -0.31 -8.25 7.26
N THR A 6 0.12 -7.77 8.41
CA THR A 6 -0.34 -6.44 8.93
C THR A 6 -0.08 -5.35 7.88
N PHE A 7 1.03 -5.44 7.19
CA PHE A 7 1.38 -4.44 6.16
C PHE A 7 0.32 -4.45 5.06
N GLN A 8 -0.11 -5.63 4.65
CA GLN A 8 -1.15 -5.75 3.58
C GLN A 8 -2.47 -5.12 4.05
N LYS A 9 -2.73 -5.18 5.33
CA LYS A 9 -3.99 -4.62 5.90
C LYS A 9 -4.06 -3.10 5.75
N LYS A 10 -3.08 -2.39 6.28
CA LYS A 10 -3.09 -0.90 6.22
C LYS A 10 -2.57 -0.36 4.88
N HIS A 11 -1.68 -1.08 4.23
CA HIS A 11 -1.11 -0.58 2.93
C HIS A 11 -1.95 -1.08 1.74
N LEU A 12 -2.17 -2.38 1.64
CA LEU A 12 -2.96 -2.94 0.50
C LEU A 12 -4.45 -2.95 0.84
N THR A 13 -5.27 -2.76 -0.18
CA THR A 13 -6.75 -2.74 0.01
C THR A 13 -7.38 -3.83 -0.86
N ASP A 14 -8.65 -4.12 -0.64
CA ASP A 14 -9.35 -5.17 -1.45
C ASP A 14 -10.45 -4.52 -2.31
N THR A 15 -10.32 -3.24 -2.59
CA THR A 15 -11.34 -2.52 -3.43
C THR A 15 -10.63 -1.47 -4.29
N ARG A 16 -11.16 -1.20 -5.47
CA ARG A 16 -10.54 -0.18 -6.37
C ARG A 16 -11.14 1.19 -6.10
N ASP A 17 -12.43 1.23 -5.82
CA ASP A 17 -13.13 2.53 -5.54
C ASP A 17 -13.18 2.75 -4.02
N VAL A 18 -12.06 2.55 -3.35
CA VAL A 18 -12.01 2.75 -1.87
C VAL A 18 -12.40 4.18 -1.52
N LYS A 19 -12.98 4.35 -0.34
CA LYS A 19 -13.40 5.72 0.11
C LYS A 19 -12.48 6.15 1.25
N CYS A 20 -12.04 7.39 1.24
CA CYS A 20 -11.11 7.89 2.31
C CYS A 20 -11.89 8.18 3.59
N ASP A 21 -13.05 8.78 3.47
CA ASP A 21 -13.87 9.13 4.68
C ASP A 21 -14.63 7.92 5.23
N ALA A 22 -15.24 7.14 4.36
CA ALA A 22 -16.04 5.96 4.80
C ALA A 22 -15.14 4.81 5.27
N GLU A 23 -13.89 4.80 4.84
CA GLU A 23 -12.95 3.71 5.25
C GLU A 23 -12.02 4.19 6.36
N MET A 24 -11.32 5.28 6.14
CA MET A 24 -10.36 5.81 7.16
C MET A 24 -11.10 6.11 8.46
N LYS A 25 -12.35 6.53 8.36
CA LYS A 25 -13.15 6.84 9.59
C LYS A 25 -13.25 5.60 10.48
N LYS A 26 -13.13 4.42 9.90
CA LYS A 26 -13.20 3.15 10.70
C LYS A 26 -12.12 3.17 11.78
N ALA A 27 -12.30 2.40 12.84
CA ALA A 27 -11.30 2.35 13.95
C ALA A 27 -9.90 2.04 13.41
N LEU A 28 -9.82 1.42 12.24
CA LEU A 28 -8.50 1.07 11.62
C LEU A 28 -7.58 2.29 11.61
N PHE A 29 -8.11 3.45 11.29
CA PHE A 29 -7.28 4.70 11.24
C PHE A 29 -8.00 5.88 11.93
N ASP A 30 -9.15 5.64 12.54
CA ASP A 30 -9.93 6.72 13.25
C ASP A 30 -9.93 8.04 12.43
N CYS A 31 -10.09 7.93 11.14
CA CYS A 31 -10.12 9.13 10.24
C CYS A 31 -8.81 9.91 10.39
N LYS A 32 -7.69 9.23 10.22
CA LYS A 32 -6.35 9.89 10.33
C LYS A 32 -6.24 11.01 9.30
N GLN A 33 -5.05 11.58 9.17
CA GLN A 33 -4.84 12.70 8.21
C GLN A 33 -4.64 12.16 6.78
N LYS A 34 -3.79 11.17 6.60
CA LYS A 34 -3.55 10.60 5.23
C LYS A 34 -3.17 9.11 5.31
N ASN A 35 -3.27 8.42 4.20
CA ASN A 35 -2.92 6.98 4.14
C ASN A 35 -2.70 6.58 2.67
N THR A 36 -1.85 5.61 2.42
CA THR A 36 -1.56 5.15 1.03
C THR A 36 -2.17 3.77 0.83
N PHE A 37 -3.27 3.69 0.11
CA PHE A 37 -3.94 2.38 -0.13
C PHE A 37 -3.58 1.85 -1.52
N ILE A 38 -3.13 0.62 -1.59
CA ILE A 38 -2.75 0.00 -2.89
C ILE A 38 -3.87 -0.94 -3.33
N TYR A 39 -3.87 -1.35 -4.58
CA TYR A 39 -4.93 -2.26 -5.11
C TYR A 39 -4.29 -3.41 -5.86
N ALA A 40 -4.44 -4.62 -5.33
CA ALA A 40 -3.86 -5.83 -6.00
C ALA A 40 -4.23 -7.08 -5.19
N ARG A 41 -3.84 -8.24 -5.69
CA ARG A 41 -4.13 -9.52 -4.99
C ARG A 41 -2.90 -9.96 -4.18
N PRO A 42 -3.10 -10.79 -3.17
CA PRO A 42 -2.01 -11.28 -2.30
C PRO A 42 -1.20 -12.39 -3.00
N GLY A 43 -1.85 -13.18 -3.82
CA GLY A 43 -1.16 -14.30 -4.55
C GLY A 43 -0.34 -13.73 -5.71
N ARG A 44 -0.81 -12.66 -6.31
CA ARG A 44 -0.08 -12.03 -7.46
C ARG A 44 1.08 -11.18 -6.95
N VAL A 45 0.93 -10.61 -5.77
CA VAL A 45 2.02 -9.76 -5.18
C VAL A 45 3.02 -10.66 -4.47
N GLN A 46 2.54 -11.74 -3.88
CA GLN A 46 3.45 -12.70 -3.17
C GLN A 46 4.46 -13.27 -4.17
N ALA A 47 4.01 -13.59 -5.36
CA ALA A 47 4.94 -14.14 -6.40
C ALA A 47 5.98 -13.08 -6.78
N LEU A 48 5.60 -11.82 -6.69
CA LEU A 48 6.54 -10.70 -7.01
C LEU A 48 7.66 -10.66 -5.97
N CYS A 49 7.35 -11.04 -4.75
CA CYS A 49 8.37 -11.04 -3.65
C CYS A 49 8.72 -12.47 -3.23
N LYS A 50 8.46 -13.44 -4.10
CA LYS A 50 8.77 -14.87 -3.77
C LYS A 50 10.11 -15.26 -4.41
N ASN A 51 11.05 -14.35 -4.43
CA ASN A 51 12.40 -14.62 -5.02
C ASN A 51 13.52 -14.06 -4.13
N ILE A 52 13.19 -13.63 -2.93
CA ILE A 52 14.22 -13.04 -2.02
C ILE A 52 13.97 -13.50 -0.58
N ILE A 53 14.99 -14.01 0.07
CA ILE A 53 14.87 -14.48 1.49
C ILE A 53 15.54 -13.45 2.39
N VAL A 54 16.68 -12.95 1.97
CA VAL A 54 17.42 -11.93 2.76
C VAL A 54 16.78 -10.56 2.54
N SER A 55 16.86 -9.70 3.52
CA SER A 55 16.28 -8.33 3.41
C SER A 55 16.85 -7.61 2.19
N LYS A 56 16.01 -7.35 1.20
CA LYS A 56 16.47 -6.65 -0.04
C LYS A 56 15.37 -5.73 -0.55
N ASN A 57 15.66 -4.94 -1.57
CA ASN A 57 14.65 -4.00 -2.14
C ASN A 57 14.14 -4.53 -3.48
N VAL A 58 12.85 -4.53 -3.68
CA VAL A 58 12.27 -5.05 -4.96
C VAL A 58 11.57 -3.91 -5.71
N LEU A 59 11.46 -4.04 -7.02
CA LEU A 59 10.80 -3.00 -7.86
C LEU A 59 9.87 -3.70 -8.87
N SER A 60 8.58 -3.48 -8.74
CA SER A 60 7.60 -4.13 -9.66
C SER A 60 7.74 -3.53 -11.07
N THR A 61 7.92 -4.39 -12.05
CA THR A 61 8.06 -3.93 -13.47
C THR A 61 6.70 -3.49 -13.99
N ASP A 62 5.65 -4.16 -13.57
CA ASP A 62 4.27 -3.81 -14.02
C ASP A 62 3.69 -2.76 -13.06
N GLU A 63 2.95 -1.81 -13.59
CA GLU A 63 2.34 -0.74 -12.74
C GLU A 63 1.16 -1.32 -11.97
N PHE A 64 0.81 -0.70 -10.85
CA PHE A 64 -0.33 -1.20 -10.03
C PHE A 64 -1.23 -0.02 -9.65
N TYR A 65 -2.53 -0.25 -9.53
CA TYR A 65 -3.48 0.84 -9.14
C TYR A 65 -3.10 1.35 -7.75
N LEU A 66 -2.96 2.65 -7.59
CA LEU A 66 -2.57 3.22 -6.25
C LEU A 66 -3.59 4.26 -5.81
N SER A 67 -4.41 3.93 -4.84
CA SER A 67 -5.43 4.89 -4.31
C SER A 67 -4.90 5.49 -3.01
N ASP A 68 -4.60 6.78 -3.00
CA ASP A 68 -4.04 7.43 -1.78
C ASP A 68 -5.01 8.46 -1.20
N CYS A 69 -5.05 8.54 0.12
CA CYS A 69 -5.95 9.53 0.80
C CYS A 69 -5.05 10.60 1.45
N ASN A 70 -5.45 11.86 1.38
CA ASN A 70 -4.61 12.94 1.98
C ASN A 70 -5.47 13.95 2.76
N ARG A 71 -4.94 14.42 3.88
CA ARG A 71 -5.67 15.41 4.72
C ARG A 71 -5.80 16.73 3.95
N ILE A 72 -6.96 16.98 3.38
CA ILE A 72 -7.19 18.24 2.60
C ILE A 72 -8.04 19.21 3.42
N LYS A 73 -8.88 18.69 4.29
CA LYS A 73 -9.75 19.58 5.13
C LYS A 73 -10.56 18.75 6.13
N LEU A 74 -10.17 18.81 7.40
CA LEU A 74 -10.90 18.07 8.50
C LEU A 74 -12.41 18.33 8.39
N PRO A 75 -13.24 17.53 9.07
CA PRO A 75 -12.80 16.40 9.92
C PRO A 75 -12.57 15.13 9.08
N CYS A 76 -13.64 14.45 8.68
CA CYS A 76 -13.50 13.20 7.89
C CYS A 76 -13.68 13.46 6.40
N HIS A 77 -13.40 14.67 5.96
CA HIS A 77 -13.53 15.01 4.50
C HIS A 77 -12.11 15.05 3.90
N TYR A 78 -11.71 13.98 3.24
CA TYR A 78 -10.35 13.90 2.63
C TYR A 78 -10.41 13.79 1.11
N LYS A 79 -9.26 13.82 0.47
CA LYS A 79 -9.20 13.72 -1.02
C LYS A 79 -8.69 12.33 -1.43
N LEU A 80 -9.04 11.89 -2.62
CA LEU A 80 -8.61 10.54 -3.11
C LEU A 80 -8.02 10.67 -4.52
N LYS A 81 -6.85 10.13 -4.74
CA LYS A 81 -6.20 10.20 -6.09
C LYS A 81 -5.74 8.80 -6.50
N LYS A 82 -6.26 8.29 -7.59
CA LYS A 82 -5.86 6.93 -8.07
C LYS A 82 -4.97 7.05 -9.31
N SER A 83 -3.91 6.27 -9.36
CA SER A 83 -2.96 6.31 -10.51
C SER A 83 -2.22 4.97 -10.61
N SER A 84 -1.99 4.50 -11.82
CA SER A 84 -1.27 3.20 -12.01
C SER A 84 0.23 3.47 -12.10
N ASN A 85 0.98 3.03 -11.12
CA ASN A 85 2.46 3.27 -11.10
C ASN A 85 3.15 2.08 -10.43
N THR A 86 4.42 1.88 -10.74
CA THR A 86 5.19 0.75 -10.12
C THR A 86 5.58 1.15 -8.70
N ILE A 87 5.74 0.18 -7.82
CA ILE A 87 6.12 0.48 -6.40
C ILE A 87 7.41 -0.21 -6.02
N CYS A 88 8.06 0.27 -4.99
CA CYS A 88 9.34 -0.32 -4.50
C CYS A 88 9.17 -0.66 -3.02
N ILE A 89 9.42 -1.90 -2.63
CA ILE A 89 9.25 -2.31 -1.21
C ILE A 89 10.46 -3.12 -0.74
N THR A 90 10.46 -3.48 0.53
CA THR A 90 11.58 -4.28 1.11
C THR A 90 11.14 -5.73 1.29
N CYS A 91 11.68 -6.63 0.49
CA CYS A 91 11.32 -8.07 0.58
C CYS A 91 12.04 -8.71 1.77
N GLU A 92 11.41 -9.67 2.41
CA GLU A 92 12.04 -10.36 3.58
C GLU A 92 11.30 -11.67 3.87
N ASN A 93 12.02 -12.77 3.83
CA ASN A 93 11.41 -14.11 4.11
C ASN A 93 10.27 -14.40 3.09
N LYS A 94 10.59 -14.34 1.82
CA LYS A 94 9.59 -14.62 0.74
C LYS A 94 8.38 -13.67 0.80
N LEU A 95 8.46 -12.59 1.56
CA LEU A 95 7.31 -11.64 1.63
C LEU A 95 7.79 -10.21 1.95
N PRO A 96 7.16 -9.20 1.35
CA PRO A 96 7.51 -7.79 1.60
C PRO A 96 6.85 -7.32 2.89
N VAL A 97 7.48 -6.40 3.61
CA VAL A 97 6.88 -5.90 4.89
C VAL A 97 7.20 -4.41 5.11
N HIS A 98 7.71 -3.72 4.11
CA HIS A 98 8.04 -2.26 4.26
C HIS A 98 8.04 -1.57 2.90
N PHE A 99 7.76 -0.27 2.88
CA PHE A 99 7.76 0.50 1.60
C PHE A 99 9.00 1.37 1.54
N VAL A 100 9.82 1.19 0.52
CA VAL A 100 11.07 1.99 0.38
C VAL A 100 10.80 3.24 -0.46
N ALA A 101 10.21 3.08 -1.62
CA ALA A 101 9.90 4.24 -2.51
C ALA A 101 8.96 3.80 -3.63
N VAL A 102 8.87 4.59 -4.68
CA VAL A 102 7.97 4.25 -5.83
C VAL A 102 8.83 3.81 -7.04
N GLU A 103 8.53 4.28 -8.24
CA GLU A 103 9.31 3.87 -9.46
C GLU A 103 10.83 4.03 -9.23
N GLU A 104 11.23 4.96 -8.39
CA GLU A 104 12.69 5.17 -8.12
C GLU A 104 13.04 4.80 -6.69
N CYS A 105 13.95 3.85 -6.53
CA CYS A 105 14.38 3.40 -5.17
C CYS A 105 15.86 3.79 -4.97
N PRO A 106 16.26 4.11 -3.73
CA PRO A 106 17.64 4.52 -3.42
C PRO A 106 18.54 3.28 -3.31
N MET A 1 3.09 -6.08 16.04
CA MET A 1 3.19 -7.14 14.99
C MET A 1 3.13 -6.47 13.61
N GLN A 2 4.20 -6.60 12.85
CA GLN A 2 4.24 -6.00 11.47
C GLN A 2 4.66 -7.08 10.47
N ASN A 3 3.71 -7.65 9.77
CA ASN A 3 4.02 -8.72 8.77
C ASN A 3 3.33 -8.41 7.44
N TRP A 4 3.52 -9.27 6.46
CA TRP A 4 2.89 -9.07 5.12
C TRP A 4 1.36 -9.00 5.25
N GLU A 5 0.82 -9.67 6.26
CA GLU A 5 -0.67 -9.66 6.47
C GLU A 5 -1.11 -8.28 6.94
N THR A 6 -0.66 -7.86 8.09
CA THR A 6 -1.05 -6.51 8.64
C THR A 6 -0.64 -5.43 7.65
N PHE A 7 0.46 -5.63 6.97
CA PHE A 7 0.96 -4.64 5.96
C PHE A 7 -0.06 -4.55 4.82
N GLN A 8 -0.52 -5.69 4.34
CA GLN A 8 -1.52 -5.70 3.22
C GLN A 8 -2.82 -5.02 3.66
N LYS A 9 -3.10 -5.04 4.94
CA LYS A 9 -4.36 -4.42 5.47
C LYS A 9 -4.31 -2.89 5.35
N LYS A 10 -3.30 -2.28 5.92
CA LYS A 10 -3.19 -0.77 5.88
C LYS A 10 -2.60 -0.28 4.55
N HIS A 11 -1.72 -1.05 3.96
CA HIS A 11 -1.07 -0.63 2.66
C HIS A 11 -1.90 -1.09 1.45
N LEU A 12 -2.33 -2.33 1.44
CA LEU A 12 -3.12 -2.85 0.28
C LEU A 12 -4.60 -2.99 0.63
N THR A 13 -5.40 -3.34 -0.33
CA THR A 13 -6.88 -3.50 -0.13
C THR A 13 -7.47 -4.37 -1.23
N ASP A 14 -8.69 -4.82 -1.05
CA ASP A 14 -9.37 -5.67 -2.08
C ASP A 14 -10.51 -4.87 -2.73
N THR A 15 -10.44 -3.56 -2.67
CA THR A 15 -11.50 -2.69 -3.26
C THR A 15 -10.90 -1.83 -4.38
N ARG A 16 -11.71 -0.97 -4.96
CA ARG A 16 -11.22 -0.07 -6.07
C ARG A 16 -11.80 1.32 -5.87
N ASP A 17 -13.07 1.40 -5.56
CA ASP A 17 -13.73 2.72 -5.33
C ASP A 17 -13.80 2.99 -3.82
N VAL A 18 -12.74 2.63 -3.11
CA VAL A 18 -12.68 2.84 -1.62
C VAL A 18 -13.06 4.28 -1.26
N LYS A 19 -13.37 4.53 -0.01
CA LYS A 19 -13.74 5.90 0.45
C LYS A 19 -12.84 6.33 1.61
N CYS A 20 -11.97 7.29 1.37
CA CYS A 20 -11.04 7.77 2.44
C CYS A 20 -11.83 8.25 3.66
N ASP A 21 -13.07 8.66 3.46
CA ASP A 21 -13.91 9.16 4.59
C ASP A 21 -14.43 8.00 5.44
N ALA A 22 -15.05 7.02 4.80
CA ALA A 22 -15.61 5.84 5.54
C ALA A 22 -14.48 4.90 5.97
N GLU A 23 -13.48 4.75 5.14
CA GLU A 23 -12.33 3.83 5.48
C GLU A 23 -11.47 4.45 6.58
N MET A 24 -10.93 5.62 6.35
CA MET A 24 -10.05 6.30 7.35
C MET A 24 -10.80 6.52 8.66
N LYS A 25 -11.98 7.08 8.59
CA LYS A 25 -12.78 7.36 9.83
C LYS A 25 -12.96 6.09 10.66
N LYS A 26 -12.91 4.93 10.03
CA LYS A 26 -13.07 3.64 10.77
C LYS A 26 -12.00 3.53 11.85
N ALA A 27 -12.28 2.80 12.91
CA ALA A 27 -11.30 2.63 14.04
C ALA A 27 -9.98 2.06 13.50
N LEU A 28 -10.02 1.40 12.37
CA LEU A 28 -8.77 0.81 11.77
C LEU A 28 -7.71 1.89 11.60
N PHE A 29 -8.08 3.03 11.06
CA PHE A 29 -7.10 4.15 10.85
C PHE A 29 -7.39 5.28 11.83
N ASP A 30 -8.65 5.46 12.20
CA ASP A 30 -9.03 6.54 13.16
C ASP A 30 -8.85 7.92 12.50
N CYS A 31 -9.33 8.06 11.27
CA CYS A 31 -9.22 9.37 10.55
C CYS A 31 -7.74 9.75 10.36
N LYS A 32 -6.89 8.77 10.10
CA LYS A 32 -5.43 9.05 9.88
C LYS A 32 -5.27 10.09 8.77
N GLN A 33 -4.44 11.09 9.02
CA GLN A 33 -4.21 12.19 8.04
C GLN A 33 -3.83 11.64 6.66
N LYS A 34 -2.88 10.73 6.59
CA LYS A 34 -2.45 10.17 5.25
C LYS A 34 -2.41 8.64 5.30
N ASN A 35 -2.76 8.02 4.19
CA ASN A 35 -2.76 6.53 4.09
C ASN A 35 -2.75 6.15 2.60
N THR A 36 -1.77 5.38 2.18
CA THR A 36 -1.69 4.97 0.74
C THR A 36 -2.30 3.57 0.56
N PHE A 37 -3.44 3.50 -0.09
CA PHE A 37 -4.12 2.18 -0.31
C PHE A 37 -3.84 1.70 -1.73
N ILE A 38 -3.27 0.51 -1.86
CA ILE A 38 -2.97 -0.05 -3.21
C ILE A 38 -3.99 -1.15 -3.53
N TYR A 39 -4.15 -1.45 -4.80
CA TYR A 39 -5.12 -2.51 -5.23
C TYR A 39 -4.35 -3.71 -5.79
N ALA A 40 -4.45 -4.86 -5.14
CA ALA A 40 -3.73 -6.07 -5.63
C ALA A 40 -4.11 -7.28 -4.78
N ARG A 41 -3.61 -8.45 -5.15
CA ARG A 41 -3.92 -9.71 -4.40
C ARG A 41 -2.66 -10.18 -3.64
N PRO A 42 -2.83 -11.11 -2.70
CA PRO A 42 -1.71 -11.63 -1.91
C PRO A 42 -0.88 -12.65 -2.72
N GLY A 43 -1.55 -13.46 -3.52
CA GLY A 43 -0.84 -14.47 -4.36
C GLY A 43 -0.24 -13.81 -5.60
N ARG A 44 -0.84 -12.71 -6.05
CA ARG A 44 -0.33 -12.01 -7.26
C ARG A 44 0.93 -11.20 -6.92
N VAL A 45 1.07 -10.79 -5.67
CA VAL A 45 2.27 -10.00 -5.24
C VAL A 45 3.33 -10.95 -4.69
N GLN A 46 2.90 -12.07 -4.14
CA GLN A 46 3.87 -13.08 -3.57
C GLN A 46 4.85 -13.51 -4.67
N ALA A 47 4.36 -13.64 -5.88
CA ALA A 47 5.23 -14.05 -7.03
C ALA A 47 6.32 -13.00 -7.25
N LEU A 48 6.00 -11.75 -6.97
CA LEU A 48 6.98 -10.62 -7.14
C LEU A 48 7.95 -10.59 -5.96
N CYS A 49 7.60 -11.21 -4.84
CA CYS A 49 8.49 -11.19 -3.65
C CYS A 49 8.88 -12.61 -3.21
N LYS A 50 8.75 -13.60 -4.09
CA LYS A 50 9.11 -15.00 -3.73
C LYS A 50 10.50 -15.31 -4.31
N ASN A 51 11.39 -14.35 -4.23
CA ASN A 51 12.78 -14.54 -4.78
C ASN A 51 13.82 -13.90 -3.83
N ILE A 52 13.41 -13.54 -2.62
CA ILE A 52 14.34 -12.90 -1.65
C ILE A 52 13.97 -13.35 -0.23
N ILE A 53 14.96 -13.56 0.60
CA ILE A 53 14.70 -13.98 2.02
C ILE A 53 15.21 -12.88 2.96
N VAL A 54 16.40 -12.36 2.68
CA VAL A 54 16.98 -11.28 3.53
C VAL A 54 16.26 -9.96 3.24
N SER A 55 16.68 -8.91 3.90
CA SER A 55 16.05 -7.56 3.69
C SER A 55 16.66 -6.89 2.45
N LYS A 56 15.86 -6.65 1.44
CA LYS A 56 16.35 -6.00 0.19
C LYS A 56 15.24 -5.13 -0.41
N ASN A 57 15.57 -4.34 -1.42
CA ASN A 57 14.56 -3.46 -2.07
C ASN A 57 14.10 -4.09 -3.38
N VAL A 58 12.82 -4.40 -3.48
CA VAL A 58 12.27 -5.03 -4.71
C VAL A 58 11.48 -3.99 -5.51
N LEU A 59 11.50 -4.11 -6.83
CA LEU A 59 10.75 -3.15 -7.70
C LEU A 59 9.82 -3.95 -8.62
N SER A 60 8.58 -3.53 -8.73
CA SER A 60 7.59 -4.24 -9.61
C SER A 60 7.78 -3.81 -11.06
N THR A 61 7.91 -4.76 -11.97
CA THR A 61 8.09 -4.43 -13.41
C THR A 61 6.76 -3.95 -14.01
N ASP A 62 5.66 -4.47 -13.50
CA ASP A 62 4.31 -4.06 -14.02
C ASP A 62 3.81 -2.85 -13.22
N GLU A 63 2.73 -2.25 -13.66
CA GLU A 63 2.16 -1.06 -12.95
C GLU A 63 0.90 -1.48 -12.18
N PHE A 64 0.81 -1.09 -10.93
CA PHE A 64 -0.38 -1.46 -10.10
C PHE A 64 -1.20 -0.20 -9.81
N TYR A 65 -2.50 -0.36 -9.65
CA TYR A 65 -3.39 0.81 -9.35
C TYR A 65 -3.05 1.33 -7.96
N LEU A 66 -3.04 2.63 -7.79
CA LEU A 66 -2.69 3.23 -6.46
C LEU A 66 -3.74 4.26 -6.03
N SER A 67 -4.47 3.94 -4.99
CA SER A 67 -5.51 4.87 -4.45
C SER A 67 -5.06 5.34 -3.06
N ASP A 68 -4.56 6.56 -2.97
CA ASP A 68 -4.05 7.09 -1.66
C ASP A 68 -4.96 8.19 -1.12
N CYS A 69 -4.99 8.33 0.19
CA CYS A 69 -5.80 9.39 0.87
C CYS A 69 -4.84 10.47 1.38
N ASN A 70 -5.10 11.72 1.06
CA ASN A 70 -4.18 12.83 1.51
C ASN A 70 -4.91 13.81 2.42
N ARG A 71 -4.33 14.11 3.57
CA ARG A 71 -4.94 15.07 4.53
C ARG A 71 -5.04 16.45 3.85
N ILE A 72 -6.17 16.72 3.24
CA ILE A 72 -6.36 18.03 2.54
C ILE A 72 -7.18 18.98 3.44
N LYS A 73 -8.03 18.43 4.28
CA LYS A 73 -8.86 19.27 5.18
C LYS A 73 -9.68 18.40 6.14
N LEU A 74 -9.42 18.53 7.42
CA LEU A 74 -10.17 17.74 8.45
C LEU A 74 -11.70 17.94 8.26
N PRO A 75 -12.51 17.14 8.94
CA PRO A 75 -12.06 16.07 9.87
C PRO A 75 -11.64 14.81 9.09
N CYS A 76 -12.59 14.12 8.51
CA CYS A 76 -12.28 12.87 7.75
C CYS A 76 -12.59 13.07 6.26
N HIS A 77 -12.55 14.30 5.79
CA HIS A 77 -12.80 14.59 4.34
C HIS A 77 -11.45 14.71 3.65
N TYR A 78 -10.99 13.64 3.05
CA TYR A 78 -9.64 13.64 2.39
C TYR A 78 -9.78 13.55 0.87
N LYS A 79 -8.64 13.56 0.20
CA LYS A 79 -8.62 13.49 -1.30
C LYS A 79 -8.22 12.07 -1.73
N LEU A 80 -8.74 11.62 -2.85
CA LEU A 80 -8.39 10.24 -3.36
C LEU A 80 -7.69 10.35 -4.70
N LYS A 81 -6.43 10.00 -4.75
CA LYS A 81 -5.66 10.06 -6.03
C LYS A 81 -5.51 8.65 -6.60
N LYS A 82 -6.06 8.41 -7.77
CA LYS A 82 -5.98 7.06 -8.42
C LYS A 82 -5.01 7.13 -9.60
N SER A 83 -3.98 6.31 -9.58
CA SER A 83 -2.98 6.31 -10.69
C SER A 83 -2.18 5.00 -10.66
N SER A 84 -1.86 4.47 -11.82
CA SER A 84 -1.08 3.19 -11.89
C SER A 84 0.40 3.53 -12.05
N ASN A 85 1.25 2.98 -11.20
CA ASN A 85 2.71 3.26 -11.28
C ASN A 85 3.50 2.09 -10.69
N THR A 86 4.81 2.13 -10.82
CA THR A 86 5.68 1.04 -10.28
C THR A 86 5.87 1.26 -8.77
N ILE A 87 6.08 0.20 -8.03
CA ILE A 87 6.26 0.32 -6.55
C ILE A 87 7.67 -0.13 -6.16
N CYS A 88 8.14 0.34 -5.02
CA CYS A 88 9.50 -0.03 -4.52
C CYS A 88 9.34 -0.39 -3.04
N ILE A 89 9.22 -1.68 -2.74
CA ILE A 89 9.02 -2.13 -1.32
C ILE A 89 10.25 -2.88 -0.83
N THR A 90 10.29 -3.18 0.46
CA THR A 90 11.44 -3.93 1.05
C THR A 90 11.03 -5.39 1.19
N CYS A 91 11.55 -6.25 0.34
CA CYS A 91 11.17 -7.69 0.38
C CYS A 91 11.99 -8.42 1.45
N GLU A 92 11.33 -9.24 2.24
CA GLU A 92 12.01 -10.02 3.31
C GLU A 92 11.10 -11.18 3.72
N ASN A 93 11.65 -12.37 3.88
CA ASN A 93 10.85 -13.56 4.28
C ASN A 93 9.84 -13.90 3.15
N LYS A 94 10.27 -13.79 1.91
CA LYS A 94 9.39 -14.12 0.73
C LYS A 94 8.21 -13.14 0.63
N LEU A 95 8.20 -12.06 1.40
CA LEU A 95 7.07 -11.07 1.32
C LEU A 95 7.57 -9.66 1.70
N PRO A 96 7.06 -8.63 1.04
CA PRO A 96 7.45 -7.23 1.31
C PRO A 96 6.62 -6.68 2.47
N VAL A 97 7.20 -5.81 3.28
CA VAL A 97 6.43 -5.22 4.42
C VAL A 97 6.88 -3.79 4.73
N HIS A 98 7.56 -3.15 3.80
CA HIS A 98 8.03 -1.75 4.04
C HIS A 98 7.99 -0.95 2.73
N PHE A 99 6.99 -0.11 2.56
CA PHE A 99 6.86 0.72 1.33
C PHE A 99 7.96 1.80 1.34
N VAL A 100 8.98 1.62 0.54
CA VAL A 100 10.10 2.61 0.48
C VAL A 100 9.69 3.82 -0.36
N ALA A 101 9.40 3.59 -1.62
CA ALA A 101 8.99 4.71 -2.52
C ALA A 101 8.25 4.16 -3.74
N VAL A 102 8.09 4.97 -4.77
CA VAL A 102 7.37 4.53 -6.01
C VAL A 102 8.41 4.02 -7.04
N GLU A 103 8.12 4.15 -8.33
CA GLU A 103 9.06 3.67 -9.40
C GLU A 103 10.51 4.09 -9.10
N GLU A 104 10.69 5.24 -8.49
CA GLU A 104 12.08 5.73 -8.16
C GLU A 104 12.32 5.63 -6.66
N CYS A 105 13.25 4.78 -6.26
CA CYS A 105 13.58 4.62 -4.82
C CYS A 105 14.82 5.49 -4.48
N PRO A 106 14.86 6.05 -3.28
CA PRO A 106 15.99 6.90 -2.86
C PRO A 106 17.18 6.05 -2.42
N MET A 1 6.63 -7.51 15.89
CA MET A 1 6.88 -6.46 14.84
C MET A 1 5.87 -6.62 13.71
N GLN A 2 5.72 -5.58 12.92
CA GLN A 2 4.75 -5.61 11.77
C GLN A 2 5.21 -6.65 10.74
N ASN A 3 4.26 -7.28 10.07
CA ASN A 3 4.61 -8.31 9.04
C ASN A 3 3.85 -8.01 7.74
N TRP A 4 4.02 -8.87 6.74
CA TRP A 4 3.33 -8.69 5.43
C TRP A 4 1.81 -8.59 5.65
N GLU A 5 1.29 -9.30 6.63
CA GLU A 5 -0.18 -9.28 6.91
C GLU A 5 -0.62 -7.88 7.34
N THR A 6 0.11 -7.28 8.27
CA THR A 6 -0.25 -5.91 8.75
C THR A 6 0.00 -4.90 7.62
N PHE A 7 1.01 -5.14 6.83
CA PHE A 7 1.35 -4.24 5.70
C PHE A 7 0.21 -4.25 4.66
N GLN A 8 -0.10 -5.43 4.13
CA GLN A 8 -1.20 -5.53 3.10
C GLN A 8 -2.49 -4.93 3.65
N LYS A 9 -2.72 -5.07 4.94
CA LYS A 9 -3.97 -4.53 5.57
C LYS A 9 -4.07 -3.02 5.33
N LYS A 10 -3.06 -2.28 5.75
CA LYS A 10 -3.09 -0.79 5.59
C LYS A 10 -2.65 -0.37 4.19
N HIS A 11 -1.97 -1.24 3.47
CA HIS A 11 -1.47 -0.88 2.10
C HIS A 11 -2.36 -1.43 0.99
N LEU A 12 -2.43 -2.74 0.83
CA LEU A 12 -3.25 -3.34 -0.28
C LEU A 12 -4.69 -3.61 0.14
N THR A 13 -5.54 -3.75 -0.84
CA THR A 13 -7.00 -4.03 -0.59
C THR A 13 -7.58 -4.76 -1.82
N ASP A 14 -8.79 -5.26 -1.71
CA ASP A 14 -9.43 -5.99 -2.85
C ASP A 14 -10.67 -5.21 -3.33
N THR A 15 -10.72 -3.92 -3.08
CA THR A 15 -11.88 -3.09 -3.53
C THR A 15 -11.38 -1.85 -4.27
N ARG A 16 -11.81 -1.66 -5.50
CA ARG A 16 -11.37 -0.48 -6.30
C ARG A 16 -12.33 0.71 -6.09
N ASP A 17 -13.10 0.69 -5.01
CA ASP A 17 -14.05 1.82 -4.73
C ASP A 17 -13.91 2.24 -3.27
N VAL A 18 -12.71 2.12 -2.73
CA VAL A 18 -12.45 2.51 -1.29
C VAL A 18 -13.00 3.92 -1.01
N LYS A 19 -13.38 4.16 0.23
CA LYS A 19 -13.93 5.50 0.63
C LYS A 19 -13.03 6.09 1.74
N CYS A 20 -12.14 6.98 1.38
CA CYS A 20 -11.20 7.59 2.37
C CYS A 20 -11.95 8.20 3.55
N ASP A 21 -13.17 8.64 3.36
CA ASP A 21 -13.96 9.27 4.47
C ASP A 21 -14.42 8.21 5.49
N ALA A 22 -15.26 7.30 5.06
CA ALA A 22 -15.80 6.24 5.98
C ALA A 22 -14.73 5.20 6.30
N GLU A 23 -13.82 4.96 5.38
CA GLU A 23 -12.74 3.95 5.60
C GLU A 23 -11.70 4.50 6.57
N MET A 24 -11.12 5.65 6.28
CA MET A 24 -10.09 6.25 7.16
C MET A 24 -10.68 6.59 8.54
N LYS A 25 -11.97 6.85 8.59
CA LYS A 25 -12.64 7.20 9.88
C LYS A 25 -12.69 5.96 10.79
N LYS A 26 -12.63 4.77 10.22
CA LYS A 26 -12.69 3.51 11.05
C LYS A 26 -11.58 3.54 12.10
N ALA A 27 -11.74 2.77 13.16
CA ALA A 27 -10.74 2.72 14.27
C ALA A 27 -9.38 2.29 13.72
N LEU A 28 -9.37 1.52 12.65
CA LEU A 28 -8.08 1.04 12.05
C LEU A 28 -7.17 2.23 11.72
N PHE A 29 -7.76 3.38 11.45
CA PHE A 29 -6.95 4.60 11.12
C PHE A 29 -7.31 5.73 12.09
N ASP A 30 -8.57 5.85 12.44
CA ASP A 30 -9.02 6.93 13.38
C ASP A 30 -8.85 8.30 12.71
N CYS A 31 -9.34 8.43 11.50
CA CYS A 31 -9.23 9.74 10.76
C CYS A 31 -7.76 10.12 10.58
N LYS A 32 -6.97 9.19 10.08
CA LYS A 32 -5.52 9.45 9.84
C LYS A 32 -5.40 10.46 8.68
N GLN A 33 -4.49 11.41 8.81
CA GLN A 33 -4.28 12.46 7.76
C GLN A 33 -4.29 11.86 6.34
N LYS A 34 -3.23 11.16 5.98
CA LYS A 34 -3.16 10.54 4.61
C LYS A 34 -2.71 9.08 4.72
N ASN A 35 -2.96 8.32 3.67
CA ASN A 35 -2.56 6.87 3.64
C ASN A 35 -2.49 6.43 2.17
N THR A 36 -1.46 5.70 1.81
CA THR A 36 -1.31 5.23 0.39
C THR A 36 -1.79 3.78 0.28
N PHE A 37 -2.96 3.59 -0.29
CA PHE A 37 -3.51 2.20 -0.47
C PHE A 37 -3.26 1.76 -1.92
N ILE A 38 -3.34 0.46 -2.17
CA ILE A 38 -3.08 -0.07 -3.55
C ILE A 38 -4.11 -1.17 -3.87
N TYR A 39 -4.26 -1.47 -5.14
CA TYR A 39 -5.22 -2.54 -5.57
C TYR A 39 -4.45 -3.74 -6.09
N ALA A 40 -4.53 -4.86 -5.39
CA ALA A 40 -3.80 -6.10 -5.82
C ALA A 40 -4.16 -7.26 -4.89
N ARG A 41 -3.91 -8.47 -5.33
CA ARG A 41 -4.22 -9.68 -4.51
C ARG A 41 -2.92 -10.19 -3.85
N PRO A 42 -3.04 -11.05 -2.85
CA PRO A 42 -1.87 -11.61 -2.13
C PRO A 42 -1.17 -12.66 -2.99
N GLY A 43 -1.92 -13.36 -3.80
CA GLY A 43 -1.33 -14.41 -4.68
C GLY A 43 -0.65 -13.74 -5.88
N ARG A 44 -1.18 -12.62 -6.31
CA ARG A 44 -0.60 -11.88 -7.48
C ARG A 44 0.62 -11.08 -7.01
N VAL A 45 0.64 -10.68 -5.76
CA VAL A 45 1.80 -9.90 -5.21
C VAL A 45 2.86 -10.86 -4.68
N GLN A 46 2.45 -12.01 -4.20
CA GLN A 46 3.41 -13.03 -3.66
C GLN A 46 4.44 -13.36 -4.75
N ALA A 47 4.00 -13.42 -5.98
CA ALA A 47 4.92 -13.73 -7.12
C ALA A 47 5.97 -12.63 -7.22
N LEU A 48 5.58 -11.41 -6.94
CA LEU A 48 6.51 -10.25 -7.00
C LEU A 48 7.48 -10.29 -5.82
N CYS A 49 7.09 -10.91 -4.72
CA CYS A 49 7.98 -10.97 -3.51
C CYS A 49 8.45 -12.41 -3.23
N LYS A 50 8.38 -13.27 -4.23
CA LYS A 50 8.85 -14.68 -4.04
C LYS A 50 10.24 -14.81 -4.70
N ASN A 51 11.04 -13.78 -4.56
CA ASN A 51 12.40 -13.77 -5.18
C ASN A 51 13.49 -13.52 -4.11
N ILE A 52 13.13 -12.88 -3.02
CA ILE A 52 14.14 -12.59 -1.95
C ILE A 52 13.69 -13.19 -0.61
N ILE A 53 14.63 -13.63 0.19
CA ILE A 53 14.32 -14.22 1.53
C ILE A 53 14.80 -13.25 2.60
N VAL A 54 15.96 -12.67 2.40
CA VAL A 54 16.53 -11.70 3.37
C VAL A 54 15.96 -10.31 3.09
N SER A 55 16.05 -9.42 4.05
CA SER A 55 15.51 -8.04 3.88
C SER A 55 16.22 -7.33 2.71
N LYS A 56 15.47 -7.02 1.67
CA LYS A 56 16.05 -6.32 0.48
C LYS A 56 14.96 -5.49 -0.20
N ASN A 57 15.36 -4.52 -1.01
CA ASN A 57 14.36 -3.65 -1.70
C ASN A 57 14.16 -4.12 -3.15
N VAL A 58 12.92 -4.32 -3.55
CA VAL A 58 12.62 -4.76 -4.95
C VAL A 58 11.72 -3.72 -5.63
N LEU A 59 11.71 -3.71 -6.94
CA LEU A 59 10.87 -2.74 -7.72
C LEU A 59 9.87 -3.51 -8.59
N SER A 60 8.60 -3.18 -8.50
CA SER A 60 7.55 -3.87 -9.31
C SER A 60 7.88 -3.71 -10.80
N THR A 61 7.85 -4.80 -11.53
CA THR A 61 8.15 -4.77 -12.98
C THR A 61 6.92 -4.30 -13.77
N ASP A 62 5.74 -4.56 -13.24
CA ASP A 62 4.47 -4.13 -13.91
C ASP A 62 3.85 -2.99 -13.13
N GLU A 63 3.21 -2.05 -13.80
CA GLU A 63 2.57 -0.89 -13.12
C GLU A 63 1.44 -1.39 -12.23
N PHE A 64 1.15 -0.69 -11.15
CA PHE A 64 0.06 -1.10 -10.22
C PHE A 64 -0.88 0.08 -9.94
N TYR A 65 -2.17 -0.16 -9.95
CA TYR A 65 -3.16 0.93 -9.67
C TYR A 65 -2.98 1.37 -8.21
N LEU A 66 -2.91 2.66 -7.98
CA LEU A 66 -2.70 3.18 -6.58
C LEU A 66 -3.86 4.07 -6.15
N SER A 67 -4.47 3.74 -5.03
CA SER A 67 -5.61 4.55 -4.49
C SER A 67 -5.17 5.07 -3.11
N ASP A 68 -4.83 6.34 -3.04
CA ASP A 68 -4.34 6.92 -1.74
C ASP A 68 -5.26 8.03 -1.24
N CYS A 69 -5.28 8.21 0.06
CA CYS A 69 -6.11 9.29 0.70
C CYS A 69 -5.16 10.41 1.11
N ASN A 70 -5.60 11.65 1.04
CA ASN A 70 -4.70 12.80 1.41
C ASN A 70 -5.43 13.86 2.25
N ARG A 71 -4.78 14.33 3.29
CA ARG A 71 -5.36 15.39 4.18
C ARG A 71 -5.60 16.63 3.33
N ILE A 72 -6.85 17.00 3.15
CA ILE A 72 -7.19 18.21 2.35
C ILE A 72 -7.99 19.19 3.22
N LYS A 73 -8.93 18.67 4.00
CA LYS A 73 -9.74 19.54 4.89
C LYS A 73 -10.44 18.71 5.97
N LEU A 74 -10.02 18.85 7.20
CA LEU A 74 -10.64 18.10 8.36
C LEU A 74 -12.18 18.17 8.27
N PRO A 75 -12.87 17.34 9.04
CA PRO A 75 -12.27 16.36 9.97
C PRO A 75 -11.84 15.08 9.23
N CYS A 76 -12.79 14.34 8.69
CA CYS A 76 -12.46 13.08 7.96
C CYS A 76 -12.83 13.23 6.48
N HIS A 77 -12.75 14.43 5.96
CA HIS A 77 -13.06 14.67 4.52
C HIS A 77 -11.74 14.73 3.73
N TYR A 78 -11.31 13.60 3.22
CA TYR A 78 -10.03 13.53 2.45
C TYR A 78 -10.32 13.26 0.98
N LYS A 79 -9.30 13.35 0.14
CA LYS A 79 -9.49 13.10 -1.33
C LYS A 79 -8.85 11.78 -1.73
N LEU A 80 -9.39 11.14 -2.74
CA LEU A 80 -8.83 9.84 -3.23
C LEU A 80 -8.10 10.08 -4.55
N LYS A 81 -6.93 9.50 -4.71
CA LYS A 81 -6.15 9.69 -5.96
C LYS A 81 -5.90 8.34 -6.63
N LYS A 82 -6.16 8.26 -7.93
CA LYS A 82 -5.96 6.98 -8.69
C LYS A 82 -4.84 7.18 -9.72
N SER A 83 -3.80 6.39 -9.63
CA SER A 83 -2.66 6.50 -10.58
C SER A 83 -1.92 5.17 -10.68
N SER A 84 -1.56 4.79 -11.88
CA SER A 84 -0.82 3.49 -12.10
C SER A 84 0.68 3.79 -12.15
N ASN A 85 1.42 3.32 -11.17
CA ASN A 85 2.90 3.56 -11.13
C ASN A 85 3.60 2.36 -10.49
N THR A 86 4.88 2.20 -10.73
CA THR A 86 5.64 1.06 -10.13
C THR A 86 5.96 1.39 -8.68
N ILE A 87 5.96 0.39 -7.81
CA ILE A 87 6.25 0.64 -6.36
C ILE A 87 7.60 0.03 -5.98
N CYS A 88 8.15 0.51 -4.90
CA CYS A 88 9.47 -0.01 -4.39
C CYS A 88 9.27 -0.42 -2.93
N ILE A 89 9.27 -1.71 -2.66
CA ILE A 89 9.05 -2.18 -1.26
C ILE A 89 10.22 -3.04 -0.77
N THR A 90 10.19 -3.43 0.47
CA THR A 90 11.28 -4.27 1.06
C THR A 90 10.75 -5.69 1.29
N CYS A 91 11.21 -6.63 0.50
CA CYS A 91 10.77 -8.04 0.63
C CYS A 91 11.51 -8.70 1.80
N GLU A 92 10.85 -9.64 2.45
CA GLU A 92 11.48 -10.34 3.62
C GLU A 92 10.77 -11.68 3.85
N ASN A 93 11.50 -12.77 3.68
CA ASN A 93 10.92 -14.14 3.88
C ASN A 93 9.80 -14.39 2.83
N LYS A 94 10.10 -14.13 1.58
CA LYS A 94 9.12 -14.36 0.47
C LYS A 94 7.86 -13.49 0.63
N LEU A 95 7.88 -12.49 1.50
CA LEU A 95 6.69 -11.60 1.66
C LEU A 95 7.15 -10.16 1.97
N PRO A 96 6.49 -9.16 1.36
CA PRO A 96 6.84 -7.74 1.57
C PRO A 96 6.26 -7.24 2.89
N VAL A 97 6.96 -6.33 3.55
CA VAL A 97 6.45 -5.81 4.87
C VAL A 97 6.71 -4.30 5.03
N HIS A 98 7.66 -3.73 4.30
CA HIS A 98 7.96 -2.27 4.44
C HIS A 98 7.83 -1.57 3.08
N PHE A 99 7.74 -0.26 3.11
CA PHE A 99 7.60 0.54 1.84
C PHE A 99 8.82 1.46 1.73
N VAL A 100 9.68 1.20 0.77
CA VAL A 100 10.91 2.05 0.59
C VAL A 100 10.54 3.34 -0.15
N ALA A 101 10.13 3.23 -1.39
CA ALA A 101 9.76 4.44 -2.19
C ALA A 101 8.95 4.04 -3.43
N VAL A 102 8.85 4.92 -4.40
CA VAL A 102 8.08 4.63 -5.65
C VAL A 102 9.08 4.36 -6.79
N GLU A 103 8.79 4.78 -8.01
CA GLU A 103 9.71 4.53 -9.18
C GLU A 103 11.16 4.90 -8.82
N GLU A 104 11.34 5.82 -7.90
CA GLU A 104 12.71 6.26 -7.48
C GLU A 104 12.99 5.74 -6.06
N CYS A 105 13.82 4.73 -5.95
CA CYS A 105 14.16 4.14 -4.62
C CYS A 105 15.55 4.65 -4.17
N PRO A 106 15.59 5.60 -3.24
CA PRO A 106 16.88 6.15 -2.74
C PRO A 106 17.53 5.17 -1.76
N MET A 1 9.04 -3.91 11.94
CA MET A 1 8.21 -4.34 13.10
C MET A 1 6.99 -5.11 12.59
N GLN A 2 6.10 -4.42 11.89
CA GLN A 2 4.87 -5.08 11.35
C GLN A 2 5.28 -6.05 10.23
N ASN A 3 4.63 -7.19 10.14
CA ASN A 3 4.96 -8.20 9.09
C ASN A 3 4.18 -7.89 7.81
N TRP A 4 4.33 -8.72 6.81
CA TRP A 4 3.61 -8.52 5.50
C TRP A 4 2.09 -8.58 5.76
N GLU A 5 1.68 -9.34 6.74
CA GLU A 5 0.21 -9.46 7.06
C GLU A 5 -0.33 -8.11 7.52
N THR A 6 0.12 -7.64 8.68
CA THR A 6 -0.35 -6.33 9.22
C THR A 6 -0.08 -5.22 8.21
N PHE A 7 1.06 -5.29 7.54
CA PHE A 7 1.41 -4.26 6.52
C PHE A 7 0.34 -4.26 5.42
N GLN A 8 -0.05 -5.42 4.96
CA GLN A 8 -1.09 -5.53 3.89
C GLN A 8 -2.38 -4.83 4.35
N LYS A 9 -2.73 -5.01 5.60
CA LYS A 9 -3.98 -4.40 6.16
C LYS A 9 -3.97 -2.88 5.97
N LYS A 10 -2.93 -2.23 6.44
CA LYS A 10 -2.85 -0.72 6.35
C LYS A 10 -2.35 -0.25 4.98
N HIS A 11 -1.60 -1.07 4.27
CA HIS A 11 -1.04 -0.63 2.95
C HIS A 11 -1.90 -1.11 1.78
N LEU A 12 -2.05 -2.42 1.60
CA LEU A 12 -2.85 -2.94 0.46
C LEU A 12 -4.32 -3.05 0.85
N THR A 13 -5.18 -3.00 -0.15
CA THR A 13 -6.66 -3.10 0.07
C THR A 13 -7.24 -4.16 -0.88
N ASP A 14 -8.52 -4.40 -0.78
CA ASP A 14 -9.19 -5.40 -1.67
C ASP A 14 -10.09 -4.68 -2.68
N THR A 15 -9.85 -3.40 -2.91
CA THR A 15 -10.68 -2.60 -3.88
C THR A 15 -9.79 -1.57 -4.59
N ARG A 16 -10.05 -1.32 -5.85
CA ARG A 16 -9.23 -0.31 -6.61
C ARG A 16 -9.90 1.07 -6.50
N ASP A 17 -11.20 1.10 -6.35
CA ASP A 17 -11.94 2.40 -6.23
C ASP A 17 -12.18 2.69 -4.73
N VAL A 18 -11.16 2.49 -3.93
CA VAL A 18 -11.27 2.73 -2.45
C VAL A 18 -11.69 4.18 -2.18
N LYS A 19 -12.20 4.42 -1.00
CA LYS A 19 -12.64 5.81 -0.61
C LYS A 19 -11.90 6.23 0.66
N CYS A 20 -12.09 7.46 1.09
CA CYS A 20 -11.39 7.95 2.32
C CYS A 20 -12.41 8.32 3.40
N ASP A 21 -13.62 8.65 3.02
CA ASP A 21 -14.68 9.04 4.01
C ASP A 21 -15.07 7.84 4.86
N ALA A 22 -15.71 6.86 4.28
CA ALA A 22 -16.15 5.64 5.04
C ALA A 22 -14.96 4.73 5.35
N GLU A 23 -13.98 4.71 4.47
CA GLU A 23 -12.78 3.85 4.68
C GLU A 23 -11.98 4.33 5.89
N MET A 24 -11.52 5.56 5.86
CA MET A 24 -10.72 6.12 7.00
C MET A 24 -11.56 6.16 8.28
N LYS A 25 -12.82 6.48 8.16
CA LYS A 25 -13.73 6.55 9.37
C LYS A 25 -13.66 5.23 10.17
N LYS A 26 -13.29 4.14 9.51
CA LYS A 26 -13.20 2.82 10.23
C LYS A 26 -12.32 2.95 11.47
N ALA A 27 -12.61 2.16 12.49
CA ALA A 27 -11.84 2.21 13.77
C ALA A 27 -10.34 1.97 13.51
N LEU A 28 -10.02 1.31 12.41
CA LEU A 28 -8.58 1.02 12.08
C LEU A 28 -7.77 2.32 12.05
N PHE A 29 -8.31 3.36 11.44
CA PHE A 29 -7.59 4.67 11.36
C PHE A 29 -8.35 5.74 12.13
N ASP A 30 -9.66 5.63 12.20
CA ASP A 30 -10.50 6.63 12.93
C ASP A 30 -10.44 7.98 12.19
N CYS A 31 -10.65 7.95 10.89
CA CYS A 31 -10.62 9.20 10.06
C CYS A 31 -9.30 9.94 10.26
N LYS A 32 -8.19 9.27 10.00
CA LYS A 32 -6.85 9.89 10.16
C LYS A 32 -6.69 11.05 9.18
N GLN A 33 -5.50 11.60 9.10
CA GLN A 33 -5.23 12.76 8.18
C GLN A 33 -4.99 12.25 6.77
N LYS A 34 -4.02 11.37 6.59
CA LYS A 34 -3.71 10.83 5.23
C LYS A 34 -3.05 9.46 5.34
N ASN A 35 -3.14 8.68 4.28
CA ASN A 35 -2.52 7.31 4.25
C ASN A 35 -2.40 6.86 2.80
N THR A 36 -1.35 6.12 2.47
CA THR A 36 -1.15 5.64 1.07
C THR A 36 -1.61 4.18 0.96
N PHE A 37 -2.74 3.96 0.34
CA PHE A 37 -3.27 2.58 0.17
C PHE A 37 -3.01 2.09 -1.26
N ILE A 38 -2.45 0.91 -1.40
CA ILE A 38 -2.15 0.35 -2.75
C ILE A 38 -3.20 -0.69 -3.12
N TYR A 39 -3.30 -1.02 -4.39
CA TYR A 39 -4.30 -2.03 -4.85
C TYR A 39 -3.55 -3.25 -5.38
N ALA A 40 -3.76 -4.40 -4.78
CA ALA A 40 -3.07 -5.66 -5.23
C ALA A 40 -3.54 -6.84 -4.39
N ARG A 41 -3.28 -8.05 -4.85
CA ARG A 41 -3.69 -9.28 -4.12
C ARG A 41 -2.46 -9.94 -3.47
N PRO A 42 -2.68 -10.88 -2.55
CA PRO A 42 -1.57 -11.58 -1.87
C PRO A 42 -0.95 -12.63 -2.81
N GLY A 43 -1.76 -13.18 -3.69
CA GLY A 43 -1.24 -14.21 -4.65
C GLY A 43 -0.51 -13.53 -5.80
N ARG A 44 -0.95 -12.34 -6.16
CA ARG A 44 -0.31 -11.58 -7.28
C ARG A 44 0.96 -10.89 -6.77
N VAL A 45 1.01 -10.57 -5.49
CA VAL A 45 2.20 -9.89 -4.91
C VAL A 45 3.19 -10.96 -4.44
N GLN A 46 2.69 -12.09 -3.98
CA GLN A 46 3.57 -13.20 -3.50
C GLN A 46 4.48 -13.64 -4.64
N ALA A 47 3.93 -13.78 -5.83
CA ALA A 47 4.73 -14.19 -7.03
C ALA A 47 5.89 -13.21 -7.24
N LEU A 48 5.74 -11.99 -6.75
CA LEU A 48 6.82 -10.96 -6.91
C LEU A 48 7.79 -11.04 -5.73
N CYS A 49 7.31 -11.45 -4.58
CA CYS A 49 8.19 -11.53 -3.36
C CYS A 49 8.48 -12.99 -2.97
N LYS A 50 8.17 -13.94 -3.83
CA LYS A 50 8.44 -15.37 -3.52
C LYS A 50 9.73 -15.81 -4.24
N ASN A 51 10.69 -14.91 -4.30
CA ASN A 51 11.99 -15.21 -4.97
C ASN A 51 13.17 -14.98 -4.01
N ILE A 52 13.04 -14.02 -3.11
CA ILE A 52 14.16 -13.72 -2.15
C ILE A 52 13.73 -14.07 -0.72
N ILE A 53 14.67 -14.44 0.10
CA ILE A 53 14.38 -14.80 1.52
C ILE A 53 15.01 -13.74 2.43
N VAL A 54 16.21 -13.31 2.10
CA VAL A 54 16.92 -12.27 2.91
C VAL A 54 16.22 -10.93 2.73
N SER A 55 16.78 -9.90 3.33
CA SER A 55 16.19 -8.53 3.22
C SER A 55 16.78 -7.80 2.01
N LYS A 56 15.95 -7.46 1.05
CA LYS A 56 16.42 -6.75 -0.17
C LYS A 56 15.28 -5.88 -0.73
N ASN A 57 15.58 -5.04 -1.70
CA ASN A 57 14.54 -4.15 -2.31
C ASN A 57 14.13 -4.72 -3.67
N VAL A 58 12.84 -4.79 -3.91
CA VAL A 58 12.33 -5.33 -5.22
C VAL A 58 11.48 -4.27 -5.93
N LEU A 59 11.56 -4.22 -7.24
CA LEU A 59 10.76 -3.23 -8.03
C LEU A 59 9.85 -3.99 -9.00
N SER A 60 8.58 -3.66 -9.01
CA SER A 60 7.62 -4.34 -9.93
C SER A 60 7.84 -3.85 -11.35
N THR A 61 7.38 -4.62 -12.31
CA THR A 61 7.54 -4.24 -13.75
C THR A 61 6.21 -3.69 -14.28
N ASP A 62 5.11 -4.18 -13.76
CA ASP A 62 3.76 -3.72 -14.22
C ASP A 62 3.24 -2.64 -13.27
N GLU A 63 2.62 -1.62 -13.82
CA GLU A 63 2.09 -0.50 -12.97
C GLU A 63 0.83 -0.98 -12.23
N PHE A 64 0.70 -0.60 -10.98
CA PHE A 64 -0.50 -1.03 -10.17
C PHE A 64 -1.26 0.21 -9.69
N TYR A 65 -2.57 0.08 -9.54
CA TYR A 65 -3.41 1.23 -9.09
C TYR A 65 -2.94 1.69 -7.70
N LEU A 66 -2.98 2.99 -7.47
CA LEU A 66 -2.54 3.56 -6.15
C LEU A 66 -3.61 4.52 -5.62
N SER A 67 -4.22 4.17 -4.49
CA SER A 67 -5.28 5.05 -3.89
C SER A 67 -4.79 5.57 -2.53
N ASP A 68 -4.55 6.86 -2.43
CA ASP A 68 -4.06 7.45 -1.15
C ASP A 68 -5.01 8.55 -0.67
N CYS A 69 -5.15 8.70 0.64
CA CYS A 69 -6.04 9.76 1.21
C CYS A 69 -5.18 10.95 1.65
N ASN A 70 -5.71 12.15 1.55
CA ASN A 70 -4.93 13.37 1.96
C ASN A 70 -5.78 14.30 2.81
N ARG A 71 -5.24 14.76 3.91
CA ARG A 71 -5.96 15.69 4.82
C ARG A 71 -6.15 17.04 4.12
N ILE A 72 -7.36 17.32 3.69
CA ILE A 72 -7.63 18.62 2.98
C ILE A 72 -8.57 19.50 3.81
N LYS A 73 -9.39 18.90 4.65
CA LYS A 73 -10.34 19.68 5.50
C LYS A 73 -11.10 18.75 6.43
N LEU A 74 -10.81 18.81 7.71
CA LEU A 74 -11.50 17.96 8.73
C LEU A 74 -13.03 18.19 8.62
N PRO A 75 -13.82 17.38 9.31
CA PRO A 75 -13.36 16.26 10.18
C PRO A 75 -13.07 15.00 9.35
N CYS A 76 -14.07 14.47 8.69
CA CYS A 76 -13.89 13.23 7.86
C CYS A 76 -13.99 13.57 6.37
N HIS A 77 -13.74 14.81 6.00
CA HIS A 77 -13.79 15.21 4.56
C HIS A 77 -12.38 15.21 3.99
N TYR A 78 -12.02 14.17 3.27
CA TYR A 78 -10.64 14.06 2.69
C TYR A 78 -10.70 13.88 1.18
N LYS A 79 -9.54 13.90 0.54
CA LYS A 79 -9.47 13.73 -0.95
C LYS A 79 -8.83 12.39 -1.26
N LEU A 80 -9.06 11.87 -2.45
CA LEU A 80 -8.47 10.56 -2.85
C LEU A 80 -7.70 10.70 -4.16
N LYS A 81 -6.45 10.28 -4.17
CA LYS A 81 -5.62 10.38 -5.41
C LYS A 81 -5.48 8.99 -6.05
N LYS A 82 -5.99 8.83 -7.25
CA LYS A 82 -5.91 7.52 -7.96
C LYS A 82 -4.93 7.62 -9.13
N SER A 83 -3.93 6.77 -9.14
CA SER A 83 -2.92 6.80 -10.25
C SER A 83 -2.18 5.45 -10.29
N SER A 84 -1.93 4.96 -11.48
CA SER A 84 -1.22 3.64 -11.63
C SER A 84 0.27 3.89 -11.84
N ASN A 85 1.09 3.28 -11.02
CA ASN A 85 2.58 3.46 -11.14
C ASN A 85 3.29 2.25 -10.54
N THR A 86 4.57 2.11 -10.83
CA THR A 86 5.36 0.96 -10.28
C THR A 86 5.72 1.26 -8.82
N ILE A 87 5.91 0.24 -8.02
CA ILE A 87 6.26 0.46 -6.58
C ILE A 87 7.56 -0.26 -6.24
N CYS A 88 8.20 0.16 -5.17
CA CYS A 88 9.48 -0.46 -4.70
C CYS A 88 9.34 -0.82 -3.23
N ILE A 89 9.28 -2.10 -2.91
CA ILE A 89 9.12 -2.54 -1.49
C ILE A 89 10.35 -3.34 -1.04
N THR A 90 10.37 -3.70 0.23
CA THR A 90 11.50 -4.48 0.79
C THR A 90 11.03 -5.91 1.04
N CYS A 91 11.52 -6.86 0.27
CA CYS A 91 11.11 -8.28 0.44
C CYS A 91 11.88 -8.89 1.61
N GLU A 92 11.24 -9.79 2.33
CA GLU A 92 11.89 -10.44 3.51
C GLU A 92 11.16 -11.75 3.83
N ASN A 93 11.84 -12.86 3.74
CA ASN A 93 11.22 -14.18 4.07
C ASN A 93 10.04 -14.46 3.13
N LYS A 94 10.27 -14.36 1.84
CA LYS A 94 9.21 -14.63 0.81
C LYS A 94 8.02 -13.66 0.94
N LEU A 95 8.16 -12.59 1.71
CA LEU A 95 7.03 -11.61 1.84
C LEU A 95 7.58 -10.20 2.14
N PRO A 96 7.02 -9.16 1.49
CA PRO A 96 7.46 -7.77 1.70
C PRO A 96 6.79 -7.19 2.93
N VAL A 97 7.47 -6.33 3.67
CA VAL A 97 6.86 -5.72 4.90
C VAL A 97 7.24 -4.24 5.07
N HIS A 98 7.94 -3.66 4.11
CA HIS A 98 8.34 -2.22 4.24
C HIS A 98 8.21 -1.51 2.89
N PHE A 99 7.64 -0.32 2.90
CA PHE A 99 7.47 0.47 1.64
C PHE A 99 8.74 1.30 1.41
N VAL A 100 9.49 1.00 0.36
CA VAL A 100 10.74 1.75 0.07
C VAL A 100 10.44 3.05 -0.68
N ALA A 101 10.05 2.95 -1.94
CA ALA A 101 9.73 4.19 -2.74
C ALA A 101 8.80 3.82 -3.89
N VAL A 102 8.69 4.70 -4.87
CA VAL A 102 7.80 4.46 -6.05
C VAL A 102 8.58 3.71 -7.15
N GLU A 103 8.19 3.86 -8.40
CA GLU A 103 8.88 3.16 -9.55
C GLU A 103 10.41 3.23 -9.42
N GLU A 104 10.92 4.30 -8.85
CA GLU A 104 12.41 4.45 -8.71
C GLU A 104 12.81 4.29 -7.24
N CYS A 105 13.74 3.40 -6.97
CA CYS A 105 14.22 3.18 -5.57
C CYS A 105 15.54 3.95 -5.35
N PRO A 106 15.83 4.30 -4.11
CA PRO A 106 17.06 5.06 -3.78
C PRO A 106 18.27 4.12 -3.73
N MET A 1 6.06 -1.36 14.68
CA MET A 1 6.33 -2.79 14.39
C MET A 1 5.19 -3.38 13.57
N GLN A 2 5.50 -4.25 12.63
CA GLN A 2 4.45 -4.88 11.77
C GLN A 2 5.10 -5.86 10.78
N ASN A 3 4.33 -6.79 10.28
CA ASN A 3 4.86 -7.80 9.32
C ASN A 3 4.03 -7.76 8.03
N TRP A 4 4.30 -8.66 7.10
CA TRP A 4 3.53 -8.71 5.81
C TRP A 4 2.03 -8.74 6.08
N GLU A 5 1.63 -9.24 7.23
CA GLU A 5 0.17 -9.32 7.57
C GLU A 5 -0.39 -7.90 7.74
N THR A 6 0.04 -7.22 8.78
CA THR A 6 -0.46 -5.82 9.05
C THR A 6 -0.17 -4.93 7.85
N PHE A 7 0.88 -5.21 7.11
CA PHE A 7 1.23 -4.40 5.90
C PHE A 7 0.13 -4.55 4.85
N GLN A 8 -0.19 -5.78 4.50
CA GLN A 8 -1.25 -6.04 3.47
C GLN A 8 -2.57 -5.38 3.91
N LYS A 9 -2.78 -5.28 5.20
CA LYS A 9 -4.04 -4.68 5.74
C LYS A 9 -4.15 -3.19 5.39
N LYS A 10 -3.17 -2.40 5.79
CA LYS A 10 -3.20 -0.92 5.55
C LYS A 10 -2.64 -0.54 4.17
N HIS A 11 -1.92 -1.43 3.52
CA HIS A 11 -1.30 -1.08 2.19
C HIS A 11 -2.02 -1.75 1.01
N LEU A 12 -2.93 -2.66 1.24
CA LEU A 12 -3.64 -3.34 0.11
C LEU A 12 -5.15 -3.44 0.37
N THR A 13 -5.93 -3.19 -0.66
CA THR A 13 -7.42 -3.26 -0.55
C THR A 13 -7.96 -4.17 -1.65
N ASP A 14 -9.24 -4.50 -1.60
CA ASP A 14 -9.84 -5.40 -2.64
C ASP A 14 -10.94 -4.63 -3.41
N THR A 15 -10.82 -3.32 -3.47
CA THR A 15 -11.84 -2.50 -4.21
C THR A 15 -11.16 -1.33 -4.91
N ARG A 16 -11.53 -1.07 -6.16
CA ARG A 16 -10.93 0.06 -6.93
C ARG A 16 -11.80 1.31 -6.78
N ASP A 17 -12.70 1.33 -5.81
CA ASP A 17 -13.59 2.50 -5.59
C ASP A 17 -13.49 2.90 -4.11
N VAL A 18 -12.33 2.70 -3.52
CA VAL A 18 -12.10 3.05 -2.08
C VAL A 18 -12.52 4.49 -1.81
N LYS A 19 -12.78 4.80 -0.55
CA LYS A 19 -13.19 6.19 -0.16
C LYS A 19 -12.30 6.66 0.99
N CYS A 20 -12.55 7.85 1.50
CA CYS A 20 -11.74 8.39 2.62
C CYS A 20 -12.66 8.86 3.76
N ASP A 21 -13.75 9.50 3.43
CA ASP A 21 -14.70 9.99 4.48
C ASP A 21 -15.30 8.80 5.24
N ALA A 22 -16.11 8.00 4.57
CA ALA A 22 -16.75 6.83 5.23
C ALA A 22 -15.74 5.69 5.40
N GLU A 23 -14.80 5.58 4.48
CA GLU A 23 -13.78 4.49 4.56
C GLU A 23 -12.86 4.69 5.77
N MET A 24 -12.15 5.81 5.80
CA MET A 24 -11.22 6.09 6.95
C MET A 24 -12.00 6.19 8.26
N LYS A 25 -13.21 6.71 8.21
CA LYS A 25 -14.05 6.86 9.44
C LYS A 25 -14.15 5.51 10.18
N LYS A 26 -13.96 4.40 9.49
CA LYS A 26 -14.03 3.05 10.14
C LYS A 26 -13.06 3.00 11.33
N ALA A 27 -13.40 2.25 12.35
CA ALA A 27 -12.52 2.13 13.56
C ALA A 27 -11.13 1.64 13.16
N LEU A 28 -11.03 0.91 12.07
CA LEU A 28 -9.71 0.38 11.60
C LEU A 28 -8.72 1.53 11.38
N PHE A 29 -9.23 2.69 10.99
CA PHE A 29 -8.33 3.86 10.74
C PHE A 29 -8.74 5.05 11.64
N ASP A 30 -10.03 5.20 11.88
CA ASP A 30 -10.53 6.33 12.74
C ASP A 30 -10.20 7.66 12.03
N CYS A 31 -10.50 7.73 10.75
CA CYS A 31 -10.24 8.97 9.94
C CYS A 31 -8.73 9.30 10.00
N LYS A 32 -7.89 8.35 9.62
CA LYS A 32 -6.42 8.56 9.64
C LYS A 32 -6.06 9.64 8.62
N GLN A 33 -5.19 10.55 9.00
CA GLN A 33 -4.77 11.66 8.11
C GLN A 33 -4.19 11.12 6.79
N LYS A 34 -2.97 10.63 6.82
CA LYS A 34 -2.32 10.09 5.58
C LYS A 34 -2.39 8.56 5.57
N ASN A 35 -2.90 8.00 4.49
CA ASN A 35 -3.00 6.51 4.36
C ASN A 35 -2.86 6.13 2.88
N THR A 36 -1.79 5.46 2.53
CA THR A 36 -1.57 5.06 1.10
C THR A 36 -2.01 3.60 0.91
N PHE A 37 -3.12 3.41 0.24
CA PHE A 37 -3.64 2.03 0.01
C PHE A 37 -3.31 1.59 -1.42
N ILE A 38 -3.29 0.30 -1.66
CA ILE A 38 -2.99 -0.25 -3.01
C ILE A 38 -4.15 -1.14 -3.46
N TYR A 39 -4.23 -1.42 -4.74
CA TYR A 39 -5.31 -2.28 -5.29
C TYR A 39 -4.69 -3.48 -6.01
N ALA A 40 -4.70 -4.63 -5.36
CA ALA A 40 -4.11 -5.87 -5.97
C ALA A 40 -4.44 -7.08 -5.10
N ARG A 41 -4.00 -8.25 -5.53
CA ARG A 41 -4.26 -9.51 -4.77
C ARG A 41 -3.02 -9.90 -3.94
N PRO A 42 -3.18 -10.84 -3.02
CA PRO A 42 -2.06 -11.30 -2.16
C PRO A 42 -1.15 -12.26 -2.92
N GLY A 43 -1.70 -13.33 -3.43
CA GLY A 43 -0.89 -14.34 -4.19
C GLY A 43 -0.29 -13.70 -5.45
N ARG A 44 -0.91 -12.66 -5.96
CA ARG A 44 -0.41 -11.98 -7.20
C ARG A 44 0.81 -11.11 -6.86
N VAL A 45 0.83 -10.54 -5.68
CA VAL A 45 1.98 -9.67 -5.26
C VAL A 45 3.05 -10.54 -4.61
N GLN A 46 2.66 -11.64 -4.01
CA GLN A 46 3.64 -12.55 -3.35
C GLN A 46 4.62 -13.08 -4.41
N ALA A 47 4.12 -13.35 -5.60
CA ALA A 47 4.99 -13.86 -6.71
C ALA A 47 6.16 -12.91 -6.95
N LEU A 48 5.92 -11.63 -6.79
CA LEU A 48 6.99 -10.61 -7.01
C LEU A 48 8.00 -10.65 -5.85
N CYS A 49 7.54 -11.06 -4.68
CA CYS A 49 8.45 -11.10 -3.49
C CYS A 49 8.67 -12.54 -3.01
N LYS A 50 8.41 -13.53 -3.86
CA LYS A 50 8.64 -14.95 -3.44
C LYS A 50 9.94 -15.46 -4.07
N ASN A 51 10.90 -14.59 -4.25
CA ASN A 51 12.22 -14.99 -4.85
C ASN A 51 13.40 -14.48 -3.99
N ILE A 52 13.13 -13.71 -2.95
CA ILE A 52 14.23 -13.18 -2.07
C ILE A 52 13.89 -13.47 -0.61
N ILE A 53 14.90 -13.63 0.21
CA ILE A 53 14.69 -13.93 1.66
C ILE A 53 15.30 -12.82 2.52
N VAL A 54 16.58 -12.57 2.36
CA VAL A 54 17.27 -11.50 3.15
C VAL A 54 16.65 -10.15 2.83
N SER A 55 17.18 -9.11 3.43
CA SER A 55 16.66 -7.73 3.20
C SER A 55 17.16 -7.20 1.85
N LYS A 56 16.26 -7.02 0.91
CA LYS A 56 16.65 -6.51 -0.44
C LYS A 56 15.54 -5.61 -0.99
N ASN A 57 15.85 -4.78 -1.96
CA ASN A 57 14.82 -3.87 -2.55
C ASN A 57 14.35 -4.45 -3.89
N VAL A 58 13.05 -4.54 -4.08
CA VAL A 58 12.49 -5.09 -5.36
C VAL A 58 11.55 -4.07 -6.00
N LEU A 59 11.55 -4.00 -7.31
CA LEU A 59 10.67 -3.02 -8.03
C LEU A 59 9.61 -3.80 -8.82
N SER A 60 8.35 -3.54 -8.52
CA SER A 60 7.23 -4.24 -9.24
C SER A 60 7.37 -4.04 -10.75
N THR A 61 7.54 -5.12 -11.47
CA THR A 61 7.69 -5.03 -12.97
C THR A 61 6.35 -4.65 -13.60
N ASP A 62 5.27 -5.03 -12.97
CA ASP A 62 3.91 -4.70 -13.51
C ASP A 62 3.32 -3.52 -12.74
N GLU A 63 2.70 -2.59 -13.44
CA GLU A 63 2.10 -1.40 -12.77
C GLU A 63 0.93 -1.83 -11.89
N PHE A 64 0.79 -1.21 -10.74
CA PHE A 64 -0.33 -1.55 -9.81
C PHE A 64 -1.16 -0.30 -9.53
N TYR A 65 -2.46 -0.47 -9.36
CA TYR A 65 -3.36 0.69 -9.06
C TYR A 65 -3.04 1.21 -7.66
N LEU A 66 -2.96 2.51 -7.51
CA LEU A 66 -2.64 3.11 -6.17
C LEU A 66 -3.77 4.01 -5.70
N SER A 67 -4.40 3.65 -4.61
CA SER A 67 -5.52 4.47 -4.04
C SER A 67 -5.10 4.94 -2.64
N ASP A 68 -4.91 6.23 -2.47
CA ASP A 68 -4.46 6.77 -1.14
C ASP A 68 -5.33 7.95 -0.69
N CYS A 69 -5.54 8.05 0.60
CA CYS A 69 -6.34 9.18 1.17
C CYS A 69 -5.35 10.22 1.71
N ASN A 70 -5.59 11.50 1.45
CA ASN A 70 -4.65 12.56 1.91
C ASN A 70 -5.33 13.58 2.82
N ARG A 71 -4.63 13.97 3.87
CA ARG A 71 -5.13 14.98 4.85
C ARG A 71 -5.40 16.30 4.11
N ILE A 72 -6.42 17.01 4.53
CA ILE A 72 -6.76 18.32 3.89
C ILE A 72 -7.24 19.28 4.97
N LYS A 73 -8.26 18.87 5.70
CA LYS A 73 -8.81 19.73 6.79
C LYS A 73 -9.84 18.93 7.60
N LEU A 74 -9.57 18.72 8.87
CA LEU A 74 -10.49 17.96 9.78
C LEU A 74 -11.94 18.46 9.60
N PRO A 75 -12.92 17.73 10.14
CA PRO A 75 -12.70 16.47 10.91
C PRO A 75 -12.46 15.27 9.98
N CYS A 76 -13.47 14.84 9.26
CA CYS A 76 -13.32 13.66 8.36
C CYS A 76 -13.62 14.06 6.90
N HIS A 77 -12.70 14.77 6.30
CA HIS A 77 -12.85 15.21 4.87
C HIS A 77 -11.48 15.14 4.20
N TYR A 78 -11.27 14.15 3.36
CA TYR A 78 -9.95 13.99 2.67
C TYR A 78 -10.14 13.75 1.17
N LYS A 79 -9.04 13.61 0.45
CA LYS A 79 -9.12 13.37 -1.02
C LYS A 79 -8.57 11.99 -1.35
N LEU A 80 -9.01 11.40 -2.44
CA LEU A 80 -8.53 10.04 -2.86
C LEU A 80 -7.82 10.16 -4.21
N LYS A 81 -6.59 9.70 -4.29
CA LYS A 81 -5.83 9.77 -5.57
C LYS A 81 -5.70 8.37 -6.18
N LYS A 82 -6.02 8.25 -7.44
CA LYS A 82 -5.95 6.93 -8.15
C LYS A 82 -4.99 7.03 -9.34
N SER A 83 -3.98 6.19 -9.36
CA SER A 83 -2.98 6.21 -10.48
C SER A 83 -2.22 4.88 -10.53
N SER A 84 -1.88 4.44 -11.72
CA SER A 84 -1.12 3.15 -11.87
C SER A 84 0.38 3.46 -11.97
N ASN A 85 1.16 2.87 -11.09
CA ASN A 85 2.64 3.11 -11.08
C ASN A 85 3.34 1.92 -10.41
N THR A 86 4.63 1.76 -10.68
CA THR A 86 5.40 0.65 -10.06
C THR A 86 5.99 1.12 -8.73
N ILE A 87 5.96 0.28 -7.72
CA ILE A 87 6.49 0.67 -6.38
C ILE A 87 7.76 -0.13 -6.06
N CYS A 88 8.54 0.36 -5.13
CA CYS A 88 9.81 -0.32 -4.72
C CYS A 88 9.72 -0.62 -3.22
N ILE A 89 9.57 -1.88 -2.86
CA ILE A 89 9.46 -2.26 -1.41
C ILE A 89 10.68 -3.10 -0.99
N THR A 90 10.80 -3.35 0.29
CA THR A 90 11.95 -4.16 0.82
C THR A 90 11.47 -5.60 1.02
N CYS A 91 11.93 -6.49 0.19
CA CYS A 91 11.52 -7.93 0.29
C CYS A 91 12.29 -8.61 1.42
N GLU A 92 11.56 -9.12 2.39
CA GLU A 92 12.21 -9.81 3.55
C GLU A 92 11.39 -11.06 3.91
N ASN A 93 12.01 -12.21 3.89
CA ASN A 93 11.29 -13.49 4.22
C ASN A 93 10.15 -13.72 3.21
N LYS A 94 10.47 -13.65 1.93
CA LYS A 94 9.46 -13.89 0.85
C LYS A 94 8.30 -12.90 0.92
N LEU A 95 8.45 -11.80 1.66
CA LEU A 95 7.33 -10.80 1.72
C LEU A 95 7.88 -9.36 1.89
N PRO A 96 7.31 -8.39 1.17
CA PRO A 96 7.74 -6.98 1.25
C PRO A 96 7.01 -6.29 2.42
N VAL A 97 7.73 -5.64 3.31
CA VAL A 97 7.07 -4.97 4.48
C VAL A 97 7.58 -3.54 4.68
N HIS A 98 8.56 -3.09 3.92
CA HIS A 98 9.09 -1.70 4.11
C HIS A 98 9.08 -0.95 2.79
N PHE A 99 8.30 0.12 2.72
CA PHE A 99 8.22 0.95 1.48
C PHE A 99 9.53 1.71 1.29
N VAL A 100 10.30 1.34 0.30
CA VAL A 100 11.61 2.02 0.04
C VAL A 100 11.37 3.30 -0.78
N ALA A 101 10.98 3.14 -2.03
CA ALA A 101 10.73 4.34 -2.91
C ALA A 101 9.71 3.98 -3.99
N VAL A 102 9.59 4.82 -5.00
CA VAL A 102 8.62 4.59 -6.10
C VAL A 102 9.37 4.08 -7.36
N GLU A 103 9.00 4.53 -8.55
CA GLU A 103 9.68 4.07 -9.81
C GLU A 103 11.21 4.11 -9.68
N GLU A 104 11.73 4.97 -8.82
CA GLU A 104 13.21 5.07 -8.63
C GLU A 104 13.62 4.56 -7.25
N CYS A 105 14.56 3.62 -7.21
CA CYS A 105 15.04 3.06 -5.92
C CYS A 105 16.57 3.24 -5.85
N PRO A 106 17.11 3.41 -4.64
CA PRO A 106 18.56 3.60 -4.45
C PRO A 106 19.29 2.25 -4.52
N MET A 1 8.58 -5.49 13.81
CA MET A 1 7.30 -5.80 14.51
C MET A 1 6.12 -5.67 13.53
N GLN A 2 6.39 -5.87 12.25
CA GLN A 2 5.32 -5.78 11.21
C GLN A 2 5.58 -6.82 10.13
N ASN A 3 4.55 -7.48 9.64
CA ASN A 3 4.73 -8.53 8.59
C ASN A 3 3.83 -8.23 7.39
N TRP A 4 3.95 -9.04 6.35
CA TRP A 4 3.14 -8.85 5.11
C TRP A 4 1.63 -8.90 5.45
N GLU A 5 1.28 -9.54 6.54
CA GLU A 5 -0.16 -9.65 6.94
C GLU A 5 -0.70 -8.26 7.31
N THR A 6 -0.13 -7.66 8.34
CA THR A 6 -0.58 -6.31 8.79
C THR A 6 -0.40 -5.30 7.65
N PHE A 7 0.73 -5.36 6.98
CA PHE A 7 1.01 -4.43 5.86
C PHE A 7 -0.04 -4.61 4.75
N GLN A 8 -0.18 -5.81 4.27
CA GLN A 8 -1.17 -6.12 3.19
C GLN A 8 -2.58 -5.65 3.59
N LYS A 9 -2.83 -5.55 4.88
CA LYS A 9 -4.18 -5.12 5.38
C LYS A 9 -4.41 -3.62 5.15
N LYS A 10 -3.55 -2.78 5.71
CA LYS A 10 -3.72 -1.30 5.57
C LYS A 10 -3.16 -0.79 4.24
N HIS A 11 -2.23 -1.51 3.66
CA HIS A 11 -1.59 -1.06 2.37
C HIS A 11 -2.37 -1.55 1.16
N LEU A 12 -2.87 -2.78 1.18
CA LEU A 12 -3.63 -3.32 0.02
C LEU A 12 -5.13 -3.38 0.34
N THR A 13 -5.93 -3.51 -0.70
CA THR A 13 -7.42 -3.57 -0.53
C THR A 13 -7.99 -4.60 -1.52
N ASP A 14 -9.26 -4.91 -1.38
CA ASP A 14 -9.92 -5.90 -2.31
C ASP A 14 -10.90 -5.16 -3.23
N THR A 15 -11.40 -4.02 -2.81
CA THR A 15 -12.37 -3.23 -3.64
C THR A 15 -11.64 -2.08 -4.33
N ARG A 16 -12.12 -1.67 -5.49
CA ARG A 16 -11.49 -0.54 -6.25
C ARG A 16 -12.22 0.77 -5.94
N ASP A 17 -13.42 0.70 -5.40
CA ASP A 17 -14.20 1.94 -5.06
C ASP A 17 -14.02 2.25 -3.57
N VAL A 18 -12.84 1.98 -3.03
CA VAL A 18 -12.55 2.26 -1.59
C VAL A 18 -12.88 3.72 -1.26
N LYS A 19 -13.11 4.00 0.01
CA LYS A 19 -13.45 5.39 0.45
C LYS A 19 -12.28 5.95 1.27
N CYS A 20 -12.32 7.23 1.59
CA CYS A 20 -11.21 7.86 2.37
C CYS A 20 -11.74 8.42 3.69
N ASP A 21 -12.86 9.11 3.66
CA ASP A 21 -13.43 9.72 4.91
C ASP A 21 -14.14 8.66 5.75
N ALA A 22 -14.95 7.83 5.13
CA ALA A 22 -15.71 6.77 5.89
C ALA A 22 -14.79 5.58 6.20
N GLU A 23 -13.98 5.18 5.24
CA GLU A 23 -13.06 4.03 5.45
C GLU A 23 -11.99 4.38 6.49
N MET A 24 -11.39 5.55 6.36
CA MET A 24 -10.34 5.97 7.33
C MET A 24 -10.94 6.14 8.72
N LYS A 25 -12.16 6.63 8.80
CA LYS A 25 -12.84 6.84 10.14
C LYS A 25 -12.77 5.56 10.98
N LYS A 26 -12.72 4.41 10.34
CA LYS A 26 -12.67 3.11 11.09
C LYS A 26 -11.46 3.09 12.02
N ALA A 27 -11.47 2.23 13.00
CA ALA A 27 -10.32 2.13 13.97
C ALA A 27 -9.02 1.81 13.21
N LEU A 28 -9.15 1.21 12.03
CA LEU A 28 -7.94 0.85 11.22
C LEU A 28 -7.05 2.08 11.02
N PHE A 29 -7.65 3.22 10.77
CA PHE A 29 -6.86 4.48 10.55
C PHE A 29 -7.29 5.56 11.56
N ASP A 30 -8.54 5.55 11.99
CA ASP A 30 -9.04 6.57 12.97
C ASP A 30 -9.01 7.96 12.30
N CYS A 31 -9.45 8.02 11.06
CA CYS A 31 -9.48 9.31 10.31
C CYS A 31 -8.07 9.94 10.29
N LYS A 32 -7.07 9.13 9.98
CA LYS A 32 -5.67 9.63 9.92
C LYS A 32 -5.55 10.72 8.86
N GLN A 33 -4.37 11.29 8.72
CA GLN A 33 -4.16 12.39 7.73
C GLN A 33 -3.91 11.82 6.32
N LYS A 34 -3.03 10.85 6.20
CA LYS A 34 -2.70 10.25 4.87
C LYS A 34 -2.75 8.72 4.93
N ASN A 35 -3.00 8.10 3.80
CA ASN A 35 -3.07 6.60 3.73
C ASN A 35 -2.77 6.18 2.28
N THR A 36 -2.12 5.05 2.10
CA THR A 36 -1.78 4.58 0.72
C THR A 36 -2.35 3.17 0.51
N PHE A 37 -3.48 3.09 -0.17
CA PHE A 37 -4.11 1.75 -0.45
C PHE A 37 -3.75 1.31 -1.86
N ILE A 38 -3.76 0.00 -2.09
CA ILE A 38 -3.42 -0.54 -3.44
C ILE A 38 -4.47 -1.57 -3.86
N TYR A 39 -4.53 -1.88 -5.14
CA TYR A 39 -5.53 -2.87 -5.65
C TYR A 39 -4.80 -4.09 -6.21
N ALA A 40 -4.89 -5.21 -5.53
CA ALA A 40 -4.21 -6.46 -6.00
C ALA A 40 -4.48 -7.61 -5.02
N ARG A 41 -4.12 -8.81 -5.42
CA ARG A 41 -4.34 -10.01 -4.55
C ARG A 41 -3.01 -10.35 -3.84
N PRO A 42 -3.07 -11.14 -2.76
CA PRO A 42 -1.87 -11.53 -2.01
C PRO A 42 -1.06 -12.57 -2.80
N GLY A 43 -1.73 -13.34 -3.62
CA GLY A 43 -1.03 -14.37 -4.46
C GLY A 43 -0.43 -13.70 -5.70
N ARG A 44 -1.07 -12.64 -6.17
CA ARG A 44 -0.57 -11.91 -7.38
C ARG A 44 0.60 -11.01 -6.99
N VAL A 45 0.65 -10.59 -5.74
CA VAL A 45 1.76 -9.69 -5.26
C VAL A 45 2.92 -10.56 -4.75
N GLN A 46 2.61 -11.69 -4.18
CA GLN A 46 3.68 -12.61 -3.64
C GLN A 46 4.62 -13.01 -4.76
N ALA A 47 4.09 -13.25 -5.95
CA ALA A 47 4.95 -13.64 -7.12
C ALA A 47 5.95 -12.52 -7.43
N LEU A 48 5.68 -11.31 -6.97
CA LEU A 48 6.61 -10.16 -7.23
C LEU A 48 7.70 -10.13 -6.17
N CYS A 49 7.42 -10.63 -4.99
CA CYS A 49 8.43 -10.61 -3.88
C CYS A 49 8.66 -12.04 -3.33
N LYS A 50 8.42 -13.05 -4.13
CA LYS A 50 8.64 -14.46 -3.66
C LYS A 50 9.96 -14.99 -4.22
N ASN A 51 10.98 -14.16 -4.18
CA ASN A 51 12.33 -14.57 -4.69
C ASN A 51 13.45 -14.20 -3.69
N ILE A 52 13.10 -13.55 -2.57
CA ILE A 52 14.14 -13.16 -1.57
C ILE A 52 13.63 -13.47 -0.15
N ILE A 53 14.54 -13.73 0.76
CA ILE A 53 14.14 -14.05 2.17
C ILE A 53 14.69 -12.95 3.11
N VAL A 54 15.96 -12.63 2.97
CA VAL A 54 16.59 -11.59 3.84
C VAL A 54 15.95 -10.23 3.54
N SER A 55 16.43 -9.20 4.21
CA SER A 55 15.87 -7.82 4.00
C SER A 55 16.45 -7.23 2.71
N LYS A 56 15.58 -6.83 1.80
CA LYS A 56 16.05 -6.24 0.50
C LYS A 56 15.01 -5.24 -0.01
N ASN A 57 15.32 -4.57 -1.10
CA ASN A 57 14.37 -3.57 -1.69
C ASN A 57 14.02 -3.99 -3.11
N VAL A 58 12.80 -4.46 -3.31
CA VAL A 58 12.35 -4.90 -4.67
C VAL A 58 11.50 -3.80 -5.30
N LEU A 59 11.73 -3.53 -6.57
CA LEU A 59 10.96 -2.47 -7.29
C LEU A 59 10.13 -3.11 -8.41
N SER A 60 8.81 -3.01 -8.32
CA SER A 60 7.91 -3.60 -9.35
C SER A 60 8.22 -2.97 -10.71
N THR A 61 8.43 -3.80 -11.71
CA THR A 61 8.73 -3.29 -13.08
C THR A 61 7.44 -2.86 -13.76
N ASP A 62 6.34 -3.53 -13.45
CA ASP A 62 5.02 -3.19 -14.06
C ASP A 62 4.25 -2.23 -13.14
N GLU A 63 3.63 -1.22 -13.71
CA GLU A 63 2.87 -0.24 -12.89
C GLU A 63 1.60 -0.90 -12.33
N PHE A 64 1.31 -0.65 -11.07
CA PHE A 64 0.10 -1.25 -10.42
C PHE A 64 -0.86 -0.13 -10.00
N TYR A 65 -2.14 -0.42 -9.95
CA TYR A 65 -3.16 0.61 -9.55
C TYR A 65 -2.95 0.97 -8.07
N LEU A 66 -2.87 2.25 -7.78
CA LEU A 66 -2.68 2.70 -6.37
C LEU A 66 -3.73 3.74 -5.99
N SER A 67 -4.56 3.42 -5.02
CA SER A 67 -5.62 4.38 -4.55
C SER A 67 -5.24 4.83 -3.15
N ASP A 68 -4.83 6.08 -3.01
CA ASP A 68 -4.39 6.58 -1.66
C ASP A 68 -5.23 7.81 -1.24
N CYS A 69 -5.33 8.01 0.06
CA CYS A 69 -6.09 9.18 0.61
C CYS A 69 -5.08 10.25 1.03
N ASN A 70 -5.47 11.50 1.02
CA ASN A 70 -4.51 12.60 1.41
C ASN A 70 -5.21 13.66 2.25
N ARG A 71 -4.53 14.12 3.29
CA ARG A 71 -5.09 15.18 4.18
C ARG A 71 -5.15 16.50 3.41
N ILE A 72 -6.31 16.84 2.89
CA ILE A 72 -6.48 18.11 2.12
C ILE A 72 -7.28 19.11 2.94
N LYS A 73 -8.15 18.63 3.82
CA LYS A 73 -8.97 19.54 4.66
C LYS A 73 -9.57 18.77 5.85
N LEU A 74 -8.97 18.92 7.01
CA LEU A 74 -9.48 18.23 8.25
C LEU A 74 -10.98 18.54 8.43
N PRO A 75 -11.68 17.75 9.25
CA PRO A 75 -11.13 16.60 9.99
C PRO A 75 -11.05 15.34 9.12
N CYS A 76 -12.20 14.80 8.76
CA CYS A 76 -12.22 13.54 7.93
C CYS A 76 -12.57 13.85 6.47
N HIS A 77 -12.30 15.06 6.02
CA HIS A 77 -12.58 15.44 4.60
C HIS A 77 -11.28 15.28 3.81
N TYR A 78 -11.10 14.15 3.16
CA TYR A 78 -9.83 13.90 2.40
C TYR A 78 -10.11 13.71 0.91
N LYS A 79 -9.05 13.49 0.15
CA LYS A 79 -9.18 13.28 -1.32
C LYS A 79 -8.59 11.91 -1.68
N LEU A 80 -8.95 11.36 -2.82
CA LEU A 80 -8.43 10.02 -3.24
C LEU A 80 -7.67 10.15 -4.56
N LYS A 81 -6.57 9.44 -4.69
CA LYS A 81 -5.76 9.50 -5.95
C LYS A 81 -5.57 8.08 -6.50
N LYS A 82 -6.25 7.76 -7.58
CA LYS A 82 -6.15 6.40 -8.19
C LYS A 82 -5.38 6.49 -9.52
N SER A 83 -4.24 5.85 -9.60
CA SER A 83 -3.42 5.88 -10.85
C SER A 83 -2.48 4.66 -10.88
N SER A 84 -1.90 4.38 -12.03
CA SER A 84 -0.97 3.22 -12.16
C SER A 84 0.46 3.69 -11.89
N ASN A 85 1.13 3.06 -10.94
CA ASN A 85 2.53 3.44 -10.59
C ASN A 85 3.24 2.26 -9.93
N THR A 86 4.51 2.11 -10.20
CA THR A 86 5.31 0.99 -9.59
C THR A 86 5.67 1.39 -8.16
N ILE A 87 5.95 0.43 -7.31
CA ILE A 87 6.29 0.76 -5.89
C ILE A 87 7.60 0.08 -5.48
N CYS A 88 8.40 0.80 -4.72
CA CYS A 88 9.70 0.26 -4.21
C CYS A 88 9.47 -0.14 -2.76
N ILE A 89 9.20 -1.41 -2.51
CA ILE A 89 8.91 -1.89 -1.12
C ILE A 89 10.06 -2.76 -0.61
N THR A 90 10.03 -3.08 0.67
CA THR A 90 11.10 -3.93 1.28
C THR A 90 10.64 -5.37 1.29
N CYS A 91 11.47 -6.27 0.79
CA CYS A 91 11.11 -7.73 0.75
C CYS A 91 11.73 -8.44 1.95
N GLU A 92 11.10 -9.50 2.40
CA GLU A 92 11.63 -10.26 3.58
C GLU A 92 10.72 -11.47 3.85
N ASN A 93 11.32 -12.64 4.02
CA ASN A 93 10.53 -13.88 4.29
C ASN A 93 9.65 -14.23 3.09
N LYS A 94 10.17 -14.03 1.89
CA LYS A 94 9.40 -14.34 0.64
C LYS A 94 8.17 -13.44 0.51
N LEU A 95 8.09 -12.36 1.29
CA LEU A 95 6.92 -11.43 1.20
C LEU A 95 7.35 -10.01 1.59
N PRO A 96 6.73 -9.00 0.98
CA PRO A 96 7.05 -7.59 1.27
C PRO A 96 6.28 -7.15 2.53
N VAL A 97 6.85 -6.25 3.31
CA VAL A 97 6.16 -5.79 4.55
C VAL A 97 6.39 -4.29 4.81
N HIS A 98 6.95 -3.56 3.85
CA HIS A 98 7.20 -2.10 4.07
C HIS A 98 7.29 -1.36 2.72
N PHE A 99 6.96 -0.09 2.72
CA PHE A 99 7.03 0.72 1.47
C PHE A 99 8.18 1.73 1.58
N VAL A 100 9.09 1.70 0.64
CA VAL A 100 10.27 2.64 0.67
C VAL A 100 9.96 3.90 -0.14
N ALA A 101 9.53 3.75 -1.37
CA ALA A 101 9.21 4.94 -2.22
C ALA A 101 8.47 4.49 -3.49
N VAL A 102 8.40 5.36 -4.48
CA VAL A 102 7.69 5.03 -5.76
C VAL A 102 8.71 4.49 -6.78
N GLU A 103 8.42 4.62 -8.07
CA GLU A 103 9.33 4.09 -9.14
C GLU A 103 10.81 4.43 -8.87
N GLU A 104 11.07 5.51 -8.16
CA GLU A 104 12.48 5.92 -7.85
C GLU A 104 12.77 5.70 -6.37
N CYS A 105 13.61 4.74 -6.07
CA CYS A 105 13.99 4.44 -4.65
C CYS A 105 15.27 5.23 -4.30
N PRO A 106 15.39 5.68 -3.05
CA PRO A 106 16.57 6.45 -2.60
C PRO A 106 17.75 5.50 -2.33
N MET A 1 2.92 -8.44 16.49
CA MET A 1 4.21 -8.16 15.77
C MET A 1 3.92 -7.67 14.35
N GLN A 2 4.69 -6.72 13.88
CA GLN A 2 4.49 -6.17 12.50
C GLN A 2 4.91 -7.21 11.47
N ASN A 3 3.94 -7.83 10.82
CA ASN A 3 4.24 -8.87 9.78
C ASN A 3 3.75 -8.39 8.42
N TRP A 4 4.02 -9.15 7.38
CA TRP A 4 3.58 -8.76 6.01
C TRP A 4 2.05 -8.77 5.95
N GLU A 5 1.42 -9.61 6.77
CA GLU A 5 -0.07 -9.68 6.79
C GLU A 5 -0.60 -8.30 7.20
N THR A 6 0.09 -7.64 8.10
CA THR A 6 -0.31 -6.28 8.54
C THR A 6 -0.10 -5.32 7.38
N PHE A 7 0.93 -5.58 6.59
CA PHE A 7 1.23 -4.71 5.41
C PHE A 7 0.05 -4.75 4.43
N GLN A 8 -0.26 -5.93 3.92
CA GLN A 8 -1.39 -6.09 2.96
C GLN A 8 -2.69 -5.54 3.56
N LYS A 9 -2.83 -5.65 4.86
CA LYS A 9 -4.08 -5.18 5.55
C LYS A 9 -4.27 -3.67 5.35
N LYS A 10 -3.30 -2.89 5.76
CA LYS A 10 -3.41 -1.39 5.66
C LYS A 10 -3.03 -0.88 4.27
N HIS A 11 -2.29 -1.65 3.50
CA HIS A 11 -1.86 -1.17 2.14
C HIS A 11 -2.69 -1.77 1.01
N LEU A 12 -2.78 -3.08 0.92
CA LEU A 12 -3.56 -3.72 -0.20
C LEU A 12 -5.03 -3.91 0.19
N THR A 13 -5.90 -3.76 -0.78
CA THR A 13 -7.37 -3.93 -0.54
C THR A 13 -7.96 -4.82 -1.63
N ASP A 14 -9.20 -5.24 -1.46
CA ASP A 14 -9.87 -6.11 -2.48
C ASP A 14 -11.07 -5.36 -3.09
N THR A 15 -11.04 -4.04 -3.06
CA THR A 15 -12.14 -3.22 -3.64
C THR A 15 -11.56 -2.01 -4.36
N ARG A 16 -12.02 -1.74 -5.55
CA ARG A 16 -11.50 -0.57 -6.35
C ARG A 16 -12.33 0.69 -6.05
N ASP A 17 -13.30 0.60 -5.15
CA ASP A 17 -14.15 1.79 -4.82
C ASP A 17 -13.84 2.25 -3.40
N VAL A 18 -12.61 2.05 -2.96
CA VAL A 18 -12.19 2.47 -1.57
C VAL A 18 -12.49 3.96 -1.37
N LYS A 19 -12.80 4.33 -0.15
CA LYS A 19 -13.10 5.76 0.18
C LYS A 19 -12.03 6.30 1.13
N CYS A 20 -12.19 7.52 1.58
CA CYS A 20 -11.19 8.14 2.50
C CYS A 20 -11.88 8.70 3.75
N ASP A 21 -13.06 9.28 3.58
CA ASP A 21 -13.80 9.87 4.74
C ASP A 21 -14.25 8.76 5.70
N ALA A 22 -15.17 7.92 5.27
CA ALA A 22 -15.69 6.82 6.14
C ALA A 22 -14.69 5.67 6.22
N GLU A 23 -14.00 5.40 5.13
CA GLU A 23 -13.00 4.28 5.10
C GLU A 23 -11.88 4.57 6.10
N MET A 24 -11.23 5.71 5.97
CA MET A 24 -10.11 6.07 6.89
C MET A 24 -10.62 6.25 8.32
N LYS A 25 -11.86 6.70 8.46
CA LYS A 25 -12.45 6.91 9.83
C LYS A 25 -12.41 5.63 10.65
N LYS A 26 -12.38 4.48 9.99
CA LYS A 26 -12.33 3.16 10.73
C LYS A 26 -11.22 3.19 11.79
N ALA A 27 -11.47 2.58 12.94
CA ALA A 27 -10.44 2.56 14.04
C ALA A 27 -9.10 2.03 13.50
N LEU A 28 -9.14 1.23 12.46
CA LEU A 28 -7.88 0.67 11.87
C LEU A 28 -6.96 1.82 11.45
N PHE A 29 -7.53 2.95 11.13
CA PHE A 29 -6.71 4.14 10.71
C PHE A 29 -7.01 5.34 11.61
N ASP A 30 -8.25 5.48 12.05
CA ASP A 30 -8.63 6.64 12.93
C ASP A 30 -8.57 7.92 12.08
N CYS A 31 -9.05 7.84 10.86
CA CYS A 31 -9.04 9.03 9.94
C CYS A 31 -7.59 9.51 9.75
N LYS A 32 -6.73 8.61 9.32
CA LYS A 32 -5.29 8.95 9.09
C LYS A 32 -5.19 10.06 8.06
N GLN A 33 -4.34 11.03 8.33
CA GLN A 33 -4.13 12.19 7.40
C GLN A 33 -3.65 11.68 6.03
N LYS A 34 -2.71 10.76 6.03
CA LYS A 34 -2.17 10.22 4.74
C LYS A 34 -2.08 8.69 4.80
N ASN A 35 -2.53 8.02 3.76
CA ASN A 35 -2.49 6.52 3.72
C ASN A 35 -2.49 6.08 2.25
N THR A 36 -1.59 5.20 1.88
CA THR A 36 -1.51 4.72 0.46
C THR A 36 -2.13 3.33 0.33
N PHE A 37 -3.27 3.24 -0.33
CA PHE A 37 -3.94 1.92 -0.51
C PHE A 37 -3.66 1.41 -1.92
N ILE A 38 -3.74 0.11 -2.12
CA ILE A 38 -3.45 -0.48 -3.47
C ILE A 38 -4.51 -1.53 -3.81
N TYR A 39 -4.60 -1.88 -5.07
CA TYR A 39 -5.58 -2.91 -5.53
C TYR A 39 -4.80 -4.11 -6.07
N ALA A 40 -4.86 -5.24 -5.39
CA ALA A 40 -4.11 -6.45 -5.85
C ALA A 40 -4.41 -7.65 -4.93
N ARG A 41 -3.98 -8.82 -5.34
CA ARG A 41 -4.18 -10.06 -4.54
C ARG A 41 -2.88 -10.40 -3.78
N PRO A 42 -2.93 -11.36 -2.86
CA PRO A 42 -1.74 -11.76 -2.09
C PRO A 42 -0.77 -12.55 -2.98
N GLY A 43 -1.30 -13.27 -3.94
CA GLY A 43 -0.44 -14.06 -4.88
C GLY A 43 0.34 -13.09 -5.77
N ARG A 44 -0.26 -11.96 -6.08
CA ARG A 44 0.42 -10.92 -6.93
C ARG A 44 1.58 -10.32 -6.14
N VAL A 45 1.43 -10.26 -4.83
CA VAL A 45 2.53 -9.72 -3.96
C VAL A 45 3.72 -10.66 -4.04
N GLN A 46 3.43 -11.94 -3.99
CA GLN A 46 4.50 -12.99 -4.07
C GLN A 46 5.26 -12.84 -5.39
N ALA A 47 4.55 -12.58 -6.46
CA ALA A 47 5.19 -12.43 -7.80
C ALA A 47 6.21 -11.29 -7.76
N LEU A 48 5.94 -10.27 -6.99
CA LEU A 48 6.88 -9.09 -6.90
C LEU A 48 7.89 -9.29 -5.77
N CYS A 49 7.61 -10.18 -4.84
CA CYS A 49 8.55 -10.37 -3.68
C CYS A 49 9.06 -11.82 -3.62
N LYS A 50 8.91 -12.60 -4.67
CA LYS A 50 9.42 -14.01 -4.66
C LYS A 50 10.81 -14.06 -5.29
N ASN A 51 11.65 -13.14 -4.89
CA ASN A 51 13.05 -13.08 -5.43
C ASN A 51 14.07 -13.00 -4.29
N ILE A 52 13.67 -12.49 -3.13
CA ILE A 52 14.63 -12.38 -1.97
C ILE A 52 14.00 -12.93 -0.70
N ILE A 53 14.84 -13.35 0.23
CA ILE A 53 14.35 -13.90 1.54
C ILE A 53 14.81 -12.96 2.66
N VAL A 54 16.03 -12.50 2.58
CA VAL A 54 16.59 -11.56 3.61
C VAL A 54 15.98 -10.18 3.41
N SER A 55 16.42 -9.23 4.21
CA SER A 55 15.89 -7.83 4.11
C SER A 55 16.45 -7.16 2.85
N LYS A 56 15.59 -6.71 1.97
CA LYS A 56 16.04 -6.04 0.70
C LYS A 56 14.93 -5.14 0.17
N ASN A 57 15.21 -4.35 -0.84
CA ASN A 57 14.18 -3.43 -1.44
C ASN A 57 13.90 -3.86 -2.88
N VAL A 58 12.64 -4.06 -3.21
CA VAL A 58 12.26 -4.49 -4.59
C VAL A 58 11.32 -3.46 -5.22
N LEU A 59 11.19 -3.49 -6.53
CA LEU A 59 10.29 -2.54 -7.25
C LEU A 59 9.49 -3.30 -8.30
N SER A 60 8.17 -3.30 -8.19
CA SER A 60 7.29 -4.02 -9.17
C SER A 60 7.64 -3.59 -10.60
N THR A 61 7.86 -4.55 -11.46
CA THR A 61 8.21 -4.25 -12.89
C THR A 61 6.98 -3.70 -13.61
N ASP A 62 5.82 -4.24 -13.30
CA ASP A 62 4.55 -3.78 -13.95
C ASP A 62 3.91 -2.69 -13.10
N GLU A 63 3.08 -1.88 -13.71
CA GLU A 63 2.39 -0.76 -12.96
C GLU A 63 1.11 -1.28 -12.34
N PHE A 64 0.94 -1.06 -11.04
CA PHE A 64 -0.28 -1.53 -10.33
C PHE A 64 -1.18 -0.34 -10.00
N TYR A 65 -2.47 -0.58 -9.90
CA TYR A 65 -3.43 0.52 -9.57
C TYR A 65 -3.20 0.94 -8.11
N LEU A 66 -3.00 2.21 -7.87
CA LEU A 66 -2.74 2.70 -6.47
C LEU A 66 -3.76 3.75 -6.06
N SER A 67 -4.59 3.42 -5.10
CA SER A 67 -5.62 4.40 -4.59
C SER A 67 -5.16 4.84 -3.21
N ASP A 68 -4.89 6.13 -3.03
CA ASP A 68 -4.39 6.64 -1.71
C ASP A 68 -5.23 7.81 -1.20
N CYS A 69 -5.28 7.97 0.11
CA CYS A 69 -6.01 9.10 0.74
C CYS A 69 -4.97 10.16 1.10
N ASN A 70 -5.21 11.41 0.77
CA ASN A 70 -4.21 12.48 1.07
C ASN A 70 -4.83 13.60 1.91
N ARG A 71 -4.12 14.00 2.95
CA ARG A 71 -4.57 15.09 3.85
C ARG A 71 -4.57 16.41 3.07
N ILE A 72 -5.75 16.86 2.68
CA ILE A 72 -5.85 18.15 1.91
C ILE A 72 -6.65 19.17 2.73
N LYS A 73 -7.69 18.72 3.40
CA LYS A 73 -8.54 19.64 4.22
C LYS A 73 -9.10 18.88 5.42
N LEU A 74 -8.45 19.01 6.57
CA LEU A 74 -8.93 18.32 7.82
C LEU A 74 -10.39 18.71 8.09
N PRO A 75 -11.05 18.04 9.05
CA PRO A 75 -10.47 16.93 9.85
C PRO A 75 -10.53 15.60 9.09
N CYS A 76 -11.73 15.12 8.82
CA CYS A 76 -11.88 13.82 8.11
C CYS A 76 -12.30 14.05 6.64
N HIS A 77 -12.05 15.23 6.11
CA HIS A 77 -12.40 15.52 4.69
C HIS A 77 -11.12 15.38 3.86
N TYR A 78 -10.87 14.18 3.36
CA TYR A 78 -9.63 13.91 2.57
C TYR A 78 -9.95 13.70 1.09
N LYS A 79 -8.92 13.56 0.29
CA LYS A 79 -9.11 13.33 -1.18
C LYS A 79 -8.65 11.92 -1.55
N LEU A 80 -8.89 11.51 -2.77
CA LEU A 80 -8.49 10.14 -3.23
C LEU A 80 -7.84 10.23 -4.60
N LYS A 81 -6.70 9.60 -4.77
CA LYS A 81 -5.99 9.63 -6.09
C LYS A 81 -5.73 8.20 -6.56
N LYS A 82 -6.23 7.86 -7.73
CA LYS A 82 -6.03 6.47 -8.28
C LYS A 82 -5.24 6.55 -9.58
N SER A 83 -4.14 5.82 -9.66
CA SER A 83 -3.30 5.84 -10.89
C SER A 83 -2.49 4.54 -10.99
N SER A 84 -2.06 4.20 -12.18
CA SER A 84 -1.25 2.95 -12.38
C SER A 84 0.24 3.31 -12.38
N ASN A 85 0.97 2.80 -11.41
CA ASN A 85 2.44 3.08 -11.31
C ASN A 85 3.12 1.97 -10.50
N THR A 86 4.43 1.88 -10.61
CA THR A 86 5.20 0.83 -9.86
C THR A 86 5.38 1.28 -8.41
N ILE A 87 5.73 0.36 -7.54
CA ILE A 87 5.93 0.70 -6.09
C ILE A 87 7.20 0.04 -5.55
N CYS A 88 7.91 0.74 -4.70
CA CYS A 88 9.16 0.19 -4.08
C CYS A 88 8.82 -0.27 -2.65
N ILE A 89 9.04 -1.53 -2.37
CA ILE A 89 8.72 -2.09 -1.00
C ILE A 89 9.91 -2.86 -0.44
N THR A 90 9.88 -3.14 0.85
CA THR A 90 10.98 -3.90 1.52
C THR A 90 10.59 -5.38 1.58
N CYS A 91 11.31 -6.21 0.87
CA CYS A 91 10.98 -7.67 0.85
C CYS A 91 11.61 -8.38 2.06
N GLU A 92 10.98 -9.45 2.49
CA GLU A 92 11.49 -10.22 3.67
C GLU A 92 10.75 -11.57 3.71
N ASN A 93 11.47 -12.65 3.50
CA ASN A 93 10.83 -14.01 3.51
C ASN A 93 9.73 -14.07 2.43
N LYS A 94 10.11 -13.87 1.19
CA LYS A 94 9.17 -13.88 0.03
C LYS A 94 7.88 -13.06 0.33
N LEU A 95 7.95 -12.11 1.25
CA LEU A 95 6.75 -11.27 1.58
C LEU A 95 7.22 -9.84 1.99
N PRO A 96 6.70 -8.81 1.32
CA PRO A 96 7.06 -7.41 1.65
C PRO A 96 6.30 -6.97 2.91
N VAL A 97 6.96 -6.29 3.82
CA VAL A 97 6.29 -5.85 5.08
C VAL A 97 6.29 -4.31 5.21
N HIS A 98 7.28 -3.66 4.63
CA HIS A 98 7.36 -2.16 4.75
C HIS A 98 7.33 -1.53 3.35
N PHE A 99 6.75 -0.34 3.26
CA PHE A 99 6.69 0.39 1.96
C PHE A 99 7.87 1.35 1.89
N VAL A 100 8.62 1.31 0.80
CA VAL A 100 9.81 2.21 0.67
C VAL A 100 9.42 3.52 -0.01
N ALA A 101 8.99 3.46 -1.26
CA ALA A 101 8.60 4.71 -2.00
C ALA A 101 7.79 4.33 -3.24
N VAL A 102 7.66 5.26 -4.17
CA VAL A 102 6.89 5.01 -5.42
C VAL A 102 7.86 4.82 -6.60
N GLU A 103 7.52 5.31 -7.78
CA GLU A 103 8.40 5.15 -8.99
C GLU A 103 9.87 5.45 -8.66
N GLU A 104 10.12 6.30 -7.69
CA GLU A 104 11.53 6.64 -7.31
C GLU A 104 11.88 6.04 -5.95
N CYS A 105 12.85 5.15 -5.93
CA CYS A 105 13.29 4.50 -4.65
C CYS A 105 14.77 4.86 -4.39
N PRO A 106 15.11 5.24 -3.16
CA PRO A 106 16.50 5.61 -2.80
C PRO A 106 17.34 4.35 -2.59
N MET A 1 4.72 -3.33 15.95
CA MET A 1 4.54 -4.68 15.36
C MET A 1 3.92 -4.54 13.96
N GLN A 2 4.75 -4.62 12.94
CA GLN A 2 4.25 -4.50 11.53
C GLN A 2 4.82 -5.65 10.71
N ASN A 3 3.98 -6.58 10.32
CA ASN A 3 4.44 -7.75 9.52
C ASN A 3 3.66 -7.81 8.19
N TRP A 4 3.72 -8.93 7.51
CA TRP A 4 3.01 -9.09 6.20
C TRP A 4 1.52 -8.77 6.37
N GLU A 5 0.87 -9.37 7.34
CA GLU A 5 -0.59 -9.14 7.59
C GLU A 5 -0.81 -7.64 7.87
N THR A 6 0.05 -7.03 8.65
CA THR A 6 -0.10 -5.58 8.98
C THR A 6 0.07 -4.74 7.71
N PHE A 7 1.06 -5.06 6.91
CA PHE A 7 1.32 -4.31 5.65
C PHE A 7 0.12 -4.44 4.72
N GLN A 8 -0.22 -5.66 4.37
CA GLN A 8 -1.38 -5.92 3.46
C GLN A 8 -2.65 -5.24 3.96
N LYS A 9 -2.81 -5.12 5.26
CA LYS A 9 -4.05 -4.50 5.84
C LYS A 9 -4.13 -2.99 5.57
N LYS A 10 -3.22 -2.22 6.16
CA LYS A 10 -3.25 -0.74 6.00
C LYS A 10 -2.63 -0.26 4.68
N HIS A 11 -1.81 -1.08 4.04
CA HIS A 11 -1.14 -0.63 2.76
C HIS A 11 -1.85 -1.18 1.52
N LEU A 12 -2.43 -2.36 1.59
CA LEU A 12 -3.12 -2.93 0.38
C LEU A 12 -4.63 -2.99 0.60
N THR A 13 -5.36 -3.28 -0.45
CA THR A 13 -6.85 -3.36 -0.38
C THR A 13 -7.38 -4.18 -1.56
N ASP A 14 -8.65 -4.54 -1.52
CA ASP A 14 -9.27 -5.33 -2.62
C ASP A 14 -10.48 -4.59 -3.18
N THR A 15 -10.49 -3.27 -3.07
CA THR A 15 -11.63 -2.45 -3.59
C THR A 15 -11.09 -1.20 -4.29
N ARG A 16 -11.38 -1.06 -5.56
CA ARG A 16 -10.90 0.12 -6.35
C ARG A 16 -11.72 1.36 -5.95
N ASP A 17 -12.94 1.16 -5.51
CA ASP A 17 -13.81 2.30 -5.11
C ASP A 17 -13.70 2.51 -3.58
N VAL A 18 -12.47 2.57 -3.10
CA VAL A 18 -12.22 2.76 -1.63
C VAL A 18 -12.98 3.98 -1.11
N LYS A 19 -13.17 4.04 0.20
CA LYS A 19 -13.87 5.20 0.84
C LYS A 19 -12.99 5.74 1.95
N CYS A 20 -12.20 6.76 1.65
CA CYS A 20 -11.26 7.35 2.64
C CYS A 20 -11.99 7.86 3.88
N ASP A 21 -13.19 8.37 3.73
CA ASP A 21 -13.95 8.91 4.90
C ASP A 21 -14.54 7.78 5.76
N ALA A 22 -15.18 6.81 5.14
CA ALA A 22 -15.80 5.68 5.91
C ALA A 22 -14.74 4.66 6.33
N GLU A 23 -13.61 4.63 5.64
CA GLU A 23 -12.53 3.65 5.98
C GLU A 23 -11.60 4.25 7.04
N MET A 24 -11.08 5.43 6.78
CA MET A 24 -10.14 6.09 7.74
C MET A 24 -10.81 6.39 9.07
N LYS A 25 -12.07 6.78 9.05
CA LYS A 25 -12.80 7.11 10.32
C LYS A 25 -12.77 5.93 11.29
N LYS A 26 -12.62 4.72 10.79
CA LYS A 26 -12.61 3.52 11.69
C LYS A 26 -11.44 3.61 12.67
N ALA A 27 -11.40 2.72 13.65
CA ALA A 27 -10.32 2.74 14.68
C ALA A 27 -8.97 2.39 14.07
N LEU A 28 -8.95 1.53 13.06
CA LEU A 28 -7.66 1.12 12.40
C LEU A 28 -6.83 2.36 12.02
N PHE A 29 -7.49 3.47 11.80
CA PHE A 29 -6.78 4.73 11.41
C PHE A 29 -7.20 5.88 12.34
N ASP A 30 -8.45 5.94 12.72
CA ASP A 30 -8.96 7.03 13.62
C ASP A 30 -8.98 8.36 12.86
N CYS A 31 -9.41 8.33 11.60
CA CYS A 31 -9.49 9.57 10.78
C CYS A 31 -8.08 10.16 10.59
N LYS A 32 -7.12 9.34 10.22
CA LYS A 32 -5.72 9.81 10.00
C LYS A 32 -5.70 10.82 8.84
N GLN A 33 -4.91 11.85 8.98
CA GLN A 33 -4.82 12.94 7.93
C GLN A 33 -4.63 12.33 6.54
N LYS A 34 -3.66 11.46 6.35
CA LYS A 34 -3.42 10.84 5.01
C LYS A 34 -2.88 9.42 5.16
N ASN A 35 -3.18 8.57 4.20
CA ASN A 35 -2.70 7.15 4.23
C ASN A 35 -2.52 6.66 2.79
N THR A 36 -1.59 5.77 2.58
CA THR A 36 -1.33 5.23 1.20
C THR A 36 -1.91 3.81 1.09
N PHE A 37 -2.71 3.59 0.08
CA PHE A 37 -3.34 2.24 -0.14
C PHE A 37 -2.99 1.74 -1.54
N ILE A 38 -3.11 0.45 -1.77
CA ILE A 38 -2.80 -0.13 -3.11
C ILE A 38 -3.83 -1.21 -3.45
N TYR A 39 -3.91 -1.59 -4.71
CA TYR A 39 -4.89 -2.64 -5.15
C TYR A 39 -4.13 -3.87 -5.65
N ALA A 40 -4.31 -5.00 -4.99
CA ALA A 40 -3.60 -6.25 -5.42
C ALA A 40 -4.02 -7.44 -4.55
N ARG A 41 -3.79 -8.63 -5.03
CA ARG A 41 -4.16 -9.88 -4.27
C ARG A 41 -2.88 -10.46 -3.61
N PRO A 42 -3.03 -11.33 -2.63
CA PRO A 42 -1.87 -11.93 -1.93
C PRO A 42 -1.18 -12.98 -2.82
N GLY A 43 -1.94 -13.61 -3.70
CA GLY A 43 -1.36 -14.64 -4.61
C GLY A 43 -0.70 -13.97 -5.82
N ARG A 44 -1.24 -12.86 -6.26
CA ARG A 44 -0.66 -12.13 -7.44
C ARG A 44 0.56 -11.30 -7.01
N VAL A 45 0.63 -10.94 -5.74
CA VAL A 45 1.79 -10.14 -5.23
C VAL A 45 2.89 -11.10 -4.79
N GLN A 46 2.52 -12.29 -4.34
CA GLN A 46 3.53 -13.29 -3.91
C GLN A 46 4.52 -13.54 -5.05
N ALA A 47 4.02 -13.59 -6.27
CA ALA A 47 4.90 -13.83 -7.46
C ALA A 47 5.86 -12.64 -7.61
N LEU A 48 5.40 -11.47 -7.26
CA LEU A 48 6.24 -10.23 -7.37
C LEU A 48 7.34 -10.26 -6.30
N CYS A 49 7.09 -10.95 -5.20
CA CYS A 49 8.09 -11.01 -4.08
C CYS A 49 8.51 -12.46 -3.79
N LYS A 50 8.31 -13.36 -4.74
CA LYS A 50 8.71 -14.79 -4.52
C LYS A 50 10.08 -15.03 -5.15
N ASN A 51 11.00 -14.14 -4.85
CA ASN A 51 12.39 -14.24 -5.39
C ASN A 51 13.42 -14.11 -4.26
N ILE A 52 13.18 -13.24 -3.31
CA ILE A 52 14.14 -13.06 -2.17
C ILE A 52 13.51 -13.56 -0.86
N ILE A 53 14.31 -14.18 -0.03
CA ILE A 53 13.83 -14.71 1.28
C ILE A 53 14.31 -13.77 2.38
N VAL A 54 15.52 -13.27 2.25
CA VAL A 54 16.10 -12.34 3.25
C VAL A 54 15.47 -10.95 3.06
N SER A 55 15.92 -9.99 3.84
CA SER A 55 15.38 -8.59 3.73
C SER A 55 16.14 -7.82 2.66
N LYS A 56 15.46 -7.43 1.60
CA LYS A 56 16.11 -6.67 0.49
C LYS A 56 15.11 -5.68 -0.13
N ASN A 57 15.57 -4.88 -1.06
CA ASN A 57 14.68 -3.88 -1.74
C ASN A 57 14.44 -4.32 -3.19
N VAL A 58 13.21 -4.29 -3.63
CA VAL A 58 12.88 -4.70 -5.03
C VAL A 58 12.01 -3.63 -5.70
N LEU A 59 12.03 -3.59 -7.02
CA LEU A 59 11.22 -2.58 -7.77
C LEU A 59 10.31 -3.33 -8.75
N SER A 60 9.00 -3.19 -8.58
CA SER A 60 8.03 -3.89 -9.49
C SER A 60 8.29 -3.44 -10.94
N THR A 61 8.59 -4.40 -11.80
CA THR A 61 8.85 -4.06 -13.24
C THR A 61 7.54 -3.65 -13.90
N ASP A 62 6.45 -4.27 -13.47
CA ASP A 62 5.10 -3.93 -14.03
C ASP A 62 4.48 -2.79 -13.23
N GLU A 63 3.55 -2.08 -13.81
CA GLU A 63 2.89 -0.94 -13.10
C GLU A 63 1.72 -1.45 -12.28
N PHE A 64 1.52 -0.89 -11.10
CA PHE A 64 0.39 -1.32 -10.21
C PHE A 64 -0.46 -0.10 -9.87
N TYR A 65 -1.75 -0.29 -9.68
CA TYR A 65 -2.67 0.83 -9.35
C TYR A 65 -2.49 1.19 -7.86
N LEU A 66 -2.14 2.43 -7.59
CA LEU A 66 -1.94 2.88 -6.18
C LEU A 66 -2.99 3.93 -5.80
N SER A 67 -3.81 3.63 -4.83
CA SER A 67 -4.86 4.60 -4.38
C SER A 67 -4.51 5.07 -2.97
N ASP A 68 -4.35 6.37 -2.79
CA ASP A 68 -3.98 6.92 -1.46
C ASP A 68 -4.94 8.03 -1.03
N CYS A 69 -5.23 8.11 0.24
CA CYS A 69 -6.13 9.17 0.77
C CYS A 69 -5.25 10.28 1.36
N ASN A 70 -5.56 11.52 1.07
CA ASN A 70 -4.73 12.66 1.59
C ASN A 70 -5.62 13.70 2.28
N ARG A 71 -5.13 14.27 3.36
CA ARG A 71 -5.89 15.30 4.11
C ARG A 71 -6.15 16.50 3.21
N ILE A 72 -7.35 16.61 2.68
CA ILE A 72 -7.70 17.75 1.78
C ILE A 72 -8.64 18.71 2.52
N LYS A 73 -9.36 18.21 3.50
CA LYS A 73 -10.31 19.07 4.27
C LYS A 73 -10.90 18.29 5.44
N LEU A 74 -10.42 18.55 6.64
CA LEU A 74 -10.94 17.85 7.87
C LEU A 74 -12.49 17.95 7.91
N PRO A 75 -13.14 17.15 8.75
CA PRO A 75 -12.50 16.17 9.66
C PRO A 75 -12.11 14.89 8.92
N CYS A 76 -13.09 14.11 8.49
CA CYS A 76 -12.80 12.83 7.77
C CYS A 76 -13.17 12.94 6.28
N HIS A 77 -13.09 14.13 5.74
CA HIS A 77 -13.40 14.34 4.28
C HIS A 77 -12.06 14.42 3.55
N TYR A 78 -11.66 13.34 2.92
CA TYR A 78 -10.35 13.30 2.21
C TYR A 78 -10.53 13.09 0.70
N LYS A 79 -9.43 13.13 -0.02
CA LYS A 79 -9.45 12.92 -1.51
C LYS A 79 -8.66 11.67 -1.84
N LEU A 80 -9.01 10.98 -2.91
CA LEU A 80 -8.28 9.73 -3.30
C LEU A 80 -7.49 9.97 -4.59
N LYS A 81 -6.29 9.42 -4.66
CA LYS A 81 -5.43 9.59 -5.87
C LYS A 81 -5.06 8.19 -6.41
N LYS A 82 -5.64 7.82 -7.53
CA LYS A 82 -5.35 6.48 -8.14
C LYS A 82 -4.48 6.66 -9.38
N SER A 83 -3.36 5.98 -9.43
CA SER A 83 -2.43 6.09 -10.61
C SER A 83 -1.66 4.78 -10.77
N SER A 84 -1.48 4.35 -12.00
CA SER A 84 -0.74 3.09 -12.28
C SER A 84 0.75 3.40 -12.45
N ASN A 85 1.54 3.09 -11.44
CA ASN A 85 3.01 3.37 -11.50
C ASN A 85 3.78 2.29 -10.73
N THR A 86 5.03 2.10 -11.07
CA THR A 86 5.87 1.07 -10.38
C THR A 86 6.31 1.62 -9.02
N ILE A 87 6.45 0.76 -8.03
CA ILE A 87 6.87 1.23 -6.67
C ILE A 87 8.02 0.37 -6.14
N CYS A 88 8.73 0.89 -5.17
CA CYS A 88 9.88 0.15 -4.57
C CYS A 88 9.48 -0.29 -3.15
N ILE A 89 9.58 -1.57 -2.86
CA ILE A 89 9.18 -2.09 -1.51
C ILE A 89 10.27 -2.99 -0.93
N THR A 90 10.18 -3.26 0.35
CA THR A 90 11.19 -4.14 1.03
C THR A 90 10.68 -5.58 1.01
N CYS A 91 11.29 -6.42 0.19
CA CYS A 91 10.85 -7.85 0.09
C CYS A 91 11.53 -8.68 1.17
N GLU A 92 10.78 -9.56 1.81
CA GLU A 92 11.36 -10.44 2.87
C GLU A 92 10.48 -11.69 3.02
N ASN A 93 11.10 -12.83 3.21
CA ASN A 93 10.36 -14.13 3.36
C ASN A 93 9.25 -14.28 2.29
N LYS A 94 9.63 -14.08 1.04
CA LYS A 94 8.69 -14.25 -0.12
C LYS A 94 7.59 -13.17 -0.20
N LEU A 95 7.62 -12.15 0.65
CA LEU A 95 6.56 -11.08 0.56
C LEU A 95 7.10 -9.72 1.03
N PRO A 96 6.56 -8.63 0.49
CA PRO A 96 6.97 -7.25 0.85
C PRO A 96 6.17 -6.80 2.09
N VAL A 97 6.83 -6.20 3.06
CA VAL A 97 6.11 -5.76 4.30
C VAL A 97 6.29 -4.25 4.55
N HIS A 98 7.23 -3.61 3.87
CA HIS A 98 7.45 -2.14 4.09
C HIS A 98 7.42 -1.39 2.76
N PHE A 99 6.92 -0.17 2.78
CA PHE A 99 6.85 0.66 1.54
C PHE A 99 8.06 1.59 1.51
N VAL A 100 8.97 1.37 0.58
CA VAL A 100 10.21 2.22 0.49
C VAL A 100 9.93 3.50 -0.29
N ALA A 101 9.61 3.38 -1.58
CA ALA A 101 9.35 4.59 -2.41
C ALA A 101 8.58 4.20 -3.67
N VAL A 102 8.59 5.05 -4.68
CA VAL A 102 7.85 4.77 -5.95
C VAL A 102 8.86 4.35 -7.04
N GLU A 103 8.67 4.76 -8.29
CA GLU A 103 9.60 4.37 -9.41
C GLU A 103 11.06 4.59 -9.01
N GLU A 104 11.32 5.50 -8.10
CA GLU A 104 12.73 5.78 -7.66
C GLU A 104 12.95 5.24 -6.24
N CYS A 105 14.02 4.49 -6.06
CA CYS A 105 14.33 3.90 -4.72
C CYS A 105 15.73 4.39 -4.26
N PRO A 106 15.80 5.15 -3.18
CA PRO A 106 17.09 5.68 -2.67
C PRO A 106 17.84 4.59 -1.88
N MET A 1 2.00 -8.97 13.49
CA MET A 1 1.76 -7.63 14.09
C MET A 1 2.20 -6.55 13.09
N GLN A 2 3.44 -6.63 12.66
CA GLN A 2 3.98 -5.62 11.68
C GLN A 2 4.55 -6.35 10.46
N ASN A 3 4.01 -7.51 10.14
CA ASN A 3 4.50 -8.29 8.97
C ASN A 3 3.72 -7.89 7.71
N TRP A 4 3.93 -8.60 6.63
CA TRP A 4 3.23 -8.31 5.34
C TRP A 4 1.70 -8.35 5.55
N GLU A 5 1.25 -9.10 6.54
CA GLU A 5 -0.22 -9.22 6.81
C GLU A 5 -0.78 -7.84 7.21
N THR A 6 -0.38 -7.34 8.35
CA THR A 6 -0.88 -6.01 8.84
C THR A 6 -0.57 -4.92 7.81
N PHE A 7 0.61 -4.96 7.22
CA PHE A 7 1.01 -3.94 6.21
C PHE A 7 0.08 -3.99 5.01
N GLN A 8 -0.18 -5.19 4.51
CA GLN A 8 -1.07 -5.37 3.32
C GLN A 8 -2.48 -4.89 3.65
N LYS A 9 -2.85 -4.89 4.92
CA LYS A 9 -4.22 -4.45 5.34
C LYS A 9 -4.36 -2.93 5.18
N LYS A 10 -3.44 -2.17 5.75
CA LYS A 10 -3.52 -0.68 5.68
C LYS A 10 -2.96 -0.14 4.35
N HIS A 11 -2.09 -0.89 3.71
CA HIS A 11 -1.47 -0.39 2.43
C HIS A 11 -2.25 -0.88 1.20
N LEU A 12 -2.67 -2.13 1.17
CA LEU A 12 -3.42 -2.65 -0.01
C LEU A 12 -4.93 -2.63 0.25
N THR A 13 -5.70 -3.00 -0.75
CA THR A 13 -7.20 -3.01 -0.63
C THR A 13 -7.78 -4.06 -1.58
N ASP A 14 -9.07 -4.33 -1.46
CA ASP A 14 -9.73 -5.34 -2.35
C ASP A 14 -10.63 -4.62 -3.36
N THR A 15 -11.23 -3.51 -2.94
CA THR A 15 -12.13 -2.72 -3.85
C THR A 15 -11.34 -1.59 -4.51
N ARG A 16 -11.36 -1.53 -5.82
CA ARG A 16 -10.62 -0.46 -6.57
C ARG A 16 -11.28 0.90 -6.35
N ASP A 17 -12.58 0.91 -6.09
CA ASP A 17 -13.30 2.20 -5.87
C ASP A 17 -13.51 2.42 -4.35
N VAL A 18 -12.47 2.21 -3.58
CA VAL A 18 -12.55 2.38 -2.10
C VAL A 18 -12.74 3.88 -1.78
N LYS A 19 -13.15 4.17 -0.56
CA LYS A 19 -13.35 5.59 -0.14
C LYS A 19 -12.52 5.87 1.12
N CYS A 20 -11.98 7.06 1.22
CA CYS A 20 -11.13 7.42 2.40
C CYS A 20 -11.96 7.37 3.68
N ASP A 21 -12.86 8.31 3.85
CA ASP A 21 -13.72 8.39 5.09
C ASP A 21 -14.28 7.01 5.48
N ALA A 22 -14.63 6.20 4.52
CA ALA A 22 -15.21 4.85 4.81
C ALA A 22 -14.16 3.94 5.48
N GLU A 23 -12.91 4.11 5.10
CA GLU A 23 -11.82 3.25 5.68
C GLU A 23 -11.06 4.01 6.77
N MET A 24 -10.57 5.19 6.45
CA MET A 24 -9.78 6.00 7.42
C MET A 24 -10.56 6.22 8.74
N LYS A 25 -11.87 6.14 8.70
CA LYS A 25 -12.68 6.36 9.95
C LYS A 25 -12.50 5.18 10.92
N LYS A 26 -12.45 3.97 10.40
CA LYS A 26 -12.29 2.75 11.27
C LYS A 26 -11.07 2.91 12.21
N ALA A 27 -11.05 2.14 13.28
CA ALA A 27 -9.91 2.21 14.26
C ALA A 27 -8.59 1.89 13.54
N LEU A 28 -8.66 1.12 12.48
CA LEU A 28 -7.42 0.75 11.71
C LEU A 28 -6.64 2.02 11.35
N PHE A 29 -7.34 3.12 11.19
CA PHE A 29 -6.68 4.42 10.84
C PHE A 29 -7.04 5.48 11.88
N ASP A 30 -8.28 5.50 12.32
CA ASP A 30 -8.74 6.50 13.34
C ASP A 30 -8.62 7.92 12.74
N CYS A 31 -9.25 8.12 11.59
CA CYS A 31 -9.22 9.45 10.92
C CYS A 31 -7.76 9.88 10.67
N LYS A 32 -7.02 9.07 9.95
CA LYS A 32 -5.58 9.38 9.64
C LYS A 32 -5.52 10.41 8.51
N GLN A 33 -4.70 11.42 8.69
CA GLN A 33 -4.56 12.50 7.66
C GLN A 33 -4.24 11.92 6.29
N LYS A 34 -3.25 11.03 6.21
CA LYS A 34 -2.88 10.43 4.89
C LYS A 34 -2.91 8.90 4.96
N ASN A 35 -3.07 8.27 3.82
CA ASN A 35 -3.12 6.78 3.75
C ASN A 35 -2.84 6.36 2.30
N THR A 36 -2.31 5.16 2.10
CA THR A 36 -2.02 4.68 0.71
C THR A 36 -2.75 3.35 0.46
N PHE A 37 -3.86 3.41 -0.23
CA PHE A 37 -4.64 2.18 -0.54
C PHE A 37 -4.33 1.72 -1.96
N ILE A 38 -3.58 0.65 -2.10
CA ILE A 38 -3.21 0.12 -3.45
C ILE A 38 -4.16 -1.03 -3.81
N TYR A 39 -4.22 -1.38 -5.07
CA TYR A 39 -5.13 -2.49 -5.52
C TYR A 39 -4.30 -3.62 -6.10
N ALA A 40 -4.29 -4.75 -5.41
CA ALA A 40 -3.51 -5.94 -5.89
C ALA A 40 -3.89 -7.16 -5.05
N ARG A 41 -3.53 -8.34 -5.50
CA ARG A 41 -3.85 -9.59 -4.76
C ARG A 41 -2.62 -10.04 -3.95
N PRO A 42 -2.84 -10.84 -2.92
CA PRO A 42 -1.74 -11.36 -2.07
C PRO A 42 -0.96 -12.45 -2.81
N GLY A 43 -1.63 -13.15 -3.72
CA GLY A 43 -0.95 -14.23 -4.50
C GLY A 43 -0.13 -13.58 -5.63
N ARG A 44 -0.62 -12.49 -6.18
CA ARG A 44 0.11 -11.78 -7.28
C ARG A 44 1.29 -11.00 -6.69
N VAL A 45 1.12 -10.51 -5.48
CA VAL A 45 2.23 -9.74 -4.82
C VAL A 45 3.24 -10.73 -4.24
N GLN A 46 2.77 -11.88 -3.79
CA GLN A 46 3.69 -12.90 -3.22
C GLN A 46 4.67 -13.35 -4.30
N ALA A 47 4.18 -13.52 -5.52
CA ALA A 47 5.07 -13.94 -6.66
C ALA A 47 6.17 -12.89 -6.89
N LEU A 48 5.91 -11.66 -6.51
CA LEU A 48 6.91 -10.57 -6.69
C LEU A 48 7.92 -10.60 -5.55
N CYS A 49 7.52 -11.08 -4.39
CA CYS A 49 8.45 -11.12 -3.22
C CYS A 49 8.80 -12.56 -2.84
N LYS A 50 8.56 -13.52 -3.71
CA LYS A 50 8.91 -14.95 -3.39
C LYS A 50 10.26 -15.31 -4.02
N ASN A 51 11.20 -14.39 -3.95
CA ASN A 51 12.57 -14.63 -4.52
C ASN A 51 13.67 -14.40 -3.47
N ILE A 52 13.38 -13.63 -2.43
CA ILE A 52 14.41 -13.35 -1.37
C ILE A 52 13.86 -13.67 0.01
N ILE A 53 14.71 -14.18 0.88
CA ILE A 53 14.28 -14.51 2.27
C ILE A 53 14.78 -13.42 3.22
N VAL A 54 15.97 -12.93 2.99
CA VAL A 54 16.56 -11.85 3.85
C VAL A 54 16.03 -10.49 3.37
N SER A 55 16.18 -9.48 4.19
CA SER A 55 15.69 -8.10 3.84
C SER A 55 16.29 -7.67 2.49
N LYS A 56 15.49 -7.03 1.66
CA LYS A 56 15.97 -6.57 0.33
C LYS A 56 15.05 -5.48 -0.21
N ASN A 57 15.38 -4.94 -1.37
CA ASN A 57 14.53 -3.86 -2.00
C ASN A 57 14.05 -4.34 -3.37
N VAL A 58 12.76 -4.52 -3.52
CA VAL A 58 12.20 -4.99 -4.82
C VAL A 58 11.43 -3.86 -5.52
N LEU A 59 11.30 -3.96 -6.82
CA LEU A 59 10.56 -2.91 -7.61
C LEU A 59 9.60 -3.61 -8.58
N SER A 60 8.32 -3.34 -8.46
CA SER A 60 7.31 -3.98 -9.35
C SER A 60 7.62 -3.62 -10.81
N THR A 61 7.85 -4.63 -11.63
CA THR A 61 8.16 -4.40 -13.08
C THR A 61 6.89 -3.91 -13.79
N ASP A 62 5.74 -4.37 -13.34
CA ASP A 62 4.45 -3.94 -13.96
C ASP A 62 3.82 -2.81 -13.15
N GLU A 63 3.12 -1.91 -13.81
CA GLU A 63 2.46 -0.77 -13.12
C GLU A 63 1.21 -1.26 -12.39
N PHE A 64 1.02 -0.84 -11.16
CA PHE A 64 -0.18 -1.27 -10.38
C PHE A 64 -1.04 -0.04 -10.05
N TYR A 65 -2.33 -0.24 -9.88
CA TYR A 65 -3.25 0.90 -9.56
C TYR A 65 -3.00 1.35 -8.12
N LEU A 66 -2.85 2.65 -7.92
CA LEU A 66 -2.59 3.19 -6.55
C LEU A 66 -3.63 4.23 -6.17
N SER A 67 -4.49 3.89 -5.22
CA SER A 67 -5.54 4.85 -4.74
C SER A 67 -5.11 5.35 -3.36
N ASP A 68 -4.50 6.51 -3.31
CA ASP A 68 -4.01 7.06 -2.00
C ASP A 68 -4.94 8.16 -1.48
N CYS A 69 -5.08 8.23 -0.18
CA CYS A 69 -5.95 9.28 0.46
C CYS A 69 -5.04 10.40 0.95
N ASN A 70 -5.54 11.62 1.04
CA ASN A 70 -4.69 12.76 1.50
C ASN A 70 -5.51 13.74 2.34
N ARG A 71 -4.86 14.33 3.32
CA ARG A 71 -5.53 15.31 4.22
C ARG A 71 -5.55 16.70 3.57
N ILE A 72 -6.72 17.17 3.22
CA ILE A 72 -6.86 18.50 2.57
C ILE A 72 -7.69 19.42 3.47
N LYS A 73 -8.71 18.88 4.10
CA LYS A 73 -9.58 19.70 5.01
C LYS A 73 -10.06 18.83 6.19
N LEU A 74 -9.39 18.94 7.31
CA LEU A 74 -9.76 18.16 8.54
C LEU A 74 -11.28 18.33 8.83
N PRO A 75 -11.81 17.57 9.79
CA PRO A 75 -11.07 16.57 10.60
C PRO A 75 -10.95 15.23 9.86
N CYS A 76 -12.07 14.59 9.60
CA CYS A 76 -12.05 13.25 8.91
C CYS A 76 -12.52 13.38 7.45
N HIS A 77 -12.39 14.56 6.88
CA HIS A 77 -12.80 14.76 5.45
C HIS A 77 -11.55 14.67 4.58
N TYR A 78 -11.45 13.63 3.78
CA TYR A 78 -10.24 13.45 2.92
C TYR A 78 -10.62 13.13 1.48
N LYS A 79 -9.63 13.17 0.60
CA LYS A 79 -9.85 12.87 -0.85
C LYS A 79 -8.72 11.95 -1.32
N LEU A 80 -8.89 11.29 -2.45
CA LEU A 80 -7.83 10.36 -2.96
C LEU A 80 -7.64 10.50 -4.46
N LYS A 81 -6.63 9.83 -4.99
CA LYS A 81 -6.34 9.89 -6.45
C LYS A 81 -5.86 8.52 -6.91
N LYS A 82 -6.37 8.05 -8.04
CA LYS A 82 -5.97 6.72 -8.57
C LYS A 82 -4.97 6.90 -9.72
N SER A 83 -3.76 6.39 -9.55
CA SER A 83 -2.71 6.52 -10.60
C SER A 83 -2.03 5.16 -10.81
N SER A 84 -1.79 4.80 -12.06
CA SER A 84 -1.13 3.49 -12.36
C SER A 84 0.38 3.70 -12.46
N ASN A 85 1.14 3.14 -11.53
CA ASN A 85 2.62 3.30 -11.55
C ASN A 85 3.27 2.16 -10.77
N THR A 86 4.56 1.97 -10.96
CA THR A 86 5.28 0.87 -10.24
C THR A 86 5.61 1.34 -8.82
N ILE A 87 5.96 0.42 -7.94
CA ILE A 87 6.28 0.80 -6.52
C ILE A 87 7.61 0.18 -6.09
N CYS A 88 8.19 0.72 -5.05
CA CYS A 88 9.49 0.21 -4.51
C CYS A 88 9.30 -0.12 -3.04
N ILE A 89 9.26 -1.40 -2.71
CA ILE A 89 9.04 -1.83 -1.28
C ILE A 89 10.23 -2.66 -0.79
N THR A 90 10.21 -3.03 0.47
CA THR A 90 11.31 -3.86 1.06
C THR A 90 10.81 -5.29 1.23
N CYS A 91 11.52 -6.25 0.69
CA CYS A 91 11.10 -7.68 0.80
C CYS A 91 11.77 -8.32 2.01
N GLU A 92 11.18 -9.38 2.52
CA GLU A 92 11.75 -10.10 3.70
C GLU A 92 10.88 -11.31 4.04
N ASN A 93 11.48 -12.48 4.10
CA ASN A 93 10.72 -13.73 4.45
C ASN A 93 9.68 -14.02 3.35
N LYS A 94 10.08 -13.90 2.10
CA LYS A 94 9.17 -14.18 0.93
C LYS A 94 8.00 -13.19 0.87
N LEU A 95 8.02 -12.12 1.66
CA LEU A 95 6.90 -11.12 1.61
C LEU A 95 7.43 -9.73 1.99
N PRO A 96 6.88 -8.68 1.36
CA PRO A 96 7.28 -7.29 1.66
C PRO A 96 6.53 -6.78 2.87
N VAL A 97 7.10 -5.82 3.58
CA VAL A 97 6.43 -5.27 4.79
C VAL A 97 6.74 -3.77 4.95
N HIS A 98 7.21 -3.13 3.89
CA HIS A 98 7.53 -1.67 3.97
C HIS A 98 7.53 -1.06 2.57
N PHE A 99 7.34 0.25 2.50
CA PHE A 99 7.32 0.94 1.17
C PHE A 99 8.43 2.00 1.14
N VAL A 100 9.46 1.76 0.36
CA VAL A 100 10.61 2.72 0.27
C VAL A 100 10.20 3.94 -0.55
N ALA A 101 9.91 3.73 -1.82
CA ALA A 101 9.50 4.86 -2.72
C ALA A 101 8.70 4.33 -3.91
N VAL A 102 8.57 5.12 -4.96
CA VAL A 102 7.79 4.70 -6.17
C VAL A 102 8.77 4.15 -7.23
N GLU A 103 8.47 4.30 -8.51
CA GLU A 103 9.38 3.77 -9.59
C GLU A 103 10.83 4.22 -9.35
N GLU A 104 11.01 5.34 -8.66
CA GLU A 104 12.39 5.84 -8.37
C GLU A 104 12.69 5.61 -6.90
N CYS A 105 13.55 4.65 -6.61
CA CYS A 105 13.93 4.34 -5.20
C CYS A 105 15.25 5.06 -4.86
N PRO A 106 15.34 5.69 -3.69
CA PRO A 106 16.55 6.41 -3.28
C PRO A 106 17.62 5.42 -2.77
N MET A 1 3.44 -6.18 16.20
CA MET A 1 3.83 -7.16 15.14
C MET A 1 3.60 -6.55 13.75
N GLN A 2 4.67 -6.34 13.01
CA GLN A 2 4.56 -5.75 11.64
C GLN A 2 4.98 -6.80 10.60
N ASN A 3 4.02 -7.39 9.93
CA ASN A 3 4.34 -8.43 8.89
C ASN A 3 3.60 -8.10 7.59
N TRP A 4 3.81 -8.91 6.57
CA TRP A 4 3.15 -8.69 5.25
C TRP A 4 1.62 -8.71 5.44
N GLU A 5 1.14 -9.36 6.49
CA GLU A 5 -0.33 -9.42 6.75
C GLU A 5 -0.86 -8.05 7.17
N THR A 6 -0.37 -7.53 8.28
CA THR A 6 -0.83 -6.20 8.78
C THR A 6 -0.55 -5.12 7.74
N PHE A 7 0.61 -5.19 7.10
CA PHE A 7 0.97 -4.17 6.05
C PHE A 7 -0.07 -4.20 4.92
N GLN A 8 -0.52 -5.38 4.55
CA GLN A 8 -1.53 -5.51 3.45
C GLN A 8 -2.82 -4.80 3.85
N LYS A 9 -3.28 -5.06 5.06
CA LYS A 9 -4.56 -4.46 5.56
C LYS A 9 -4.54 -2.93 5.40
N LYS A 10 -3.48 -2.28 5.84
CA LYS A 10 -3.42 -0.78 5.76
C LYS A 10 -3.00 -0.29 4.36
N HIS A 11 -2.41 -1.14 3.55
CA HIS A 11 -1.92 -0.68 2.20
C HIS A 11 -2.66 -1.34 1.04
N LEU A 12 -2.51 -2.64 0.85
CA LEU A 12 -3.15 -3.33 -0.32
C LEU A 12 -4.57 -3.79 -0.02
N THR A 13 -5.36 -3.87 -1.06
CA THR A 13 -6.78 -4.30 -0.94
C THR A 13 -7.23 -4.94 -2.26
N ASP A 14 -8.38 -5.59 -2.27
CA ASP A 14 -8.90 -6.24 -3.52
C ASP A 14 -10.09 -5.43 -4.05
N THR A 15 -10.23 -4.18 -3.65
CA THR A 15 -11.35 -3.32 -4.12
C THR A 15 -10.79 -2.06 -4.76
N ARG A 16 -11.21 -1.76 -5.97
CA ARG A 16 -10.71 -0.55 -6.69
C ARG A 16 -11.59 0.68 -6.39
N ASP A 17 -12.33 0.65 -5.30
CA ASP A 17 -13.21 1.79 -4.91
C ASP A 17 -13.05 2.09 -3.42
N VAL A 18 -11.87 1.85 -2.88
CA VAL A 18 -11.60 2.11 -1.42
C VAL A 18 -12.00 3.54 -1.07
N LYS A 19 -12.51 3.74 0.12
CA LYS A 19 -12.95 5.08 0.58
C LYS A 19 -12.01 5.58 1.68
N CYS A 20 -12.11 6.84 2.05
CA CYS A 20 -11.25 7.42 3.12
C CYS A 20 -12.11 7.90 4.29
N ASP A 21 -13.33 8.33 4.01
CA ASP A 21 -14.24 8.84 5.09
C ASP A 21 -14.60 7.70 6.06
N ALA A 22 -15.21 6.65 5.55
CA ALA A 22 -15.62 5.50 6.43
C ALA A 22 -14.41 4.64 6.80
N GLU A 23 -13.40 4.63 5.98
CA GLU A 23 -12.19 3.80 6.27
C GLU A 23 -11.26 4.53 7.23
N MET A 24 -10.79 5.69 6.85
CA MET A 24 -9.85 6.48 7.71
C MET A 24 -10.51 6.86 9.04
N LYS A 25 -11.79 7.13 9.03
CA LYS A 25 -12.51 7.53 10.28
C LYS A 25 -12.52 6.37 11.28
N LYS A 26 -12.47 5.14 10.81
CA LYS A 26 -12.49 3.96 11.73
C LYS A 26 -11.26 4.01 12.65
N ALA A 27 -11.21 3.14 13.65
CA ALA A 27 -10.08 3.11 14.60
C ALA A 27 -8.79 2.66 13.90
N LEU A 28 -8.91 1.90 12.83
CA LEU A 28 -7.71 1.40 12.08
C LEU A 28 -6.80 2.57 11.70
N PHE A 29 -7.35 3.76 11.60
CA PHE A 29 -6.54 4.97 11.23
C PHE A 29 -6.86 6.12 12.19
N ASP A 30 -8.12 6.32 12.51
CA ASP A 30 -8.54 7.41 13.45
C ASP A 30 -8.45 8.77 12.72
N CYS A 31 -9.10 8.87 11.58
CA CYS A 31 -9.12 10.14 10.79
C CYS A 31 -7.68 10.55 10.42
N LYS A 32 -6.96 9.63 9.79
CA LYS A 32 -5.56 9.93 9.37
C LYS A 32 -5.58 10.94 8.22
N GLN A 33 -4.79 11.97 8.33
CA GLN A 33 -4.76 13.04 7.27
C GLN A 33 -4.48 12.43 5.88
N LYS A 34 -3.45 11.61 5.76
CA LYS A 34 -3.11 11.00 4.44
C LYS A 34 -2.75 9.51 4.61
N ASN A 35 -2.91 8.75 3.55
CA ASN A 35 -2.57 7.29 3.58
C ASN A 35 -2.33 6.81 2.14
N THR A 36 -1.70 5.67 1.97
CA THR A 36 -1.42 5.14 0.60
C THR A 36 -2.00 3.73 0.46
N PHE A 37 -3.08 3.60 -0.28
CA PHE A 37 -3.72 2.27 -0.49
C PHE A 37 -3.45 1.83 -1.94
N ILE A 38 -3.07 0.59 -2.13
CA ILE A 38 -2.77 0.08 -3.51
C ILE A 38 -3.74 -1.03 -3.89
N TYR A 39 -3.88 -1.29 -5.17
CA TYR A 39 -4.80 -2.37 -5.65
C TYR A 39 -3.96 -3.54 -6.16
N ALA A 40 -4.23 -4.74 -5.67
CA ALA A 40 -3.46 -5.94 -6.12
C ALA A 40 -4.02 -7.20 -5.45
N ARG A 41 -3.59 -8.34 -5.91
CA ARG A 41 -4.07 -9.64 -5.32
C ARG A 41 -2.98 -10.21 -4.38
N PRO A 42 -3.34 -11.19 -3.56
CA PRO A 42 -2.40 -11.81 -2.61
C PRO A 42 -1.45 -12.78 -3.34
N GLY A 43 -1.99 -13.64 -4.17
CA GLY A 43 -1.15 -14.63 -4.94
C GLY A 43 -0.41 -13.93 -6.08
N ARG A 44 -0.89 -12.78 -6.52
CA ARG A 44 -0.24 -12.04 -7.64
C ARG A 44 0.96 -11.25 -7.11
N VAL A 45 0.93 -10.87 -5.85
CA VAL A 45 2.05 -10.09 -5.25
C VAL A 45 3.07 -11.04 -4.63
N GLN A 46 2.61 -12.20 -4.19
CA GLN A 46 3.54 -13.21 -3.58
C GLN A 46 4.64 -13.58 -4.57
N ALA A 47 4.29 -13.64 -5.85
CA ALA A 47 5.30 -13.99 -6.90
C ALA A 47 6.37 -12.91 -6.98
N LEU A 48 6.00 -11.68 -6.69
CA LEU A 48 6.97 -10.54 -6.75
C LEU A 48 7.91 -10.58 -5.53
N CYS A 49 7.50 -11.23 -4.45
CA CYS A 49 8.36 -11.28 -3.22
C CYS A 49 8.69 -12.74 -2.86
N LYS A 50 8.67 -13.64 -3.82
CA LYS A 50 9.01 -15.07 -3.53
C LYS A 50 10.38 -15.40 -4.16
N ASN A 51 11.33 -14.50 -3.99
CA ASN A 51 12.70 -14.72 -4.56
C ASN A 51 13.79 -14.54 -3.49
N ILE A 52 13.50 -13.81 -2.43
CA ILE A 52 14.52 -13.58 -1.36
C ILE A 52 13.90 -13.77 0.03
N ILE A 53 14.69 -14.30 0.95
CA ILE A 53 14.21 -14.50 2.35
C ILE A 53 14.74 -13.35 3.22
N VAL A 54 15.98 -12.98 2.99
CA VAL A 54 16.62 -11.87 3.76
C VAL A 54 15.97 -10.55 3.34
N SER A 55 16.08 -9.55 4.17
CA SER A 55 15.49 -8.21 3.86
C SER A 55 16.19 -7.61 2.64
N LYS A 56 15.43 -7.24 1.64
CA LYS A 56 16.03 -6.65 0.39
C LYS A 56 15.02 -5.67 -0.23
N ASN A 57 15.47 -4.89 -1.20
CA ASN A 57 14.56 -3.90 -1.87
C ASN A 57 14.14 -4.42 -3.24
N VAL A 58 12.86 -4.42 -3.53
CA VAL A 58 12.36 -4.90 -4.85
C VAL A 58 11.70 -3.74 -5.62
N LEU A 59 11.58 -3.89 -6.91
CA LEU A 59 10.96 -2.82 -7.77
C LEU A 59 10.07 -3.49 -8.83
N SER A 60 8.79 -3.20 -8.80
CA SER A 60 7.84 -3.80 -9.79
C SER A 60 8.12 -3.23 -11.19
N THR A 61 8.44 -4.09 -12.13
CA THR A 61 8.73 -3.64 -13.52
C THR A 61 7.45 -3.08 -14.14
N ASP A 62 6.32 -3.61 -13.73
CA ASP A 62 5.00 -3.13 -14.27
C ASP A 62 4.44 -2.06 -13.33
N GLU A 63 3.58 -1.21 -13.85
CA GLU A 63 2.96 -0.13 -13.02
C GLU A 63 1.68 -0.65 -12.38
N PHE A 64 1.43 -0.27 -11.14
CA PHE A 64 0.20 -0.73 -10.42
C PHE A 64 -0.67 0.47 -10.07
N TYR A 65 -1.98 0.29 -10.10
CA TYR A 65 -2.91 1.40 -9.75
C TYR A 65 -2.75 1.72 -8.27
N LEU A 66 -2.60 2.98 -7.94
CA LEU A 66 -2.40 3.39 -6.51
C LEU A 66 -3.50 4.36 -6.06
N SER A 67 -4.36 3.91 -5.17
CA SER A 67 -5.45 4.78 -4.65
C SER A 67 -5.08 5.24 -3.25
N ASP A 68 -4.68 6.49 -3.10
CA ASP A 68 -4.26 7.03 -1.78
C ASP A 68 -5.27 8.06 -1.28
N CYS A 69 -5.32 8.26 0.03
CA CYS A 69 -6.25 9.27 0.61
C CYS A 69 -5.45 10.53 0.89
N ASN A 70 -6.10 11.68 0.86
CA ASN A 70 -5.37 12.97 1.09
C ASN A 70 -6.21 13.91 1.96
N ARG A 71 -5.54 14.58 2.88
CA ARG A 71 -6.22 15.55 3.78
C ARG A 71 -6.48 16.85 3.04
N ILE A 72 -7.70 17.03 2.57
CA ILE A 72 -8.05 18.27 1.81
C ILE A 72 -8.83 19.24 2.72
N LYS A 73 -9.53 18.70 3.71
CA LYS A 73 -10.31 19.57 4.64
C LYS A 73 -10.75 18.79 5.89
N LEU A 74 -10.15 19.08 7.01
CA LEU A 74 -10.49 18.40 8.31
C LEU A 74 -12.03 18.39 8.49
N PRO A 75 -12.54 17.61 9.45
CA PRO A 75 -11.74 16.73 10.35
C PRO A 75 -11.47 15.36 9.70
N CYS A 76 -12.49 14.53 9.58
CA CYS A 76 -12.32 13.17 8.98
C CYS A 76 -12.90 13.14 7.56
N HIS A 77 -12.99 14.28 6.90
CA HIS A 77 -13.52 14.33 5.51
C HIS A 77 -12.33 14.34 4.56
N TYR A 78 -12.02 13.20 3.98
CA TYR A 78 -10.84 13.10 3.06
C TYR A 78 -11.26 12.62 1.67
N LYS A 79 -10.39 12.83 0.70
CA LYS A 79 -10.67 12.38 -0.70
C LYS A 79 -9.50 11.53 -1.19
N LEU A 80 -9.70 10.70 -2.19
CA LEU A 80 -8.59 9.83 -2.68
C LEU A 80 -8.19 10.20 -4.11
N LYS A 81 -7.10 9.63 -4.57
CA LYS A 81 -6.60 9.91 -5.96
C LYS A 81 -5.98 8.63 -6.53
N LYS A 82 -6.38 8.25 -7.73
CA LYS A 82 -5.83 7.01 -8.37
C LYS A 82 -4.72 7.37 -9.36
N SER A 83 -3.68 6.58 -9.40
CA SER A 83 -2.54 6.83 -10.34
C SER A 83 -1.75 5.53 -10.53
N SER A 84 -1.46 5.18 -11.77
CA SER A 84 -0.69 3.93 -12.07
C SER A 84 0.80 4.26 -12.10
N ASN A 85 1.55 3.74 -11.13
CA ASN A 85 3.03 3.99 -11.08
C ASN A 85 3.74 2.74 -10.56
N THR A 86 5.06 2.76 -10.59
CA THR A 86 5.85 1.59 -10.09
C THR A 86 5.97 1.69 -8.57
N ILE A 87 6.31 0.61 -7.91
CA ILE A 87 6.44 0.63 -6.42
C ILE A 87 7.69 -0.10 -5.93
N CYS A 88 8.46 0.56 -5.10
CA CYS A 88 9.70 -0.04 -4.53
C CYS A 88 9.38 -0.52 -3.12
N ILE A 89 9.30 -1.82 -2.92
CA ILE A 89 8.95 -2.38 -1.58
C ILE A 89 10.16 -3.05 -0.93
N THR A 90 10.01 -3.46 0.32
CA THR A 90 11.09 -4.16 1.05
C THR A 90 10.67 -5.60 1.29
N CYS A 91 11.26 -6.52 0.56
CA CYS A 91 10.89 -7.97 0.70
C CYS A 91 11.52 -8.55 1.96
N GLU A 92 10.86 -9.53 2.55
CA GLU A 92 11.39 -10.17 3.80
C GLU A 92 10.67 -11.50 4.04
N ASN A 93 11.41 -12.58 4.05
CA ASN A 93 10.82 -13.94 4.29
C ASN A 93 9.75 -14.27 3.23
N LYS A 94 10.11 -14.21 1.97
CA LYS A 94 9.16 -14.53 0.86
C LYS A 94 7.93 -13.62 0.87
N LEU A 95 7.97 -12.52 1.61
CA LEU A 95 6.79 -11.58 1.65
C LEU A 95 7.26 -10.15 1.94
N PRO A 96 6.63 -9.15 1.31
CA PRO A 96 6.99 -7.74 1.53
C PRO A 96 6.28 -7.21 2.78
N VAL A 97 6.88 -6.24 3.44
CA VAL A 97 6.23 -5.68 4.69
C VAL A 97 6.49 -4.17 4.81
N HIS A 98 6.95 -3.51 3.76
CA HIS A 98 7.21 -2.04 3.83
C HIS A 98 7.27 -1.42 2.43
N PHE A 99 7.09 -0.12 2.37
CA PHE A 99 7.14 0.61 1.07
C PHE A 99 8.29 1.61 1.13
N VAL A 100 9.33 1.38 0.35
CA VAL A 100 10.53 2.27 0.36
C VAL A 100 10.31 3.47 -0.57
N ALA A 101 9.71 3.24 -1.72
CA ALA A 101 9.48 4.36 -2.69
C ALA A 101 8.42 3.96 -3.72
N VAL A 102 8.21 4.78 -4.71
CA VAL A 102 7.19 4.47 -5.77
C VAL A 102 7.87 4.35 -7.14
N GLU A 103 8.11 5.47 -7.80
CA GLU A 103 8.76 5.46 -9.15
C GLU A 103 10.05 4.63 -9.13
N GLU A 104 10.97 4.93 -8.23
CA GLU A 104 12.25 4.16 -8.17
C GLU A 104 12.87 4.29 -6.77
N CYS A 105 13.87 3.46 -6.49
CA CYS A 105 14.56 3.49 -5.16
C CYS A 105 16.00 4.02 -5.35
N PRO A 106 16.60 4.52 -4.28
CA PRO A 106 17.98 5.05 -4.33
C PRO A 106 19.00 3.91 -4.27
#